data_8TR2
#
_entry.id   8TR2
#
loop_
_entity.id
_entity.type
_entity.pdbx_description
1 polymer 'Metabotropic glutamate receptor 3'
2 non-polymer '(1S,4R,5R,6S)-4-amino-2-oxabicyclo[3.1.0]hexane-4,6-dicarboxylic acid'
3 non-polymer 'CALCIUM ION'
#
_entity_poly.entity_id   1
_entity_poly.type   'polypeptide(L)'
_entity_poly.pdbx_seq_one_letter_code
;MKMLTRLQILMLALFSKGFLLSLGDHNFMRREIKIEGDLVLGGLFPINEKGTGTEECGRINEDRGIQRLEAMLFAIDEIN
KDNYLLPGVKLGVHILDTCSRDTYALEQSLEFVRASLTKVDEAEYMCPDGSYAIQENIPLLIAGVIGGSYSSVSIQVANL
LRLFQIPQISYASTSAKLSDKSRYDYFARTVPPDFYQAKAMAEILRFFNWTYVSTVASEGDYGETGIEAFEQEARLRNIC
IATAEKVGRSNIRKSYDSVIRELLQKPNARVVVLFMRSDDSRELIAAANRVNASFTWVASDGWGAQESIVKGSEHVAYGA
ITLELASHPVRQFDRYFQSLNPYNNHRNPWFRDFWEQKFQCSLQNKRNHRQVCDKHLAIDSSNYEQESKIMFVVNAVYAM
AHALHKMQRTLCPNTTKLCDAMKILDGKKLYKEYLLKINFTAPFNPNKGADSIVKFDTFGDGMGRYNVFNLQQTGGKYSY
LKVGHWAETLSLDVDSIHWSRNSVPTSQCSDPCAPNEMKNMQPGDVCCWICIPCEPYEYLVDEFTCMDCGPGQWPTADLS
GCYNLPEDYIKWEDAWAIGPVTIACLGFLCTCIVITVFIKHNNTPLVKASGRELCYILLFGVSLSYCMTFFFIAKPSPVI
CALRRLGLGTSFAICYSALLTKTNCIARIFDGVKNGAQRPKFISPSSQVFICLGLILVQIVMVSVWLILETPGTRRYTLP
EKRETVILKCNVKDSSMLISLTYDVVLVILCTVYAFKTRKCPENFNEAKFIGFTMYTTCIIWLAFLPIFYVTSSDYRVQT
TTMCISVSLSGFVVLGCLFAPKVHIVLFQPQKNVVTHRLHLNRFSVSGTATTYSQSSASTYVPTVCNGREVLDSTTSSLA
GLVPRGSAAAKSAWSHPQFEKGGGSGGGSGGGSWSHPQFEK
;
_entity_poly.pdbx_strand_id   A,B
#
loop_
_chem_comp.id
_chem_comp.type
_chem_comp.name
_chem_comp.formula
CA non-polymer 'CALCIUM ION' 'Ca 2'
JIX non-polymer '(1S,4R,5R,6S)-4-amino-2-oxabicyclo[3.1.0]hexane-4,6-dicarboxylic acid' 'C7 H9 N O5'
#
# COMPACT_ATOMS: atom_id res chain seq x y z
N ARG A 30 -33.35 26.98 38.34
CA ARG A 30 -33.93 27.32 39.63
C ARG A 30 -34.63 26.12 40.26
N ARG A 31 -34.69 25.02 39.51
CA ARG A 31 -35.30 23.78 39.98
C ARG A 31 -34.23 22.88 40.56
N GLU A 32 -34.46 22.39 41.78
CA GLU A 32 -33.44 21.67 42.51
C GLU A 32 -34.08 20.89 43.64
N ILE A 33 -33.25 20.11 44.33
CA ILE A 33 -33.64 19.41 45.55
C ILE A 33 -32.74 19.91 46.67
N LYS A 34 -33.35 20.34 47.77
CA LYS A 34 -32.60 20.91 48.89
C LYS A 34 -33.18 20.37 50.19
N ILE A 35 -32.43 19.47 50.83
CA ILE A 35 -32.76 18.95 52.15
C ILE A 35 -31.62 19.31 53.08
N GLU A 36 -31.91 20.13 54.08
CA GLU A 36 -30.86 20.64 54.96
C GLU A 36 -30.39 19.56 55.92
N GLY A 37 -29.23 19.82 56.52
CA GLY A 37 -28.64 18.88 57.46
C GLY A 37 -27.36 19.45 58.03
N ASP A 38 -26.75 18.68 58.93
CA ASP A 38 -25.50 19.11 59.56
C ASP A 38 -24.39 19.25 58.52
N LEU A 39 -24.31 18.33 57.58
CA LEU A 39 -23.37 18.40 56.47
C LEU A 39 -24.13 18.15 55.17
N VAL A 40 -23.80 18.92 54.14
CA VAL A 40 -24.53 18.92 52.88
C VAL A 40 -23.65 18.35 51.78
N LEU A 41 -24.23 17.49 50.95
CA LEU A 41 -23.56 16.92 49.79
C LEU A 41 -24.18 17.50 48.52
N GLY A 42 -23.36 17.61 47.49
CA GLY A 42 -23.79 18.14 46.19
C GLY A 42 -23.75 17.03 45.14
N GLY A 43 -24.72 17.06 44.24
CA GLY A 43 -24.81 16.08 43.19
C GLY A 43 -24.98 16.72 41.83
N LEU A 44 -24.66 15.94 40.79
CA LEU A 44 -24.80 16.37 39.40
C LEU A 44 -25.24 15.17 38.58
N PHE A 45 -26.45 15.23 38.04
CA PHE A 45 -27.03 14.13 37.27
C PHE A 45 -27.58 14.65 35.96
N PRO A 46 -27.45 13.89 34.87
CA PRO A 46 -28.07 14.26 33.58
C PRO A 46 -29.54 13.85 33.53
N ILE A 47 -30.36 14.55 34.32
CA ILE A 47 -31.77 14.17 34.45
C ILE A 47 -32.51 14.44 33.15
N ASN A 48 -32.19 15.54 32.47
CA ASN A 48 -32.87 15.94 31.24
C ASN A 48 -31.92 15.77 30.06
N GLU A 49 -32.41 15.12 29.01
CA GLU A 49 -31.60 14.91 27.83
C GLU A 49 -31.35 16.23 27.10
N LYS A 50 -30.26 16.27 26.33
CA LYS A 50 -29.85 17.50 25.68
C LYS A 50 -30.91 17.98 24.69
N GLY A 51 -31.03 19.30 24.58
CA GLY A 51 -32.05 19.88 23.73
C GLY A 51 -31.77 19.68 22.25
N THR A 52 -32.84 19.78 21.46
CA THR A 52 -32.73 19.59 20.02
C THR A 52 -32.05 20.79 19.36
N GLY A 53 -32.64 21.97 19.49
CA GLY A 53 -32.10 23.15 18.88
C GLY A 53 -31.72 24.23 19.87
N THR A 54 -32.40 25.38 19.81
CA THR A 54 -32.10 26.48 20.72
C THR A 54 -32.56 26.21 22.14
N GLU A 55 -33.47 25.26 22.34
CA GLU A 55 -33.89 24.89 23.69
C GLU A 55 -32.72 24.24 24.43
N GLU A 56 -32.67 24.49 25.74
CA GLU A 56 -31.53 24.07 26.54
C GLU A 56 -31.43 22.55 26.62
N CYS A 57 -32.43 21.90 27.19
CA CYS A 57 -32.45 20.45 27.30
C CYS A 57 -33.86 19.94 27.05
N GLY A 58 -33.95 18.78 26.41
CA GLY A 58 -35.22 18.24 25.94
C GLY A 58 -35.96 17.34 26.90
N ARG A 59 -36.19 16.10 26.48
CA ARG A 59 -37.04 15.18 27.23
C ARG A 59 -36.30 14.64 28.45
N ILE A 60 -36.90 13.66 29.12
CA ILE A 60 -36.40 13.16 30.40
C ILE A 60 -35.57 11.92 30.15
N ASN A 61 -34.36 11.90 30.71
CA ASN A 61 -33.55 10.69 30.70
C ASN A 61 -34.12 9.69 31.71
N GLU A 62 -34.53 8.53 31.22
CA GLU A 62 -35.33 7.61 32.02
C GLU A 62 -34.48 6.62 32.81
N ASP A 63 -33.35 6.17 32.27
CA ASP A 63 -32.53 5.16 32.93
C ASP A 63 -31.27 5.77 33.54
N ARG A 64 -30.47 6.47 32.74
CA ARG A 64 -29.29 7.14 33.25
C ARG A 64 -29.62 8.50 33.86
N GLY A 65 -30.90 8.78 34.05
CA GLY A 65 -31.39 10.02 34.62
C GLY A 65 -32.00 9.83 35.99
N ILE A 66 -33.33 9.70 36.02
CA ILE A 66 -34.07 9.63 37.27
C ILE A 66 -33.58 8.48 38.13
N GLN A 67 -33.30 7.33 37.53
CA GLN A 67 -32.91 6.14 38.30
C GLN A 67 -31.63 6.40 39.10
N ARG A 68 -30.63 7.01 38.46
CA ARG A 68 -29.39 7.32 39.18
C ARG A 68 -29.62 8.39 40.24
N LEU A 69 -30.56 9.31 39.99
CA LEU A 69 -30.89 10.32 40.98
C LEU A 69 -31.50 9.69 42.22
N GLU A 70 -32.43 8.75 42.03
CA GLU A 70 -33.07 8.11 43.17
C GLU A 70 -32.12 7.17 43.91
N ALA A 71 -31.05 6.71 43.26
CA ALA A 71 -30.06 5.88 43.95
C ALA A 71 -29.35 6.68 45.03
N MET A 72 -28.96 7.92 44.73
CA MET A 72 -28.30 8.75 45.73
C MET A 72 -29.26 9.14 46.85
N LEU A 73 -30.53 9.35 46.53
CA LEU A 73 -31.52 9.62 47.56
C LEU A 73 -31.84 8.39 48.36
N PHE A 74 -31.66 7.20 47.78
CA PHE A 74 -31.85 5.97 48.53
C PHE A 74 -30.71 5.72 49.50
N ALA A 75 -29.48 5.98 49.08
CA ALA A 75 -28.33 5.79 49.97
C ALA A 75 -28.37 6.76 51.15
N ILE A 76 -28.74 8.02 50.89
CA ILE A 76 -28.77 9.02 51.96
C ILE A 76 -29.76 8.62 53.04
N ASP A 77 -30.90 8.05 52.64
CA ASP A 77 -31.87 7.58 53.63
C ASP A 77 -31.29 6.46 54.49
N GLU A 78 -30.54 5.54 53.87
CA GLU A 78 -29.96 4.44 54.63
C GLU A 78 -28.88 4.92 55.59
N ILE A 79 -28.05 5.88 55.15
CA ILE A 79 -26.96 6.37 55.99
C ILE A 79 -27.52 7.04 57.25
N ASN A 80 -28.56 7.86 57.09
CA ASN A 80 -29.17 8.49 58.25
C ASN A 80 -29.81 7.47 59.19
N LYS A 81 -30.21 6.31 58.65
CA LYS A 81 -30.72 5.22 59.48
C LYS A 81 -29.62 4.42 60.14
N ASP A 82 -28.38 4.57 59.70
CA ASP A 82 -27.28 3.78 60.23
C ASP A 82 -26.92 4.25 61.65
N ASN A 83 -26.22 3.39 62.38
CA ASN A 83 -25.75 3.69 63.72
C ASN A 83 -24.24 3.68 63.85
N TYR A 84 -23.53 2.90 63.03
CA TYR A 84 -22.08 2.87 63.04
C TYR A 84 -21.46 3.78 61.99
N LEU A 85 -22.27 4.46 61.20
CA LEU A 85 -21.79 5.37 60.15
C LEU A 85 -22.43 6.74 60.37
N LEU A 86 -21.70 7.63 61.03
CA LEU A 86 -22.13 8.99 61.33
C LEU A 86 -23.48 8.98 62.04
N PRO A 87 -23.55 8.53 63.29
CA PRO A 87 -24.84 8.47 63.98
C PRO A 87 -25.27 9.79 64.59
N GLY A 88 -24.34 10.71 64.86
CA GLY A 88 -24.69 11.97 65.48
C GLY A 88 -25.05 13.05 64.48
N VAL A 89 -24.27 13.14 63.40
CA VAL A 89 -24.53 14.15 62.38
C VAL A 89 -25.63 13.65 61.43
N LYS A 90 -26.21 14.60 60.70
CA LYS A 90 -27.20 14.30 59.68
C LYS A 90 -26.70 14.81 58.33
N LEU A 91 -26.93 14.02 57.29
CA LEU A 91 -26.43 14.32 55.95
C LEU A 91 -27.53 15.03 55.15
N GLY A 92 -27.16 16.16 54.54
CA GLY A 92 -28.04 16.88 53.66
C GLY A 92 -27.58 16.79 52.22
N VAL A 93 -28.46 17.19 51.31
CA VAL A 93 -28.19 17.09 49.89
C VAL A 93 -28.51 18.42 49.21
N HIS A 94 -27.86 18.63 48.06
CA HIS A 94 -28.14 19.76 47.18
C HIS A 94 -27.88 19.26 45.75
N ILE A 95 -28.93 18.79 45.11
CA ILE A 95 -28.82 18.08 43.83
C ILE A 95 -29.30 19.01 42.72
N LEU A 96 -28.50 19.11 41.67
CA LEU A 96 -28.82 19.92 40.51
C LEU A 96 -28.88 19.03 39.27
N ASP A 97 -29.15 19.65 38.12
CA ASP A 97 -29.27 18.94 36.86
C ASP A 97 -28.36 19.61 35.83
N THR A 98 -27.67 18.78 35.03
CA THR A 98 -26.69 19.27 34.07
C THR A 98 -27.22 19.33 32.64
N CYS A 99 -28.34 18.68 32.35
CA CYS A 99 -28.91 18.63 31.00
C CYS A 99 -27.87 18.16 29.96
N SER A 100 -26.93 17.32 30.41
CA SER A 100 -25.94 16.68 29.53
C SER A 100 -25.13 17.71 28.75
N ARG A 101 -24.81 18.83 29.40
CA ARG A 101 -24.02 19.89 28.76
C ARG A 101 -23.04 20.47 29.77
N ASP A 102 -21.77 20.59 29.35
CA ASP A 102 -20.76 21.15 30.23
C ASP A 102 -21.03 22.62 30.54
N THR A 103 -21.45 23.38 29.53
CA THR A 103 -21.76 24.80 29.75
C THR A 103 -22.91 24.97 30.73
N TYR A 104 -23.96 24.15 30.59
CA TYR A 104 -25.05 24.19 31.55
C TYR A 104 -24.61 23.69 32.92
N ALA A 105 -23.62 22.78 32.95
CA ALA A 105 -23.16 22.25 34.23
C ALA A 105 -22.36 23.28 35.01
N LEU A 106 -21.57 24.10 34.32
CA LEU A 106 -20.78 25.12 34.99
C LEU A 106 -21.68 26.19 35.62
N GLU A 107 -22.76 26.55 34.93
CA GLU A 107 -23.69 27.55 35.48
C GLU A 107 -24.34 27.04 36.76
N GLN A 108 -24.79 25.78 36.77
CA GLN A 108 -25.40 25.21 37.96
C GLN A 108 -24.39 25.08 39.09
N SER A 109 -23.16 24.67 38.78
CA SER A 109 -22.15 24.42 39.80
C SER A 109 -21.70 25.68 40.54
N LEU A 110 -22.21 26.86 40.17
CA LEU A 110 -21.85 28.07 40.89
C LEU A 110 -22.52 28.14 42.26
N GLU A 111 -23.61 27.40 42.46
CA GLU A 111 -24.27 27.39 43.77
C GLU A 111 -23.39 26.73 44.83
N PHE A 112 -22.52 25.82 44.43
CA PHE A 112 -21.65 25.13 45.38
C PHE A 112 -20.46 25.97 45.81
N VAL A 113 -20.20 27.10 45.15
CA VAL A 113 -19.06 27.95 45.48
C VAL A 113 -19.46 29.37 45.83
N ARG A 114 -20.74 29.74 45.68
CA ARG A 114 -21.15 31.11 45.95
C ARG A 114 -20.94 31.49 47.42
N ALA A 115 -21.29 30.58 48.34
CA ALA A 115 -21.14 30.88 49.76
C ALA A 115 -19.69 31.05 50.15
N SER A 116 -18.81 30.18 49.65
CA SER A 116 -17.40 30.22 50.03
C SER A 116 -16.65 31.38 49.40
N LEU A 117 -17.10 31.86 48.23
CA LEU A 117 -16.35 32.89 47.52
C LEU A 117 -16.32 34.20 48.31
N THR A 118 -17.46 34.63 48.83
CA THR A 118 -17.56 35.85 49.61
C THR A 118 -17.82 35.50 51.07
N LYS A 119 -16.93 35.94 51.96
CA LYS A 119 -17.03 35.61 53.37
C LYS A 119 -16.78 36.79 54.31
N VAL A 120 -16.23 37.90 53.82
CA VAL A 120 -15.90 39.05 54.65
C VAL A 120 -17.00 40.09 54.53
N ASP A 121 -17.49 40.57 55.67
CA ASP A 121 -18.55 41.58 55.69
C ASP A 121 -18.26 42.65 56.74
N PRO A 139 -24.70 30.33 55.66
CA PRO A 139 -24.41 29.92 54.28
C PRO A 139 -24.10 28.43 54.16
N LEU A 140 -24.60 27.81 53.10
CA LEU A 140 -24.40 26.38 52.88
C LEU A 140 -23.00 26.12 52.36
N LEU A 141 -22.21 25.37 53.12
CA LEU A 141 -20.88 24.95 52.71
C LEU A 141 -20.93 23.49 52.29
N ILE A 142 -20.65 23.23 51.01
CA ILE A 142 -20.74 21.88 50.48
C ILE A 142 -19.49 21.11 50.87
N ALA A 143 -19.69 19.94 51.49
CA ALA A 143 -18.55 19.12 51.90
C ALA A 143 -17.90 18.43 50.71
N GLY A 144 -18.71 17.94 49.77
CA GLY A 144 -18.19 17.28 48.59
C GLY A 144 -19.26 17.19 47.53
N VAL A 145 -18.81 16.84 46.33
CA VAL A 145 -19.69 16.78 45.16
C VAL A 145 -19.61 15.38 44.57
N ILE A 146 -20.77 14.76 44.36
CA ILE A 146 -20.85 13.52 43.60
C ILE A 146 -20.83 13.91 42.12
N GLY A 147 -19.75 13.54 41.43
CA GLY A 147 -19.47 14.08 40.13
C GLY A 147 -20.49 13.70 39.07
N GLY A 148 -20.30 14.29 37.89
CA GLY A 148 -21.21 14.07 36.79
C GLY A 148 -20.96 12.76 36.08
N SER A 149 -21.84 12.46 35.12
CA SER A 149 -21.74 11.23 34.34
C SER A 149 -20.83 11.38 33.14
N TYR A 150 -21.09 12.37 32.29
CA TYR A 150 -20.29 12.57 31.09
C TYR A 150 -18.90 13.09 31.45
N SER A 151 -17.91 12.64 30.68
CA SER A 151 -16.53 12.98 30.99
C SER A 151 -16.26 14.47 30.83
N SER A 152 -16.83 15.09 29.79
CA SER A 152 -16.62 16.52 29.58
C SER A 152 -17.20 17.34 30.72
N VAL A 153 -18.34 16.90 31.27
CA VAL A 153 -18.94 17.59 32.41
C VAL A 153 -18.04 17.48 33.64
N SER A 154 -17.51 16.27 33.89
CA SER A 154 -16.66 16.07 35.05
C SER A 154 -15.38 16.90 34.97
N ILE A 155 -14.78 16.95 33.78
CA ILE A 155 -13.56 17.74 33.59
C ILE A 155 -13.85 19.22 33.82
N GLN A 156 -14.96 19.71 33.29
CA GLN A 156 -15.28 21.14 33.41
C GLN A 156 -15.48 21.53 34.86
N VAL A 157 -16.20 20.72 35.63
CA VAL A 157 -16.47 21.06 37.03
C VAL A 157 -15.20 20.90 37.86
N ALA A 158 -14.40 19.87 37.58
CA ALA A 158 -13.19 19.63 38.37
C ALA A 158 -12.21 20.79 38.23
N ASN A 159 -12.27 21.52 37.12
CA ASN A 159 -11.41 22.70 36.97
C ASN A 159 -11.81 23.80 37.93
N LEU A 160 -13.11 23.95 38.21
CA LEU A 160 -13.58 25.03 39.06
C LEU A 160 -13.48 24.68 40.54
N LEU A 161 -13.88 23.46 40.91
CA LEU A 161 -13.90 23.08 42.32
C LEU A 161 -12.50 23.02 42.92
N ARG A 162 -11.48 22.76 42.10
CA ARG A 162 -10.12 22.67 42.63
C ARG A 162 -9.61 23.99 43.16
N LEU A 163 -10.23 25.11 42.79
CA LEU A 163 -9.87 26.41 43.33
C LEU A 163 -10.41 26.64 44.74
N PHE A 164 -11.35 25.80 45.19
CA PHE A 164 -11.95 25.93 46.51
C PHE A 164 -11.64 24.74 47.41
N GLN A 165 -10.86 23.77 46.94
CA GLN A 165 -10.50 22.58 47.71
C GLN A 165 -11.75 21.81 48.15
N ILE A 166 -12.54 21.40 47.16
CA ILE A 166 -13.75 20.63 47.41
C ILE A 166 -13.61 19.27 46.73
N PRO A 167 -13.55 18.17 47.49
CA PRO A 167 -13.36 16.86 46.88
C PRO A 167 -14.53 16.44 46.01
N GLN A 168 -14.23 15.67 44.98
CA GLN A 168 -15.25 15.19 44.03
C GLN A 168 -14.99 13.73 43.69
N ILE A 169 -16.02 12.91 43.80
CA ILE A 169 -16.00 11.52 43.32
C ILE A 169 -17.06 11.41 42.22
N SER A 170 -16.65 10.87 41.07
CA SER A 170 -17.52 10.80 39.91
C SER A 170 -17.73 9.35 39.51
N TYR A 171 -18.97 8.88 39.59
CA TYR A 171 -19.38 7.62 39.01
C TYR A 171 -19.43 7.73 37.48
N ALA A 172 -19.21 6.61 36.82
CA ALA A 172 -19.56 6.44 35.41
C ALA A 172 -18.72 7.28 34.46
N SER A 173 -17.79 8.09 34.97
CA SER A 173 -16.92 8.89 34.11
C SER A 173 -15.58 8.20 33.93
N THR A 174 -15.34 7.62 32.75
CA THR A 174 -14.15 6.82 32.47
C THR A 174 -13.37 7.49 31.35
N SER A 175 -12.41 8.34 31.72
CA SER A 175 -11.51 8.98 30.78
C SER A 175 -10.07 8.84 31.27
N ALA A 176 -9.14 8.69 30.32
CA ALA A 176 -7.75 8.48 30.69
C ALA A 176 -7.07 9.77 31.16
N LYS A 177 -7.51 10.93 30.65
CA LYS A 177 -6.87 12.19 30.97
C LYS A 177 -7.27 12.73 32.34
N LEU A 178 -8.24 12.10 33.01
CA LEU A 178 -8.63 12.53 34.35
C LEU A 178 -7.73 11.96 35.44
N SER A 179 -6.76 11.10 35.09
CA SER A 179 -5.84 10.53 36.05
C SER A 179 -4.59 11.38 36.26
N ASP A 180 -4.43 12.46 35.50
CA ASP A 180 -3.26 13.33 35.64
C ASP A 180 -3.40 14.18 36.90
N LYS A 181 -2.93 13.67 38.03
CA LYS A 181 -3.13 14.31 39.31
C LYS A 181 -2.42 15.65 39.45
N SER A 182 -1.49 15.97 38.53
CA SER A 182 -0.84 17.27 38.58
C SER A 182 -1.83 18.40 38.30
N ARG A 183 -2.91 18.10 37.58
CA ARG A 183 -3.96 19.06 37.28
C ARG A 183 -5.22 18.83 38.12
N TYR A 184 -5.77 17.61 38.07
CA TYR A 184 -6.97 17.26 38.83
C TYR A 184 -6.52 16.63 40.14
N ASP A 185 -6.13 17.48 41.08
CA ASP A 185 -5.60 17.05 42.37
C ASP A 185 -6.69 16.87 43.42
N TYR A 186 -7.96 17.03 43.05
CA TYR A 186 -9.07 16.85 43.97
C TYR A 186 -10.15 15.96 43.35
N PHE A 187 -9.75 15.03 42.50
CA PHE A 187 -10.68 14.18 41.76
C PHE A 187 -10.45 12.71 42.09
N ALA A 188 -11.54 11.95 42.14
CA ALA A 188 -11.49 10.52 42.37
C ALA A 188 -12.70 9.89 41.70
N ARG A 189 -12.63 8.59 41.46
CA ARG A 189 -13.75 7.90 40.85
C ARG A 189 -13.82 6.47 41.35
N THR A 190 -14.99 5.84 41.14
CA THR A 190 -15.21 4.45 41.47
C THR A 190 -15.30 3.59 40.22
N VAL A 191 -14.77 4.07 39.10
CA VAL A 191 -14.83 3.34 37.83
C VAL A 191 -13.44 3.30 37.22
N PRO A 192 -13.10 2.25 36.47
CA PRO A 192 -11.76 2.18 35.89
C PRO A 192 -11.61 3.19 34.76
N PRO A 193 -10.38 3.62 34.47
CA PRO A 193 -10.18 4.53 33.33
C PRO A 193 -10.45 3.86 31.99
N ASP A 194 -10.34 4.63 30.90
CA ASP A 194 -10.51 4.09 29.56
C ASP A 194 -9.24 3.46 29.02
N PHE A 195 -8.13 3.53 29.76
CA PHE A 195 -6.91 2.87 29.34
C PHE A 195 -7.09 1.36 29.29
N TYR A 196 -7.99 0.82 30.13
CA TYR A 196 -8.26 -0.61 30.15
C TYR A 196 -9.37 -1.03 29.20
N GLN A 197 -10.21 -0.09 28.76
CA GLN A 197 -11.25 -0.44 27.80
C GLN A 197 -10.67 -0.61 26.40
N ALA A 198 -9.64 0.17 26.07
CA ALA A 198 -8.99 0.03 24.77
C ALA A 198 -8.31 -1.34 24.64
N LYS A 199 -7.69 -1.81 25.74
CA LYS A 199 -7.07 -3.13 25.73
C LYS A 199 -8.10 -4.22 25.49
N ALA A 200 -9.23 -4.16 26.19
CA ALA A 200 -10.22 -5.24 26.14
C ALA A 200 -10.87 -5.39 24.77
N MET A 201 -10.83 -4.35 23.94
CA MET A 201 -11.37 -4.46 22.58
C MET A 201 -10.30 -4.72 21.54
N ALA A 202 -9.07 -4.29 21.77
CA ALA A 202 -7.97 -4.66 20.89
C ALA A 202 -7.59 -6.13 21.04
N GLU A 203 -8.11 -6.82 22.05
CA GLU A 203 -7.88 -8.24 22.23
C GLU A 203 -9.01 -9.11 21.72
N ILE A 204 -10.23 -8.57 21.63
CA ILE A 204 -11.29 -9.27 20.92
C ILE A 204 -11.01 -9.25 19.42
N LEU A 205 -10.48 -8.12 18.93
CA LEU A 205 -10.09 -8.02 17.53
C LEU A 205 -8.85 -8.83 17.21
N ARG A 206 -8.16 -9.36 18.22
CA ARG A 206 -7.04 -10.26 17.99
C ARG A 206 -7.39 -11.73 18.23
N PHE A 207 -8.37 -12.01 19.08
CA PHE A 207 -8.85 -13.38 19.22
C PHE A 207 -9.41 -13.89 17.91
N PHE A 208 -10.48 -13.25 17.43
CA PHE A 208 -10.84 -13.39 16.02
C PHE A 208 -9.85 -12.61 15.17
N ASN A 209 -9.51 -13.17 14.01
CA ASN A 209 -8.43 -12.58 13.21
C ASN A 209 -8.94 -11.40 12.40
N TRP A 210 -9.54 -10.42 13.08
CA TRP A 210 -9.99 -9.18 12.46
C TRP A 210 -8.82 -8.20 12.46
N THR A 211 -8.24 -7.95 11.28
CA THR A 211 -7.08 -7.08 11.17
C THR A 211 -7.34 -5.82 10.37
N TYR A 212 -8.42 -5.77 9.59
CA TYR A 212 -8.79 -4.59 8.81
C TYR A 212 -10.12 -4.09 9.36
N VAL A 213 -10.08 -2.99 10.13
CA VAL A 213 -11.24 -2.47 10.80
C VAL A 213 -11.37 -0.98 10.48
N SER A 214 -12.55 -0.44 10.79
CA SER A 214 -12.83 0.98 10.64
C SER A 214 -13.40 1.51 11.96
N THR A 215 -12.94 2.68 12.36
CA THR A 215 -13.29 3.24 13.66
C THR A 215 -14.14 4.49 13.50
N VAL A 216 -15.14 4.63 14.38
CA VAL A 216 -15.97 5.82 14.47
C VAL A 216 -15.94 6.29 15.91
N ALA A 217 -15.64 7.57 16.12
CA ALA A 217 -15.51 8.12 17.46
C ALA A 217 -16.34 9.39 17.59
N SER A 218 -16.78 9.66 18.81
CA SER A 218 -17.53 10.87 19.10
C SER A 218 -16.59 12.05 19.31
N GLU A 219 -17.14 13.17 19.77
CA GLU A 219 -16.36 14.36 20.07
C GLU A 219 -16.60 14.78 21.51
N GLY A 220 -15.56 15.29 22.16
CA GLY A 220 -15.61 15.59 23.58
C GLY A 220 -14.31 15.19 24.23
N ASP A 221 -14.39 14.46 25.34
CA ASP A 221 -13.19 13.86 25.93
C ASP A 221 -13.26 12.36 26.03
N TYR A 222 -14.46 11.79 26.21
CA TYR A 222 -14.61 10.35 26.15
C TYR A 222 -14.34 9.82 24.75
N GLY A 223 -14.55 10.65 23.72
CA GLY A 223 -14.41 10.22 22.35
C GLY A 223 -12.99 10.15 21.82
N GLU A 224 -12.34 11.30 21.61
CA GLU A 224 -11.03 11.29 20.98
C GLU A 224 -10.00 10.58 21.85
N THR A 225 -10.01 10.84 23.15
CA THR A 225 -9.05 10.20 24.04
C THR A 225 -9.27 8.70 24.13
N GLY A 226 -10.52 8.25 23.98
CA GLY A 226 -10.78 6.82 23.94
C GLY A 226 -10.23 6.15 22.70
N ILE A 227 -10.35 6.82 21.55
CA ILE A 227 -9.87 6.25 20.30
C ILE A 227 -8.38 6.47 20.10
N GLU A 228 -7.79 7.48 20.75
CA GLU A 228 -6.34 7.65 20.66
C GLU A 228 -5.60 6.55 21.39
N ALA A 229 -6.16 6.04 22.47
CA ALA A 229 -5.54 4.92 23.18
C ALA A 229 -5.72 3.61 22.43
N PHE A 230 -6.84 3.45 21.72
CA PHE A 230 -7.11 2.20 21.01
C PHE A 230 -6.11 1.98 19.87
N GLU A 231 -5.80 3.04 19.10
CA GLU A 231 -4.91 2.88 17.96
C GLU A 231 -3.49 2.52 18.39
N GLN A 232 -3.07 2.89 19.61
CA GLN A 232 -1.78 2.45 20.11
C GLN A 232 -1.79 0.98 20.48
N GLU A 233 -2.91 0.48 21.02
CA GLU A 233 -3.03 -0.94 21.32
C GLU A 233 -3.27 -1.78 20.07
N ALA A 234 -3.69 -1.15 18.97
CA ALA A 234 -3.84 -1.87 17.71
C ALA A 234 -2.50 -2.07 17.02
N ARG A 235 -1.59 -1.11 17.14
CA ARG A 235 -0.29 -1.24 16.50
C ARG A 235 0.52 -2.38 17.09
N LEU A 236 0.44 -2.57 18.42
CA LEU A 236 1.20 -3.63 19.07
C LEU A 236 0.75 -5.02 18.63
N ARG A 237 -0.42 -5.13 18.00
CA ARG A 237 -0.93 -6.41 17.52
C ARG A 237 -1.11 -6.42 16.01
N ASN A 238 -0.42 -5.54 15.30
CA ASN A 238 -0.37 -5.53 13.83
C ASN A 238 -1.74 -5.34 13.20
N ILE A 239 -2.62 -4.62 13.89
CA ILE A 239 -3.97 -4.36 13.38
C ILE A 239 -3.97 -3.05 12.62
N CYS A 240 -4.62 -3.03 11.46
CA CYS A 240 -4.66 -1.87 10.59
C CYS A 240 -6.04 -1.21 10.67
N ILE A 241 -6.07 0.09 10.39
CA ILE A 241 -7.29 0.89 10.45
C ILE A 241 -7.63 1.32 9.04
N ALA A 242 -8.80 0.91 8.56
CA ALA A 242 -9.24 1.30 7.22
C ALA A 242 -9.54 2.79 7.15
N THR A 243 -10.49 3.25 7.96
CA THR A 243 -10.84 4.67 8.02
C THR A 243 -11.22 5.02 9.45
N ALA A 244 -11.07 6.31 9.77
CA ALA A 244 -11.38 6.83 11.10
C ALA A 244 -12.19 8.11 10.94
N GLU A 245 -13.44 8.07 11.37
CA GLU A 245 -14.35 9.20 11.25
C GLU A 245 -14.66 9.78 12.63
N LYS A 246 -15.38 10.89 12.62
CA LYS A 246 -15.83 11.55 13.83
C LYS A 246 -17.27 12.02 13.65
N VAL A 247 -17.98 12.15 14.77
CA VAL A 247 -19.34 12.67 14.79
C VAL A 247 -19.39 13.78 15.84
N GLY A 248 -20.55 14.43 15.92
CA GLY A 248 -20.71 15.51 16.89
C GLY A 248 -21.91 16.37 16.54
N ARG A 249 -21.80 17.65 16.90
CA ARG A 249 -22.89 18.59 16.69
C ARG A 249 -22.46 19.92 16.11
N SER A 250 -21.18 20.13 15.82
CA SER A 250 -20.72 21.44 15.38
C SER A 250 -19.42 21.31 14.60
N ASN A 251 -19.42 21.81 13.36
CA ASN A 251 -18.21 21.99 12.56
C ASN A 251 -17.51 20.66 12.25
N ILE A 252 -18.28 19.57 12.17
CA ILE A 252 -17.71 18.29 11.76
C ILE A 252 -18.28 17.80 10.43
N ARG A 253 -19.51 18.19 10.07
CA ARG A 253 -20.08 17.98 8.74
C ARG A 253 -20.17 16.51 8.36
N LYS A 254 -21.01 15.78 9.09
CA LYS A 254 -21.44 14.43 8.71
C LYS A 254 -22.91 14.36 8.35
N SER A 255 -23.79 14.84 9.24
CA SER A 255 -25.22 14.56 9.21
C SER A 255 -25.52 13.07 9.37
N TYR A 256 -24.55 12.32 9.88
CA TYR A 256 -24.64 10.88 10.13
C TYR A 256 -24.87 10.06 8.87
N ASP A 257 -24.81 10.67 7.70
CA ASP A 257 -24.93 9.96 6.44
C ASP A 257 -23.65 9.94 5.62
N SER A 258 -22.81 10.96 5.76
CA SER A 258 -21.50 10.93 5.13
C SER A 258 -20.63 9.83 5.73
N VAL A 259 -20.70 9.65 7.05
CA VAL A 259 -19.92 8.60 7.71
C VAL A 259 -20.39 7.23 7.24
N ILE A 260 -21.71 7.03 7.12
CA ILE A 260 -22.23 5.74 6.69
C ILE A 260 -21.73 5.40 5.29
N ARG A 261 -21.76 6.37 4.38
CA ARG A 261 -21.23 6.15 3.04
C ARG A 261 -19.72 5.93 3.09
N GLU A 262 -19.01 6.69 3.91
CA GLU A 262 -17.56 6.52 4.04
C GLU A 262 -17.21 5.15 4.61
N LEU A 263 -18.09 4.58 5.44
CA LEU A 263 -17.86 3.22 5.94
C LEU A 263 -18.14 2.18 4.85
N LEU A 264 -18.99 2.53 3.88
CA LEU A 264 -19.31 1.61 2.78
C LEU A 264 -18.31 1.67 1.64
N GLN A 265 -17.38 2.63 1.65
CA GLN A 265 -16.39 2.73 0.59
C GLN A 265 -15.25 1.75 0.75
N LYS A 266 -15.19 1.02 1.88
CA LYS A 266 -14.16 0.02 2.14
C LYS A 266 -14.86 -1.27 2.54
N PRO A 267 -15.43 -2.00 1.56
CA PRO A 267 -16.16 -3.22 1.90
C PRO A 267 -15.32 -4.33 2.50
N ASN A 268 -13.99 -4.25 2.38
CA ASN A 268 -13.11 -5.25 2.99
C ASN A 268 -13.10 -5.16 4.51
N ALA A 269 -13.63 -4.08 5.09
CA ALA A 269 -13.69 -3.90 6.55
C ALA A 269 -15.14 -4.07 6.97
N ARG A 270 -15.48 -5.28 7.43
CA ARG A 270 -16.85 -5.60 7.81
C ARG A 270 -17.12 -5.39 9.29
N VAL A 271 -16.15 -4.89 10.05
CA VAL A 271 -16.30 -4.68 11.49
C VAL A 271 -15.98 -3.23 11.80
N VAL A 272 -16.83 -2.60 12.62
CA VAL A 272 -16.70 -1.20 12.98
C VAL A 272 -16.53 -1.10 14.48
N VAL A 273 -15.55 -0.32 14.93
CA VAL A 273 -15.27 -0.11 16.35
C VAL A 273 -15.80 1.25 16.73
N LEU A 274 -16.62 1.29 17.78
CA LEU A 274 -17.36 2.50 18.17
C LEU A 274 -16.87 3.00 19.52
N PHE A 275 -16.49 4.27 19.57
CA PHE A 275 -16.25 5.02 20.80
C PHE A 275 -17.15 6.24 20.76
N MET A 276 -18.40 6.08 21.18
CA MET A 276 -19.39 7.13 21.05
C MET A 276 -20.30 7.15 22.26
N ARG A 277 -20.94 8.30 22.48
CA ARG A 277 -21.87 8.48 23.58
C ARG A 277 -23.21 7.81 23.27
N SER A 278 -24.15 7.92 24.20
CA SER A 278 -25.45 7.30 24.01
C SER A 278 -26.29 8.07 23.00
N ASP A 279 -26.07 9.37 22.86
CA ASP A 279 -26.84 10.16 21.91
C ASP A 279 -26.46 9.81 20.47
N ASP A 280 -25.17 9.73 20.18
CA ASP A 280 -24.72 9.44 18.82
C ASP A 280 -24.91 7.99 18.43
N SER A 281 -25.03 7.08 19.41
CA SER A 281 -25.21 5.68 19.08
C SER A 281 -26.61 5.41 18.53
N ARG A 282 -27.60 6.15 19.01
CA ARG A 282 -28.96 6.00 18.47
C ARG A 282 -29.07 6.56 17.07
N GLU A 283 -28.40 7.68 16.80
CA GLU A 283 -28.50 8.31 15.48
C GLU A 283 -27.83 7.47 14.40
N LEU A 284 -26.60 7.02 14.66
CA LEU A 284 -25.86 6.27 13.64
C LEU A 284 -26.55 4.97 13.29
N ILE A 285 -27.17 4.31 14.28
CA ILE A 285 -27.93 3.10 13.99
C ILE A 285 -29.15 3.43 13.15
N ALA A 286 -29.82 4.54 13.45
CA ALA A 286 -30.96 4.97 12.65
C ALA A 286 -30.52 5.35 11.24
N ALA A 287 -29.34 5.97 11.12
CA ALA A 287 -28.83 6.34 9.80
C ALA A 287 -28.53 5.11 8.95
N ALA A 288 -27.98 4.05 9.57
CA ALA A 288 -27.71 2.83 8.82
C ALA A 288 -28.99 2.10 8.45
N ASN A 289 -30.06 2.30 9.23
CA ASN A 289 -31.33 1.62 8.93
C ASN A 289 -31.95 2.16 7.65
N ARG A 290 -31.84 3.47 7.41
CA ARG A 290 -32.43 4.06 6.21
C ARG A 290 -31.74 3.54 4.95
N VAL A 291 -30.41 3.56 4.92
CA VAL A 291 -29.67 3.06 3.78
C VAL A 291 -29.67 1.54 3.73
N ASN A 292 -30.20 0.88 4.77
CA ASN A 292 -30.30 -0.58 4.84
C ASN A 292 -28.93 -1.24 4.76
N ALA A 293 -27.93 -0.63 5.41
CA ALA A 293 -26.61 -1.22 5.49
C ALA A 293 -26.57 -2.25 6.62
N SER A 294 -25.43 -2.92 6.76
CA SER A 294 -25.28 -3.92 7.82
C SER A 294 -23.80 -4.20 8.04
N PHE A 295 -23.35 -4.03 9.27
CA PHE A 295 -22.00 -4.43 9.68
C PHE A 295 -22.10 -5.27 10.94
N THR A 296 -20.97 -5.59 11.55
CA THR A 296 -20.93 -6.08 12.92
C THR A 296 -20.34 -4.99 13.80
N TRP A 297 -21.03 -4.70 14.90
CA TRP A 297 -20.71 -3.55 15.74
C TRP A 297 -19.93 -3.99 16.96
N VAL A 298 -18.80 -3.34 17.22
CA VAL A 298 -18.00 -3.54 18.43
C VAL A 298 -17.99 -2.20 19.14
N ALA A 299 -18.76 -2.08 20.22
CA ALA A 299 -19.02 -0.81 20.87
C ALA A 299 -18.49 -0.84 22.30
N SER A 300 -18.07 0.33 22.78
CA SER A 300 -17.61 0.50 24.14
C SER A 300 -18.80 0.66 25.09
N ASP A 301 -18.54 1.07 26.32
CA ASP A 301 -19.60 1.15 27.33
C ASP A 301 -20.55 2.32 27.10
N GLY A 302 -20.24 3.24 26.19
CA GLY A 302 -21.19 4.28 25.85
C GLY A 302 -22.48 3.71 25.29
N TRP A 303 -22.35 2.77 24.36
CA TRP A 303 -23.50 1.98 23.94
C TRP A 303 -23.99 1.11 25.10
N GLY A 304 -23.07 0.39 25.75
CA GLY A 304 -23.42 -0.39 26.92
C GLY A 304 -24.31 -1.57 26.56
N ALA A 305 -25.35 -1.76 27.36
CA ALA A 305 -26.32 -2.84 27.17
C ALA A 305 -27.74 -2.30 27.29
N GLN A 306 -27.97 -1.13 26.70
CA GLN A 306 -29.29 -0.51 26.75
C GLN A 306 -30.18 -1.08 25.67
N GLU A 307 -31.46 -1.26 26.00
CA GLU A 307 -32.47 -1.72 25.05
C GLU A 307 -33.20 -0.57 24.39
N SER A 308 -32.78 0.67 24.65
CA SER A 308 -33.41 1.85 24.07
C SER A 308 -32.66 2.42 22.87
N ILE A 309 -31.36 2.13 22.75
CA ILE A 309 -30.59 2.64 21.63
C ILE A 309 -31.07 2.00 20.32
N VAL A 310 -31.45 0.72 20.38
CA VAL A 310 -31.78 -0.03 19.18
C VAL A 310 -33.29 -0.14 18.99
N LYS A 311 -34.07 0.77 19.59
CA LYS A 311 -35.51 0.73 19.45
C LYS A 311 -35.92 1.15 18.04
N GLY A 312 -36.71 0.31 17.38
CA GLY A 312 -37.20 0.59 16.05
C GLY A 312 -36.25 0.29 14.92
N SER A 313 -35.00 -0.06 15.21
CA SER A 313 -34.00 -0.38 14.20
C SER A 313 -33.19 -1.58 14.65
N GLU A 314 -33.88 -2.63 15.10
CA GLU A 314 -33.21 -3.78 15.70
C GLU A 314 -32.38 -4.54 14.68
N HIS A 315 -32.94 -4.79 13.49
CA HIS A 315 -32.29 -5.68 12.53
C HIS A 315 -30.98 -5.13 11.98
N VAL A 316 -30.69 -3.84 12.19
CA VAL A 316 -29.39 -3.32 11.81
C VAL A 316 -28.36 -3.49 12.92
N ALA A 317 -28.79 -3.77 14.15
CA ALA A 317 -27.90 -3.96 15.29
C ALA A 317 -27.90 -5.39 15.79
N TYR A 318 -28.55 -6.30 15.09
CA TYR A 318 -28.54 -7.71 15.49
C TYR A 318 -27.13 -8.27 15.43
N GLY A 319 -26.78 -9.07 16.43
CA GLY A 319 -25.46 -9.68 16.47
C GLY A 319 -24.35 -8.74 16.89
N ALA A 320 -24.66 -7.65 17.57
CA ALA A 320 -23.64 -6.71 17.99
C ALA A 320 -22.84 -7.26 19.17
N ILE A 321 -21.67 -6.67 19.40
CA ILE A 321 -20.81 -7.02 20.52
C ILE A 321 -20.46 -5.74 21.25
N THR A 322 -20.83 -5.67 22.53
CA THR A 322 -20.65 -4.46 23.33
C THR A 322 -20.00 -4.79 24.66
N LEU A 323 -19.29 -3.81 25.21
CA LEU A 323 -18.68 -3.91 26.53
C LEU A 323 -19.51 -3.16 27.56
N GLU A 324 -19.37 -3.58 28.81
CA GLU A 324 -20.04 -2.93 29.92
C GLU A 324 -19.27 -3.25 31.20
N LEU A 325 -19.22 -2.26 32.10
CA LEU A 325 -18.49 -2.43 33.35
C LEU A 325 -19.14 -3.53 34.19
N ALA A 326 -18.29 -4.27 34.92
CA ALA A 326 -18.78 -5.34 35.75
C ALA A 326 -19.54 -4.78 36.95
N SER A 327 -20.73 -5.33 37.19
CA SER A 327 -21.57 -4.83 38.26
C SER A 327 -22.53 -5.93 38.69
N HIS A 328 -23.14 -5.74 39.86
CA HIS A 328 -24.13 -6.66 40.40
C HIS A 328 -25.32 -5.84 40.86
N PRO A 329 -26.54 -6.23 40.49
CA PRO A 329 -27.71 -5.42 40.86
C PRO A 329 -27.87 -5.33 42.37
N VAL A 330 -28.30 -4.15 42.83
CA VAL A 330 -28.56 -3.91 44.25
C VAL A 330 -30.02 -4.29 44.51
N ARG A 331 -30.21 -5.39 45.24
CA ARG A 331 -31.56 -5.92 45.43
C ARG A 331 -32.43 -4.98 46.27
N GLN A 332 -31.85 -4.29 47.25
CA GLN A 332 -32.64 -3.40 48.08
C GLN A 332 -33.20 -2.23 47.30
N PHE A 333 -32.50 -1.78 46.26
CA PHE A 333 -32.96 -0.64 45.47
C PHE A 333 -34.25 -0.95 44.72
N ASP A 334 -34.41 -2.19 44.22
CA ASP A 334 -35.57 -2.52 43.42
C ASP A 334 -36.87 -2.36 44.21
N ARG A 335 -36.87 -2.78 45.47
CA ARG A 335 -38.07 -2.62 46.29
C ARG A 335 -38.35 -1.15 46.56
N TYR A 336 -37.32 -0.31 46.64
CA TYR A 336 -37.52 1.12 46.86
C TYR A 336 -38.14 1.79 45.65
N PHE A 337 -37.61 1.51 44.46
CA PHE A 337 -38.11 2.16 43.24
C PHE A 337 -39.55 1.77 42.95
N GLN A 338 -39.88 0.48 43.08
CA GLN A 338 -41.20 0.00 42.71
C GLN A 338 -42.31 0.50 43.63
N SER A 339 -41.97 1.09 44.77
CA SER A 339 -42.98 1.64 45.67
C SER A 339 -43.25 3.11 45.43
N LEU A 340 -42.63 3.71 44.43
CA LEU A 340 -42.78 5.14 44.17
C LEU A 340 -43.97 5.41 43.27
N ASN A 341 -44.60 6.57 43.48
CA ASN A 341 -45.71 7.04 42.68
C ASN A 341 -45.79 8.55 42.82
N PRO A 342 -46.42 9.25 41.87
CA PRO A 342 -46.42 10.71 41.89
C PRO A 342 -47.14 11.33 43.08
N TYR A 343 -47.67 10.52 44.01
CA TYR A 343 -48.36 11.06 45.17
C TYR A 343 -47.43 11.16 46.39
N ASN A 344 -46.80 10.05 46.78
CA ASN A 344 -45.94 10.05 47.95
C ASN A 344 -44.54 10.58 47.67
N ASN A 345 -44.15 10.71 46.41
CA ASN A 345 -42.81 11.19 46.06
C ASN A 345 -42.83 12.72 45.84
N HIS A 346 -43.23 13.42 46.90
CA HIS A 346 -43.33 14.88 46.82
C HIS A 346 -41.96 15.54 46.66
N ARG A 347 -40.95 15.01 47.34
CA ARG A 347 -39.64 15.66 47.39
C ARG A 347 -38.91 15.67 46.05
N ASN A 348 -39.38 14.91 45.06
CA ASN A 348 -38.72 14.87 43.77
C ASN A 348 -39.45 15.79 42.80
N PRO A 349 -38.84 16.89 42.35
CA PRO A 349 -39.56 17.78 41.42
C PRO A 349 -39.71 17.22 40.02
N TRP A 350 -38.66 16.58 39.49
CA TRP A 350 -38.71 16.07 38.13
C TRP A 350 -39.54 14.79 38.00
N PHE A 351 -40.09 14.27 39.09
CA PHE A 351 -40.77 12.98 39.04
C PHE A 351 -42.02 13.03 38.17
N ARG A 352 -42.80 14.12 38.25
CA ARG A 352 -44.04 14.19 37.49
C ARG A 352 -43.80 14.13 35.99
N ASP A 353 -42.77 14.82 35.50
CA ASP A 353 -42.42 14.72 34.09
C ASP A 353 -42.01 13.30 33.72
N PHE A 354 -41.28 12.63 34.62
CA PHE A 354 -40.88 11.25 34.36
C PHE A 354 -42.08 10.32 34.28
N TRP A 355 -43.06 10.51 35.16
CA TRP A 355 -44.20 9.59 35.24
C TRP A 355 -45.03 9.63 33.95
N GLU A 356 -45.36 10.83 33.46
CA GLU A 356 -46.17 10.95 32.26
C GLU A 356 -45.44 10.40 31.04
N GLN A 357 -44.15 10.70 30.91
CA GLN A 357 -43.39 10.25 29.75
C GLN A 357 -43.28 8.73 29.70
N LYS A 358 -43.23 8.07 30.85
CA LYS A 358 -43.09 6.62 30.88
C LYS A 358 -44.39 5.91 30.56
N PHE A 359 -45.54 6.52 30.82
CA PHE A 359 -46.83 5.87 30.67
C PHE A 359 -47.72 6.53 29.62
N GLN A 360 -47.26 7.61 28.98
CA GLN A 360 -48.04 8.34 27.97
C GLN A 360 -49.38 8.78 28.53
N CYS A 361 -49.38 9.20 29.80
CA CYS A 361 -50.57 9.71 30.46
C CYS A 361 -50.35 11.20 30.78
N SER A 362 -51.33 11.79 31.47
CA SER A 362 -51.25 13.19 31.84
C SER A 362 -51.99 13.39 33.16
N LEU A 363 -51.55 14.40 33.91
CA LEU A 363 -52.16 14.70 35.20
C LEU A 363 -52.69 16.13 35.22
N ASN A 368 -53.00 10.93 24.84
CA ASN A 368 -53.17 12.09 25.71
C ASN A 368 -54.27 11.83 26.73
N HIS A 369 -54.44 10.56 27.10
CA HIS A 369 -55.45 10.19 28.08
C HIS A 369 -55.03 10.67 29.47
N ARG A 370 -55.97 11.28 30.18
CA ARG A 370 -55.70 11.79 31.52
C ARG A 370 -55.77 10.67 32.56
N CYS A 373 -55.55 6.19 34.89
CA CYS A 373 -54.22 6.68 35.29
C CYS A 373 -54.10 6.72 36.81
N ASP A 374 -55.23 6.77 37.50
CA ASP A 374 -55.22 6.79 38.97
C ASP A 374 -54.91 5.41 39.53
N LYS A 375 -55.73 4.42 39.19
CA LYS A 375 -55.50 3.03 39.59
C LYS A 375 -54.41 2.36 38.77
N HIS A 376 -53.70 3.12 37.93
CA HIS A 376 -52.60 2.58 37.15
C HIS A 376 -51.54 1.99 38.08
N LEU A 377 -51.08 0.78 37.74
CA LEU A 377 -50.05 0.13 38.54
C LEU A 377 -48.77 0.95 38.54
N ALA A 378 -48.09 0.95 39.68
CA ALA A 378 -46.83 1.66 39.83
C ALA A 378 -45.72 0.88 39.10
N ILE A 379 -44.48 1.36 39.23
CA ILE A 379 -43.36 0.68 38.60
C ILE A 379 -43.24 -0.73 39.14
N ASP A 380 -43.10 -1.69 38.23
CA ASP A 380 -42.99 -3.10 38.61
C ASP A 380 -42.12 -3.81 37.58
N SER A 381 -41.97 -5.13 37.77
CA SER A 381 -41.04 -5.91 36.95
C SER A 381 -41.49 -6.02 35.51
N SER A 382 -42.76 -5.73 35.20
CA SER A 382 -43.24 -5.86 33.83
C SER A 382 -42.69 -4.78 32.91
N ASN A 383 -42.25 -3.64 33.45
CA ASN A 383 -41.77 -2.56 32.61
C ASN A 383 -40.52 -1.89 33.17
N TYR A 384 -39.82 -2.52 34.10
CA TYR A 384 -38.67 -1.90 34.75
C TYR A 384 -37.51 -2.88 34.83
N GLU A 385 -36.30 -2.37 34.64
CA GLU A 385 -35.07 -3.14 34.79
C GLU A 385 -33.98 -2.22 35.31
N GLN A 386 -33.28 -2.66 36.35
CA GLN A 386 -32.29 -1.81 37.00
C GLN A 386 -31.13 -1.50 36.06
N GLU A 387 -30.67 -0.25 36.09
CA GLU A 387 -29.54 0.16 35.28
C GLU A 387 -28.26 -0.49 35.79
N SER A 388 -27.24 -0.53 34.92
CA SER A 388 -26.00 -1.21 35.26
C SER A 388 -25.23 -0.46 36.34
N LYS A 389 -25.06 0.86 36.18
CA LYS A 389 -24.23 1.64 37.08
C LYS A 389 -25.02 2.25 38.22
N ILE A 390 -25.73 1.41 38.97
CA ILE A 390 -26.41 1.86 40.19
C ILE A 390 -25.51 1.52 41.37
N MET A 391 -24.78 0.41 41.26
CA MET A 391 -23.85 0.03 42.31
C MET A 391 -22.73 1.04 42.46
N PHE A 392 -22.26 1.62 41.34
CA PHE A 392 -21.19 2.61 41.41
C PHE A 392 -21.69 3.91 42.03
N VAL A 393 -22.96 4.24 41.84
CA VAL A 393 -23.51 5.46 42.43
C VAL A 393 -23.60 5.34 43.95
N VAL A 394 -24.10 4.19 44.42
CA VAL A 394 -24.24 3.97 45.86
C VAL A 394 -22.87 3.96 46.52
N ASN A 395 -21.89 3.33 45.86
CA ASN A 395 -20.54 3.25 46.42
C ASN A 395 -19.92 4.64 46.58
N ALA A 396 -20.16 5.53 45.63
CA ALA A 396 -19.56 6.86 45.70
C ALA A 396 -20.07 7.65 46.90
N VAL A 397 -21.38 7.55 47.18
CA VAL A 397 -21.95 8.27 48.32
C VAL A 397 -21.37 7.76 49.63
N TYR A 398 -21.25 6.44 49.76
CA TYR A 398 -20.66 5.86 50.96
C TYR A 398 -19.19 6.26 51.11
N ALA A 399 -18.51 6.55 50.00
CA ALA A 399 -17.12 6.98 50.08
C ALA A 399 -16.99 8.28 50.85
N MET A 400 -17.89 9.24 50.61
CA MET A 400 -17.95 10.43 51.45
C MET A 400 -18.32 10.09 52.89
N ALA A 401 -19.21 9.11 53.08
CA ALA A 401 -19.70 8.82 54.41
C ALA A 401 -18.61 8.24 55.31
N HIS A 402 -17.80 7.33 54.76
CA HIS A 402 -16.74 6.73 55.57
C HIS A 402 -15.56 7.69 55.74
N ALA A 403 -15.25 8.48 54.71
CA ALA A 403 -14.17 9.45 54.84
C ALA A 403 -14.49 10.52 55.87
N LEU A 404 -15.73 11.02 55.87
CA LEU A 404 -16.13 11.99 56.88
C LEU A 404 -16.19 11.37 58.27
N HIS A 405 -16.60 10.10 58.34
CA HIS A 405 -16.72 9.44 59.64
C HIS A 405 -15.36 9.31 60.31
N LYS A 406 -14.33 8.97 59.56
CA LYS A 406 -12.99 8.89 60.12
C LYS A 406 -12.48 10.25 60.57
N MET A 407 -12.88 11.32 59.88
CA MET A 407 -12.55 12.67 60.34
C MET A 407 -13.16 12.95 61.71
N GLN A 408 -14.42 12.55 61.90
CA GLN A 408 -15.11 12.84 63.16
C GLN A 408 -14.53 12.02 64.31
N ARG A 409 -14.13 10.78 64.03
CA ARG A 409 -13.53 9.95 65.07
C ARG A 409 -12.22 10.53 65.56
N THR A 410 -11.40 11.06 64.65
CA THR A 410 -10.08 11.57 65.04
C THR A 410 -10.19 12.97 65.64
N LEU A 411 -10.88 13.88 64.96
CA LEU A 411 -10.91 15.27 65.40
C LEU A 411 -11.76 15.49 66.64
N CYS A 412 -12.82 14.70 66.81
CA CYS A 412 -13.74 14.84 67.94
C CYS A 412 -13.95 13.48 68.58
N PRO A 413 -12.92 12.92 69.23
CA PRO A 413 -13.07 11.59 69.85
C PRO A 413 -14.03 11.56 71.02
N ASN A 414 -14.26 12.69 71.69
CA ASN A 414 -15.09 12.69 72.89
C ASN A 414 -16.57 12.58 72.56
N THR A 415 -17.01 13.23 71.49
CA THR A 415 -18.43 13.34 71.17
C THR A 415 -18.72 12.83 69.78
N THR A 416 -19.96 12.35 69.59
CA THR A 416 -20.44 11.90 68.29
C THR A 416 -21.03 13.03 67.46
N LYS A 417 -21.20 14.21 68.03
CA LYS A 417 -21.73 15.35 67.30
C LYS A 417 -20.58 16.10 66.61
N LEU A 418 -20.89 17.25 66.02
CA LEU A 418 -19.90 18.05 65.33
C LEU A 418 -19.19 18.96 66.34
N CYS A 419 -17.95 18.63 66.65
CA CYS A 419 -17.16 19.45 67.54
C CYS A 419 -16.68 20.70 66.82
N ASP A 420 -16.17 21.67 67.60
CA ASP A 420 -15.80 22.96 67.03
C ASP A 420 -14.65 22.86 66.04
N ALA A 421 -13.89 21.76 66.05
CA ALA A 421 -12.84 21.57 65.04
C ALA A 421 -13.43 21.36 63.65
N MET A 422 -14.70 20.99 63.56
CA MET A 422 -15.38 20.80 62.28
C MET A 422 -16.07 22.04 61.77
N LYS A 423 -15.96 23.17 62.48
CA LYS A 423 -16.61 24.39 62.01
C LYS A 423 -16.00 24.88 60.71
N ILE A 424 -14.74 24.54 60.44
CA ILE A 424 -14.06 24.88 59.19
C ILE A 424 -13.49 23.57 58.64
N LEU A 425 -14.13 23.03 57.62
CA LEU A 425 -13.63 21.81 56.98
C LEU A 425 -12.35 22.10 56.21
N ASP A 426 -11.40 21.18 56.30
CA ASP A 426 -10.14 21.27 55.57
C ASP A 426 -10.24 20.37 54.34
N GLY A 427 -10.41 20.98 53.18
CA GLY A 427 -10.57 20.20 51.96
C GLY A 427 -9.36 19.36 51.63
N LYS A 428 -8.16 19.94 51.78
CA LYS A 428 -6.93 19.19 51.46
C LYS A 428 -6.75 18.02 52.40
N LYS A 429 -7.01 18.21 53.70
CA LYS A 429 -6.87 17.12 54.65
C LYS A 429 -7.89 16.01 54.41
N LEU A 430 -9.12 16.39 54.09
CA LEU A 430 -10.18 15.39 53.89
C LEU A 430 -9.91 14.54 52.65
N TYR A 431 -9.30 15.13 51.62
CA TYR A 431 -9.01 14.39 50.39
C TYR A 431 -7.73 13.58 50.51
N LYS A 432 -6.59 14.25 50.76
CA LYS A 432 -5.31 13.59 50.65
C LYS A 432 -5.08 12.58 51.76
N GLU A 433 -5.60 12.84 52.96
CA GLU A 433 -5.31 11.98 54.08
C GLU A 433 -6.38 10.91 54.32
N TYR A 434 -7.66 11.29 54.22
CA TYR A 434 -8.75 10.41 54.61
C TYR A 434 -9.44 9.73 53.43
N LEU A 435 -9.89 10.52 52.45
CA LEU A 435 -10.69 9.97 51.36
C LEU A 435 -9.89 9.00 50.50
N LEU A 436 -8.64 9.36 50.18
CA LEU A 436 -7.87 8.58 49.21
C LEU A 436 -7.35 7.27 49.78
N LYS A 437 -7.55 6.98 51.07
CA LYS A 437 -7.01 5.78 51.69
C LYS A 437 -8.09 4.98 52.39
N ILE A 438 -9.35 5.11 51.97
CA ILE A 438 -10.43 4.37 52.62
C ILE A 438 -10.40 2.92 52.17
N ASN A 439 -11.06 2.06 52.96
CA ASN A 439 -11.14 0.63 52.66
C ASN A 439 -12.31 0.05 53.43
N PHE A 440 -13.31 -0.45 52.73
CA PHE A 440 -14.49 -1.02 53.38
C PHE A 440 -15.18 -1.97 52.40
N THR A 441 -16.08 -2.78 52.94
CA THR A 441 -16.87 -3.72 52.14
C THR A 441 -18.09 -3.01 51.55
N ALA A 442 -18.44 -3.38 50.33
CA ALA A 442 -19.53 -2.73 49.63
C ALA A 442 -20.87 -3.06 50.29
N PRO A 443 -21.64 -2.06 50.70
CA PRO A 443 -22.94 -2.35 51.32
C PRO A 443 -23.95 -2.82 50.30
N PHE A 444 -24.92 -3.60 50.79
CA PHE A 444 -26.03 -4.19 50.03
C PHE A 444 -25.56 -5.22 49.01
N ASN A 445 -24.26 -5.47 48.91
CA ASN A 445 -23.72 -6.46 47.99
C ASN A 445 -23.15 -7.63 48.78
N PRO A 446 -23.77 -8.80 48.77
CA PRO A 446 -23.17 -9.95 49.45
C PRO A 446 -21.82 -10.30 48.86
N ASN A 447 -20.93 -10.81 49.71
CA ASN A 447 -19.55 -11.06 49.32
C ASN A 447 -19.47 -11.87 48.04
N LYS A 448 -18.90 -11.27 46.99
CA LYS A 448 -18.80 -11.88 45.68
C LYS A 448 -17.36 -11.96 45.18
N GLY A 449 -16.39 -11.80 46.08
CA GLY A 449 -14.99 -11.92 45.74
C GLY A 449 -14.23 -10.62 45.98
N ALA A 450 -13.23 -10.35 45.14
CA ALA A 450 -12.37 -9.19 45.28
C ALA A 450 -13.06 -7.89 44.87
N ASP A 451 -14.25 -7.96 44.28
CA ASP A 451 -14.97 -6.76 43.87
C ASP A 451 -15.91 -6.24 44.95
N SER A 452 -15.89 -6.85 46.14
CA SER A 452 -16.74 -6.42 47.24
C SER A 452 -16.08 -5.38 48.14
N ILE A 453 -14.87 -4.94 47.80
CA ILE A 453 -14.16 -3.93 48.56
C ILE A 453 -14.12 -2.64 47.74
N VAL A 454 -14.52 -1.54 48.35
CA VAL A 454 -14.47 -0.22 47.72
C VAL A 454 -13.15 0.42 48.14
N LYS A 455 -12.29 0.69 47.18
CA LYS A 455 -10.97 1.25 47.47
C LYS A 455 -10.45 1.95 46.23
N PHE A 456 -9.74 3.06 46.45
CA PHE A 456 -9.05 3.76 45.39
C PHE A 456 -7.60 3.30 45.32
N ASP A 457 -6.89 3.78 44.31
CA ASP A 457 -5.48 3.49 44.17
C ASP A 457 -4.70 4.79 44.07
N THR A 458 -3.41 4.71 43.70
CA THR A 458 -2.54 5.89 43.72
C THR A 458 -3.12 7.05 42.93
N PHE A 459 -3.82 6.76 41.84
CA PHE A 459 -4.41 7.80 41.01
C PHE A 459 -5.85 8.13 41.41
N GLY A 460 -6.43 7.40 42.36
CA GLY A 460 -7.81 7.61 42.72
C GLY A 460 -8.76 7.06 41.66
N ASP A 461 -8.55 5.82 41.26
CA ASP A 461 -9.34 5.20 40.21
C ASP A 461 -9.92 3.87 40.69
N GLY A 462 -10.51 3.10 39.78
CA GLY A 462 -11.09 1.82 40.14
C GLY A 462 -10.40 0.63 39.49
N MET A 463 -11.04 -0.53 39.55
CA MET A 463 -10.46 -1.76 39.02
C MET A 463 -11.00 -2.03 37.62
N GLY A 464 -10.10 -2.42 36.71
CA GLY A 464 -10.43 -2.63 35.32
C GLY A 464 -11.02 -3.98 34.99
N ARG A 465 -12.29 -4.20 35.34
CA ARG A 465 -13.02 -5.41 34.98
C ARG A 465 -14.20 -5.05 34.08
N TYR A 466 -14.40 -5.83 33.03
CA TYR A 466 -15.44 -5.59 32.05
C TYR A 466 -16.23 -6.86 31.77
N ASN A 467 -17.34 -6.70 31.06
CA ASN A 467 -18.14 -7.79 30.54
C ASN A 467 -18.26 -7.66 29.03
N VAL A 468 -18.72 -8.74 28.40
CA VAL A 468 -18.93 -8.78 26.95
C VAL A 468 -20.35 -9.24 26.71
N PHE A 469 -21.12 -8.44 25.96
CA PHE A 469 -22.52 -8.73 25.69
C PHE A 469 -22.72 -8.95 24.20
N ASN A 470 -23.88 -9.49 23.86
CA ASN A 470 -24.22 -9.80 22.47
C ASN A 470 -25.73 -9.71 22.31
N LEU A 471 -26.16 -9.10 21.22
CA LEU A 471 -27.58 -8.86 20.98
C LEU A 471 -28.17 -10.01 20.16
N GLN A 472 -29.22 -10.63 20.68
CA GLN A 472 -29.79 -11.81 20.06
C GLN A 472 -31.30 -11.68 19.88
N GLN A 473 -31.95 -12.77 19.48
CA GLN A 473 -33.38 -12.77 19.26
C GLN A 473 -33.93 -14.15 19.63
N THR A 474 -35.12 -14.17 20.23
CA THR A 474 -35.76 -15.41 20.62
C THR A 474 -37.11 -15.56 19.92
N GLY A 476 -39.44 -13.15 18.20
CA GLY A 476 -39.17 -11.85 17.62
C GLY A 476 -38.62 -10.85 18.62
N LYS A 477 -38.73 -11.19 19.91
CA LYS A 477 -38.22 -10.32 20.95
C LYS A 477 -36.70 -10.27 20.92
N TYR A 478 -36.15 -9.12 21.33
CA TYR A 478 -34.72 -8.90 21.34
C TYR A 478 -34.23 -8.72 22.78
N SER A 479 -33.00 -9.18 23.03
CA SER A 479 -32.41 -9.08 24.36
C SER A 479 -30.91 -9.28 24.25
N TYR A 480 -30.20 -8.86 25.28
CA TYR A 480 -28.76 -9.04 25.37
C TYR A 480 -28.44 -10.33 26.13
N LEU A 481 -27.16 -10.73 26.05
CA LEU A 481 -26.71 -11.93 26.74
C LEU A 481 -25.21 -11.85 26.94
N LYS A 482 -24.77 -12.02 28.19
CA LYS A 482 -23.36 -11.91 28.53
C LYS A 482 -22.63 -13.17 28.06
N VAL A 483 -21.62 -12.99 27.20
CA VAL A 483 -20.91 -14.11 26.59
C VAL A 483 -19.41 -13.98 26.78
N GLY A 484 -18.99 -13.18 27.75
CA GLY A 484 -17.56 -13.01 27.93
C GLY A 484 -17.22 -12.31 29.23
N HIS A 485 -15.95 -11.94 29.34
CA HIS A 485 -15.37 -11.31 30.52
C HIS A 485 -13.99 -10.79 30.16
N TRP A 486 -13.47 -9.87 30.97
CA TRP A 486 -12.11 -9.36 30.81
C TRP A 486 -11.62 -8.87 32.17
N ALA A 487 -10.77 -9.66 32.83
CA ALA A 487 -10.06 -9.25 34.03
C ALA A 487 -8.58 -9.53 33.77
N GLU A 488 -7.92 -8.58 33.09
CA GLU A 488 -6.51 -8.64 32.74
C GLU A 488 -6.24 -9.68 31.67
N THR A 489 -7.26 -10.48 31.34
CA THR A 489 -7.15 -11.53 30.34
C THR A 489 -8.52 -11.75 29.72
N LEU A 490 -8.57 -11.75 28.39
CA LEU A 490 -9.84 -11.97 27.69
C LEU A 490 -10.23 -13.44 27.75
N SER A 491 -11.41 -13.71 28.32
CA SER A 491 -11.95 -15.08 28.44
C SER A 491 -13.42 -15.04 28.04
N LEU A 492 -13.68 -15.27 26.75
CA LEU A 492 -15.03 -15.29 26.22
C LEU A 492 -15.42 -16.69 25.77
N ASP A 493 -16.68 -16.83 25.36
CA ASP A 493 -17.26 -18.11 24.96
C ASP A 493 -17.82 -17.96 23.54
N VAL A 494 -17.11 -18.54 22.57
CA VAL A 494 -17.47 -18.35 21.16
C VAL A 494 -18.78 -19.05 20.82
N ASP A 495 -19.07 -20.18 21.46
CA ASP A 495 -20.12 -21.07 20.99
C ASP A 495 -21.49 -20.40 20.99
N SER A 496 -21.79 -19.61 22.03
CA SER A 496 -23.14 -19.08 22.21
C SER A 496 -23.41 -17.82 21.40
N ILE A 497 -22.41 -17.25 20.73
CA ILE A 497 -22.59 -16.00 20.01
C ILE A 497 -23.54 -16.20 18.84
N HIS A 498 -24.45 -15.25 18.65
CA HIS A 498 -25.33 -15.20 17.49
C HIS A 498 -24.78 -14.16 16.52
N TRP A 499 -24.16 -14.62 15.44
CA TRP A 499 -23.47 -13.73 14.53
C TRP A 499 -24.46 -13.02 13.61
N SER A 500 -23.98 -11.96 12.96
CA SER A 500 -24.85 -11.13 12.13
C SER A 500 -25.36 -11.91 10.92
N ARG A 501 -24.48 -12.59 10.20
CA ARG A 501 -24.84 -13.33 8.99
C ARG A 501 -24.55 -14.81 9.15
N ASN A 502 -24.86 -15.35 10.32
CA ASN A 502 -24.79 -16.78 10.63
C ASN A 502 -23.40 -17.37 10.47
N SER A 503 -22.37 -16.54 10.33
CA SER A 503 -21.01 -17.03 10.22
C SER A 503 -20.07 -16.00 10.82
N VAL A 504 -18.89 -16.47 11.23
CA VAL A 504 -17.88 -15.59 11.82
C VAL A 504 -17.40 -14.62 10.76
N PRO A 505 -17.56 -13.31 10.98
CA PRO A 505 -17.13 -12.34 9.96
C PRO A 505 -15.62 -12.31 9.84
N THR A 506 -15.16 -12.00 8.63
CA THR A 506 -13.74 -11.82 8.34
C THR A 506 -13.52 -10.44 7.75
N SER A 507 -12.42 -9.81 8.15
CA SER A 507 -12.08 -8.48 7.64
C SER A 507 -10.56 -8.35 7.64
N GLN A 508 -9.95 -8.56 6.49
CA GLN A 508 -8.53 -8.36 6.28
C GLN A 508 -8.32 -7.64 4.96
N CYS A 509 -7.21 -6.90 4.87
CA CYS A 509 -7.00 -6.02 3.72
C CYS A 509 -6.90 -6.81 2.42
N SER A 510 -6.15 -7.90 2.42
CA SER A 510 -5.89 -8.65 1.20
C SER A 510 -6.05 -10.14 1.46
N ASP A 511 -6.50 -10.85 0.43
CA ASP A 511 -6.72 -12.28 0.52
C ASP A 511 -5.38 -13.02 0.56
N PRO A 512 -5.35 -14.24 1.12
CA PRO A 512 -4.11 -15.02 1.13
C PRO A 512 -3.80 -15.64 -0.22
N ASN A 516 2.14 -21.58 -3.74
CA ASN A 516 2.80 -21.67 -5.03
C ASN A 516 2.92 -20.29 -5.68
N GLU A 517 2.57 -19.25 -4.94
CA GLU A 517 2.64 -17.88 -5.42
C GLU A 517 3.34 -17.01 -4.39
N MET A 518 4.22 -16.13 -4.86
CA MET A 518 4.86 -15.17 -3.98
C MET A 518 3.88 -14.09 -3.56
N LYS A 519 4.11 -13.51 -2.39
CA LYS A 519 3.26 -12.45 -1.85
C LYS A 519 4.16 -11.46 -1.11
N ASN A 520 4.38 -10.30 -1.74
CA ASN A 520 5.25 -9.27 -1.21
C ASN A 520 4.42 -8.09 -0.70
N MET A 521 5.12 -7.06 -0.21
CA MET A 521 4.47 -5.88 0.31
C MET A 521 4.67 -4.69 -0.63
N ASP A 525 3.04 -0.93 6.19
CA ASP A 525 1.85 -1.73 5.90
C ASP A 525 2.13 -3.21 6.21
N VAL A 526 1.30 -3.80 7.07
CA VAL A 526 1.46 -5.19 7.47
C VAL A 526 0.15 -5.94 7.27
N CYS A 527 -0.70 -5.44 6.37
CA CYS A 527 -2.03 -6.02 6.20
C CYS A 527 -2.35 -6.30 4.73
N CYS A 528 -1.74 -5.54 3.82
CA CYS A 528 -2.08 -5.61 2.40
C CYS A 528 -0.88 -6.14 1.63
N TRP A 529 -1.08 -7.25 0.91
CA TRP A 529 -0.06 -7.86 0.08
C TRP A 529 -0.62 -8.07 -1.33
N ILE A 530 0.23 -8.56 -2.23
CA ILE A 530 -0.15 -8.86 -3.60
C ILE A 530 0.27 -10.30 -3.90
N CYS A 531 -0.69 -11.12 -4.29
CA CYS A 531 -0.43 -12.52 -4.60
C CYS A 531 0.08 -12.63 -6.03
N ILE A 532 1.37 -12.87 -6.19
CA ILE A 532 2.02 -12.95 -7.49
C ILE A 532 2.49 -14.38 -7.70
N PRO A 533 2.01 -15.08 -8.73
CA PRO A 533 2.53 -16.42 -9.01
C PRO A 533 3.80 -16.37 -9.81
N CYS A 534 4.64 -17.39 -9.63
CA CYS A 534 5.89 -17.51 -10.36
C CYS A 534 5.94 -18.84 -11.10
N GLU A 535 6.79 -18.88 -12.12
CA GLU A 535 6.82 -19.98 -13.07
C GLU A 535 7.33 -21.26 -12.42
N PRO A 536 6.99 -22.42 -12.99
CA PRO A 536 7.37 -23.70 -12.36
C PRO A 536 8.87 -23.98 -12.31
N TYR A 537 9.73 -23.09 -12.80
CA TYR A 537 11.17 -23.26 -12.65
C TYR A 537 11.73 -22.40 -11.52
N GLU A 538 10.87 -21.83 -10.69
CA GLU A 538 11.29 -21.06 -9.53
C GLU A 538 10.55 -21.56 -8.30
N TYR A 539 11.27 -21.72 -7.19
CA TYR A 539 10.68 -22.19 -5.95
C TYR A 539 10.68 -21.09 -4.90
N LEU A 540 9.67 -21.13 -4.04
CA LEU A 540 9.50 -20.16 -2.96
C LEU A 540 10.61 -20.39 -1.93
N VAL A 541 11.66 -19.56 -1.96
CA VAL A 541 12.69 -19.65 -0.94
C VAL A 541 12.11 -19.36 0.43
N ASP A 542 11.26 -18.33 0.51
CA ASP A 542 10.42 -18.06 1.68
C ASP A 542 9.03 -17.74 1.17
N GLU A 543 8.12 -17.43 2.11
CA GLU A 543 6.76 -17.09 1.72
C GLU A 543 6.70 -15.77 0.94
N PHE A 544 7.74 -14.94 1.05
CA PHE A 544 7.75 -13.62 0.42
C PHE A 544 8.68 -13.52 -0.77
N THR A 545 9.19 -14.65 -1.29
CA THR A 545 10.10 -14.61 -2.42
C THR A 545 10.18 -16.00 -3.06
N CYS A 546 10.11 -16.03 -4.39
CA CYS A 546 10.50 -17.20 -5.19
C CYS A 546 11.45 -16.73 -6.28
N MET A 547 12.62 -17.36 -6.37
CA MET A 547 13.70 -16.78 -7.15
C MET A 547 14.31 -17.71 -8.18
N ASP A 548 14.42 -19.01 -7.91
CA ASP A 548 14.80 -19.99 -8.94
C ASP A 548 14.45 -21.38 -8.42
N CYS A 549 14.94 -22.40 -9.12
CA CYS A 549 14.83 -23.79 -8.68
C CYS A 549 16.00 -24.56 -9.30
N GLY A 550 15.94 -25.89 -9.24
CA GLY A 550 16.99 -26.72 -9.77
C GLY A 550 16.80 -27.04 -11.25
N PRO A 551 17.89 -27.36 -11.94
CA PRO A 551 17.82 -27.58 -13.39
C PRO A 551 16.99 -28.80 -13.77
N GLY A 552 17.30 -29.95 -13.16
CA GLY A 552 16.60 -31.18 -13.45
C GLY A 552 15.43 -31.43 -12.53
N GLN A 553 15.57 -31.03 -11.27
CA GLN A 553 14.53 -31.24 -10.28
C GLN A 553 13.28 -30.45 -10.64
N TRP A 554 12.12 -31.09 -10.54
CA TRP A 554 10.84 -30.46 -10.84
C TRP A 554 10.06 -30.29 -9.55
N PRO A 555 9.97 -29.08 -9.00
CA PRO A 555 9.32 -28.91 -7.69
C PRO A 555 7.84 -29.29 -7.74
N THR A 556 7.35 -29.81 -6.63
CA THR A 556 5.99 -30.33 -6.52
C THR A 556 5.27 -29.69 -5.34
N ALA A 557 3.93 -29.60 -5.47
CA ALA A 557 3.03 -29.08 -4.44
C ALA A 557 3.51 -27.68 -4.05
N ASP A 558 3.68 -27.38 -2.77
CA ASP A 558 4.25 -26.09 -2.37
C ASP A 558 5.73 -26.05 -2.74
N LEU A 559 6.16 -24.96 -3.35
CA LEU A 559 7.53 -24.87 -3.85
C LEU A 559 8.46 -24.24 -2.81
N SER A 560 8.43 -24.78 -1.58
CA SER A 560 9.34 -24.30 -0.55
C SER A 560 10.78 -24.71 -0.85
N GLY A 561 10.96 -25.81 -1.58
CA GLY A 561 12.26 -26.23 -2.05
C GLY A 561 12.16 -26.71 -3.48
N CYS A 562 13.19 -27.41 -3.97
CA CYS A 562 13.19 -27.97 -5.32
C CYS A 562 13.21 -29.49 -5.18
N TYR A 563 12.12 -30.13 -5.59
CA TYR A 563 11.90 -31.55 -5.33
C TYR A 563 11.89 -32.34 -6.64
N ASN A 564 11.61 -33.63 -6.53
CA ASN A 564 11.43 -34.53 -7.67
C ASN A 564 12.64 -34.47 -8.61
N LEU A 565 13.77 -34.95 -8.09
CA LEU A 565 15.04 -35.00 -8.80
C LEU A 565 14.82 -35.56 -10.20
N PRO A 566 14.95 -34.73 -11.24
CA PRO A 566 14.65 -35.17 -12.60
C PRO A 566 15.82 -35.93 -13.19
N GLU A 567 15.61 -37.21 -13.46
CA GLU A 567 16.64 -38.01 -14.14
C GLU A 567 16.90 -37.46 -15.54
N ASP A 568 15.90 -36.79 -16.12
CA ASP A 568 16.06 -36.17 -17.43
C ASP A 568 16.18 -34.66 -17.26
N TYR A 569 17.37 -34.13 -17.53
CA TYR A 569 17.61 -32.69 -17.46
C TYR A 569 18.46 -32.21 -18.64
N ILE A 570 18.30 -32.84 -19.79
CA ILE A 570 19.17 -32.57 -20.93
C ILE A 570 20.52 -33.22 -20.66
N LYS A 571 21.24 -32.71 -19.66
CA LYS A 571 22.47 -33.35 -19.21
C LYS A 571 22.21 -34.73 -18.60
N TRP A 572 20.98 -35.03 -18.23
CA TRP A 572 20.60 -36.34 -17.69
C TRP A 572 19.57 -36.95 -18.62
N GLU A 573 19.60 -38.27 -18.76
CA GLU A 573 18.70 -38.99 -19.66
C GLU A 573 17.54 -39.57 -18.86
N ASP A 574 16.35 -38.99 -19.03
CA ASP A 574 15.16 -39.52 -18.37
C ASP A 574 14.80 -40.90 -18.91
N ALA A 575 14.81 -41.04 -20.23
CA ALA A 575 14.57 -42.32 -20.89
C ALA A 575 13.19 -42.87 -20.53
N TRP A 576 13.06 -44.21 -20.51
CA TRP A 576 11.83 -44.93 -20.21
C TRP A 576 10.86 -45.01 -21.38
N ALA A 577 11.14 -44.32 -22.50
CA ALA A 577 10.26 -44.35 -23.65
C ALA A 577 11.04 -44.74 -24.90
N ILE A 578 12.35 -44.51 -24.88
CA ILE A 578 13.20 -44.92 -26.00
C ILE A 578 13.22 -46.43 -26.14
N GLY A 579 13.07 -47.15 -25.03
CA GLY A 579 12.98 -48.59 -25.06
C GLY A 579 11.79 -49.06 -25.87
N PRO A 580 10.62 -48.44 -25.64
CA PRO A 580 9.49 -48.70 -26.54
C PRO A 580 9.78 -48.33 -27.99
N VAL A 581 10.52 -47.24 -28.21
CA VAL A 581 10.95 -46.90 -29.55
C VAL A 581 12.00 -47.90 -30.05
N THR A 582 12.89 -48.34 -29.16
CA THR A 582 13.89 -49.34 -29.54
C THR A 582 13.22 -50.65 -29.93
N ILE A 583 12.16 -51.03 -29.24
CA ILE A 583 11.43 -52.25 -29.59
C ILE A 583 10.85 -52.14 -31.00
N ALA A 584 10.25 -50.99 -31.32
CA ALA A 584 9.75 -50.77 -32.67
C ALA A 584 10.89 -50.72 -33.68
N CYS A 585 11.99 -50.06 -33.31
CA CYS A 585 13.15 -50.01 -34.20
C CYS A 585 13.87 -51.36 -34.27
N LEU A 586 13.75 -52.18 -33.22
CA LEU A 586 14.41 -53.48 -33.21
C LEU A 586 13.82 -54.42 -34.27
N GLY A 587 12.56 -54.20 -34.66
CA GLY A 587 11.97 -55.03 -35.69
C GLY A 587 12.68 -54.90 -37.03
N PHE A 588 12.99 -53.67 -37.43
CA PHE A 588 13.74 -53.46 -38.66
C PHE A 588 15.14 -54.04 -38.57
N LEU A 589 15.80 -53.88 -37.42
CA LEU A 589 17.13 -54.44 -37.24
C LEU A 589 17.11 -55.96 -37.31
N CYS A 590 16.09 -56.58 -36.72
CA CYS A 590 15.95 -58.04 -36.82
C CYS A 590 15.72 -58.48 -38.26
N THR A 591 15.03 -57.65 -39.05
CA THR A 591 14.83 -57.97 -40.46
C THR A 591 16.17 -58.03 -41.20
N CYS A 592 17.08 -57.09 -40.91
CA CYS A 592 18.41 -57.14 -41.49
C CYS A 592 19.16 -58.40 -41.06
N ILE A 593 19.05 -58.75 -39.77
CA ILE A 593 19.64 -60.00 -39.30
C ILE A 593 18.93 -61.19 -39.96
N VAL A 594 17.60 -61.14 -40.05
CA VAL A 594 16.87 -62.20 -40.74
C VAL A 594 17.24 -62.24 -42.22
N ILE A 595 17.34 -61.08 -42.85
CA ILE A 595 17.75 -61.02 -44.25
C ILE A 595 19.18 -61.54 -44.42
N THR A 596 20.07 -61.16 -43.50
CA THR A 596 21.44 -61.65 -43.56
C THR A 596 21.50 -63.16 -43.33
N VAL A 597 20.65 -63.67 -42.44
CA VAL A 597 20.62 -65.11 -42.18
C VAL A 597 20.21 -65.88 -43.43
N PHE A 598 19.21 -65.38 -44.16
CA PHE A 598 18.79 -66.03 -45.40
C PHE A 598 19.90 -66.01 -46.43
N ILE A 599 20.65 -64.91 -46.50
CA ILE A 599 21.76 -64.82 -47.46
C ILE A 599 22.83 -65.87 -47.15
N LYS A 600 23.14 -66.05 -45.86
CA LYS A 600 24.14 -67.04 -45.48
C LYS A 600 23.70 -68.45 -45.86
N HIS A 601 22.41 -68.76 -45.66
CA HIS A 601 21.90 -70.09 -46.00
C HIS A 601 21.93 -70.36 -47.49
N ASN A 602 21.94 -69.32 -48.33
CA ASN A 602 21.97 -69.49 -49.77
C ASN A 602 23.32 -69.98 -50.28
N ASN A 603 24.35 -69.99 -49.43
CA ASN A 603 25.67 -70.43 -49.87
C ASN A 603 25.71 -71.91 -50.22
N THR A 604 24.74 -72.70 -49.76
CA THR A 604 24.71 -74.12 -50.04
C THR A 604 24.19 -74.39 -51.45
N ALA A 609 37.03 -67.47 -47.86
CA ALA A 609 35.99 -66.98 -48.75
C ALA A 609 34.63 -67.00 -48.08
N SER A 610 34.12 -68.21 -47.79
CA SER A 610 32.84 -68.33 -47.12
C SER A 610 32.89 -67.74 -45.71
N GLY A 611 33.98 -67.99 -44.99
CA GLY A 611 34.10 -67.43 -43.65
C GLY A 611 34.20 -65.91 -43.65
N ARG A 612 34.87 -65.35 -44.66
CA ARG A 612 35.01 -63.89 -44.75
C ARG A 612 33.64 -63.23 -44.94
N GLU A 613 32.79 -63.82 -45.77
CA GLU A 613 31.45 -63.26 -45.97
C GLU A 613 30.64 -63.31 -44.68
N LEU A 614 30.75 -64.41 -43.93
CA LEU A 614 30.03 -64.51 -42.67
C LEU A 614 30.49 -63.46 -41.67
N CYS A 615 31.80 -63.18 -41.63
CA CYS A 615 32.31 -62.17 -40.72
C CYS A 615 31.73 -60.79 -41.03
N TYR A 616 31.63 -60.45 -42.32
CA TYR A 616 31.00 -59.18 -42.70
C TYR A 616 29.55 -59.14 -42.28
N ILE A 617 28.83 -60.25 -42.43
CA ILE A 617 27.44 -60.31 -41.98
C ILE A 617 27.35 -60.12 -40.47
N LEU A 618 28.33 -60.66 -39.74
CA LEU A 618 28.36 -60.46 -38.29
C LEU A 618 28.52 -58.98 -37.95
N LEU A 619 29.38 -58.27 -38.69
CA LEU A 619 29.50 -56.83 -38.50
C LEU A 619 28.20 -56.12 -38.83
N PHE A 620 27.55 -56.53 -39.92
CA PHE A 620 26.23 -55.99 -40.24
C PHE A 620 25.20 -56.39 -39.18
N GLY A 621 25.25 -57.66 -38.74
CA GLY A 621 24.38 -58.10 -37.67
C GLY A 621 24.66 -57.41 -36.35
N VAL A 622 25.93 -57.11 -36.08
CA VAL A 622 26.31 -56.40 -34.86
C VAL A 622 25.76 -54.99 -34.83
N SER A 623 25.39 -54.43 -35.99
CA SER A 623 24.80 -53.10 -36.03
C SER A 623 23.49 -53.05 -35.26
N LEU A 624 22.66 -54.08 -35.41
CA LEU A 624 21.42 -54.15 -34.65
C LEU A 624 21.71 -54.22 -33.14
N SER A 625 22.69 -55.05 -32.76
CA SER A 625 23.11 -55.09 -31.36
C SER A 625 23.74 -53.77 -30.94
N TYR A 626 24.59 -53.19 -31.79
CA TYR A 626 25.16 -51.89 -31.50
C TYR A 626 24.09 -50.80 -31.44
N CYS A 627 23.12 -50.86 -32.37
CA CYS A 627 22.03 -49.88 -32.35
C CYS A 627 21.20 -50.02 -31.08
N MET A 628 20.91 -51.27 -30.67
CA MET A 628 20.20 -51.48 -29.42
C MET A 628 21.02 -51.01 -28.23
N THR A 629 22.34 -51.24 -28.27
CA THR A 629 23.22 -50.79 -27.20
C THR A 629 23.65 -49.33 -27.35
N PHE A 630 23.33 -48.69 -28.47
CA PHE A 630 23.69 -47.29 -28.69
C PHE A 630 22.71 -46.35 -28.00
N ILE A 633 24.34 -50.34 -23.73
CA ILE A 633 24.94 -51.64 -23.97
C ILE A 633 25.27 -52.34 -22.66
N ALA A 634 26.52 -52.20 -22.21
CA ALA A 634 26.93 -52.79 -20.95
C ALA A 634 26.17 -52.18 -19.78
N LYS A 635 25.95 -50.87 -19.82
CA LYS A 635 25.19 -50.17 -18.79
C LYS A 635 24.01 -49.46 -19.43
N PRO A 636 23.15 -48.81 -18.65
CA PRO A 636 22.02 -48.09 -19.25
C PRO A 636 22.44 -47.00 -20.22
N SER A 637 23.58 -46.36 -19.99
CA SER A 637 24.09 -45.30 -20.86
C SER A 637 25.52 -45.63 -21.24
N PRO A 638 25.71 -46.53 -22.21
CA PRO A 638 27.09 -46.91 -22.59
C PRO A 638 27.88 -45.79 -23.25
N VAL A 639 27.21 -44.75 -23.74
CA VAL A 639 27.92 -43.67 -24.42
C VAL A 639 28.79 -42.88 -23.46
N ILE A 640 28.46 -42.89 -22.17
CA ILE A 640 29.23 -42.14 -21.19
C ILE A 640 30.63 -42.71 -21.08
N CYS A 641 31.60 -41.82 -20.86
CA CYS A 641 32.99 -42.25 -20.75
C CYS A 641 33.64 -42.32 -22.13
N ALA A 642 34.93 -41.97 -22.21
CA ALA A 642 35.63 -41.99 -23.49
C ALA A 642 35.69 -43.41 -24.05
N LEU A 643 35.74 -44.42 -23.18
CA LEU A 643 35.78 -45.80 -23.65
C LEU A 643 34.49 -46.17 -24.39
N ARG A 644 33.35 -45.68 -23.91
CA ARG A 644 32.07 -45.99 -24.56
C ARG A 644 32.05 -45.45 -25.99
N ARG A 645 32.55 -44.23 -26.18
CA ARG A 645 32.66 -43.67 -27.53
C ARG A 645 33.63 -44.50 -28.37
N LEU A 646 34.76 -44.90 -27.79
CA LEU A 646 35.69 -45.77 -28.49
C LEU A 646 35.06 -47.14 -28.74
N GLY A 647 34.32 -47.67 -27.76
CA GLY A 647 33.66 -48.94 -27.96
C GLY A 647 32.62 -48.91 -29.05
N LEU A 648 31.83 -47.83 -29.11
CA LEU A 648 30.83 -47.69 -30.17
C LEU A 648 31.49 -47.48 -31.53
N GLY A 649 32.58 -46.70 -31.57
CA GLY A 649 33.26 -46.46 -32.83
C GLY A 649 33.86 -47.72 -33.41
N THR A 650 34.35 -48.63 -32.56
CA THR A 650 34.91 -49.88 -33.03
C THR A 650 33.87 -50.74 -33.72
N SER A 651 32.64 -50.75 -33.20
CA SER A 651 31.57 -51.54 -33.82
C SER A 651 31.29 -51.05 -35.24
N PHE A 652 31.23 -49.74 -35.44
CA PHE A 652 31.04 -49.21 -36.79
C PHE A 652 32.21 -49.57 -37.69
N ALA A 653 33.44 -49.44 -37.18
CA ALA A 653 34.61 -49.82 -37.96
C ALA A 653 34.73 -51.34 -38.12
N ILE A 654 34.12 -52.09 -37.20
CA ILE A 654 34.17 -53.55 -37.30
C ILE A 654 33.46 -54.02 -38.56
N CYS A 655 32.28 -53.47 -38.83
CA CYS A 655 31.57 -53.83 -40.06
C CYS A 655 32.35 -53.39 -41.29
N TYR A 656 32.91 -52.18 -41.26
CA TYR A 656 33.71 -51.70 -42.39
C TYR A 656 34.96 -52.53 -42.58
N SER A 657 35.62 -52.92 -41.48
CA SER A 657 36.83 -53.74 -41.59
C SER A 657 36.52 -55.10 -42.22
N ALA A 658 35.40 -55.71 -41.81
CA ALA A 658 35.01 -56.98 -42.41
C ALA A 658 34.71 -56.83 -43.90
N LEU A 659 34.02 -55.75 -44.27
CA LEU A 659 33.78 -55.49 -45.69
C LEU A 659 35.06 -55.11 -46.41
N LEU A 660 35.90 -54.28 -45.79
CA LEU A 660 37.16 -53.89 -46.41
C LEU A 660 38.08 -55.10 -46.59
N THR A 661 38.14 -55.98 -45.60
CA THR A 661 38.96 -57.18 -45.73
C THR A 661 38.46 -58.07 -46.86
N LYS A 662 37.15 -58.22 -46.99
CA LYS A 662 36.58 -59.04 -48.04
C LYS A 662 36.65 -58.39 -49.42
N THR A 663 37.03 -57.11 -49.49
CA THR A 663 37.08 -56.42 -50.77
C THR A 663 38.30 -56.85 -51.58
N ASN A 664 39.50 -56.65 -51.04
CA ASN A 664 40.72 -56.99 -51.75
C ASN A 664 41.67 -57.90 -50.97
N CYS A 665 41.31 -58.29 -49.74
CA CYS A 665 42.18 -59.17 -48.97
C CYS A 665 42.28 -60.55 -49.62
N ILE A 666 41.17 -61.07 -50.11
CA ILE A 666 41.13 -62.36 -50.79
C ILE A 666 40.91 -62.23 -52.29
N ALA A 667 40.94 -61.00 -52.81
CA ALA A 667 40.73 -60.76 -54.24
C ALA A 667 42.05 -60.82 -55.01
N ARG A 668 42.72 -61.96 -54.89
CA ARG A 668 44.00 -62.22 -55.57
C ARG A 668 45.02 -61.19 -55.09
N ILE A 669 45.79 -60.56 -55.97
CA ILE A 669 46.78 -59.57 -55.58
C ILE A 669 46.47 -58.25 -56.27
N PHE A 670 46.46 -58.27 -57.60
CA PHE A 670 46.19 -57.07 -58.39
C PHE A 670 45.86 -57.42 -59.83
N LYS A 674 39.97 -52.62 -64.15
CA LYS A 674 40.77 -52.02 -65.21
C LYS A 674 42.11 -51.53 -64.66
N ASN A 675 42.52 -50.32 -65.08
CA ASN A 675 43.77 -49.76 -64.61
C ASN A 675 43.74 -49.50 -63.11
N GLY A 676 42.63 -48.97 -62.61
CA GLY A 676 42.49 -48.68 -61.20
C GLY A 676 42.69 -47.21 -60.86
N SER A 686 50.40 -56.47 -51.27
CA SER A 686 49.13 -56.13 -50.65
C SER A 686 49.12 -56.53 -49.17
N SER A 687 50.13 -57.30 -48.77
CA SER A 687 50.22 -57.72 -47.37
C SER A 687 50.43 -56.52 -46.44
N GLN A 688 51.29 -55.58 -46.85
CA GLN A 688 51.52 -54.38 -46.03
C GLN A 688 50.27 -53.54 -45.91
N VAL A 689 49.52 -53.40 -47.01
CA VAL A 689 48.28 -52.61 -46.97
C VAL A 689 47.26 -53.27 -46.05
N PHE A 690 47.12 -54.59 -46.13
CA PHE A 690 46.18 -55.30 -45.26
C PHE A 690 46.57 -55.17 -43.80
N ILE A 691 47.87 -55.27 -43.50
CA ILE A 691 48.33 -55.11 -42.12
C ILE A 691 48.05 -53.70 -41.62
N CYS A 692 48.32 -52.70 -42.45
CA CYS A 692 48.06 -51.31 -42.06
C CYS A 692 46.56 -51.06 -41.87
N LEU A 693 45.74 -51.62 -42.76
CA LEU A 693 44.29 -51.43 -42.63
C LEU A 693 43.75 -52.08 -41.36
N GLY A 694 44.22 -53.29 -41.04
CA GLY A 694 43.79 -53.95 -39.83
C GLY A 694 44.38 -53.33 -38.58
N LEU A 695 45.52 -52.67 -38.70
CA LEU A 695 46.14 -52.02 -37.55
C LEU A 695 45.28 -50.88 -37.02
N ILE A 696 44.65 -50.12 -37.92
CA ILE A 696 43.82 -48.99 -37.49
C ILE A 696 42.63 -49.49 -36.68
N LEU A 697 41.98 -50.56 -37.13
CA LEU A 697 40.87 -51.13 -36.39
C LEU A 697 41.33 -51.67 -35.04
N VAL A 698 42.50 -52.33 -35.01
CA VAL A 698 43.04 -52.83 -33.75
C VAL A 698 43.35 -51.68 -32.81
N GLN A 699 43.94 -50.60 -33.33
CA GLN A 699 44.24 -49.44 -32.50
C GLN A 699 42.95 -48.81 -31.96
N ILE A 700 41.92 -48.69 -32.81
CA ILE A 700 40.63 -48.21 -32.34
C ILE A 700 40.03 -49.18 -31.32
N VAL A 701 40.13 -50.48 -31.61
CA VAL A 701 39.66 -51.49 -30.66
C VAL A 701 40.50 -51.47 -29.39
N MET A 702 41.81 -51.31 -29.54
CA MET A 702 42.69 -51.27 -28.37
C MET A 702 42.36 -50.05 -27.50
N VAL A 703 42.09 -48.91 -28.11
CA VAL A 703 41.70 -47.73 -27.35
C VAL A 703 40.37 -47.98 -26.64
N SER A 704 39.41 -48.59 -27.34
CA SER A 704 38.14 -48.92 -26.72
C SER A 704 38.32 -49.97 -25.62
N VAL A 705 39.21 -50.94 -25.84
CA VAL A 705 39.47 -51.96 -24.84
C VAL A 705 40.06 -51.35 -23.58
N TRP A 706 40.96 -50.38 -23.72
CA TRP A 706 41.53 -49.70 -22.55
C TRP A 706 40.49 -48.87 -21.80
N LEU A 707 39.36 -48.58 -22.42
CA LEU A 707 38.27 -47.83 -21.79
C LEU A 707 37.15 -48.75 -21.31
N ILE A 708 37.49 -49.95 -20.84
CA ILE A 708 36.49 -50.87 -20.34
C ILE A 708 35.76 -50.27 -19.14
N LEU A 709 36.50 -49.67 -18.22
CA LEU A 709 35.90 -49.00 -17.08
C LEU A 709 35.38 -47.63 -17.49
N GLU A 710 34.38 -47.14 -16.76
CA GLU A 710 33.79 -45.84 -17.04
C GLU A 710 32.88 -45.91 -18.26
N THR A 711 32.48 -47.12 -18.65
CA THR A 711 31.60 -47.32 -19.79
C THR A 711 30.25 -46.67 -19.56
N PRO A 712 29.83 -46.52 -18.31
CA PRO A 712 28.54 -45.88 -18.03
C PRO A 712 28.65 -44.36 -18.04
N GLY A 713 27.49 -43.72 -18.14
CA GLY A 713 27.43 -42.27 -18.12
C GLY A 713 26.13 -41.78 -18.68
N THR A 714 26.06 -40.46 -18.88
CA THR A 714 24.87 -39.82 -19.40
C THR A 714 25.26 -38.80 -20.47
N ARG A 715 24.32 -38.53 -21.38
CA ARG A 715 24.52 -37.56 -22.45
C ARG A 715 24.13 -36.17 -21.98
N ARG A 716 24.95 -35.18 -22.35
CA ARG A 716 24.71 -33.80 -21.98
C ARG A 716 24.02 -33.09 -23.15
N TYR A 717 22.73 -32.79 -22.99
CA TYR A 717 21.96 -32.09 -24.01
C TYR A 717 21.07 -31.04 -23.36
N THR A 718 21.59 -30.36 -22.33
CA THR A 718 20.80 -29.40 -21.60
C THR A 718 20.46 -28.20 -22.46
N LEU A 719 19.19 -27.80 -22.44
CA LEU A 719 18.67 -26.68 -23.21
C LEU A 719 17.91 -25.74 -22.29
N PRO A 720 17.69 -24.48 -22.70
CA PRO A 720 17.03 -23.51 -21.82
C PRO A 720 15.66 -23.97 -21.31
N GLU A 721 14.93 -24.76 -22.09
CA GLU A 721 13.66 -25.29 -21.61
C GLU A 721 13.89 -26.18 -20.41
N LYS A 722 13.10 -25.95 -19.35
CA LYS A 722 13.32 -26.66 -18.09
C LYS A 722 12.99 -28.14 -18.20
N ARG A 723 11.89 -28.46 -18.89
CA ARG A 723 11.50 -29.86 -19.08
C ARG A 723 12.28 -30.42 -20.27
N GLU A 724 13.39 -31.09 -19.98
CA GLU A 724 14.32 -31.59 -20.98
C GLU A 724 14.68 -33.04 -20.70
N THR A 725 13.67 -33.86 -20.42
CA THR A 725 13.90 -35.27 -20.17
C THR A 725 14.31 -35.96 -21.47
N VAL A 726 15.53 -36.48 -21.51
CA VAL A 726 16.07 -37.13 -22.70
C VAL A 726 15.46 -38.52 -22.77
N ILE A 727 14.51 -38.71 -23.69
CA ILE A 727 13.83 -39.99 -23.84
C ILE A 727 14.69 -40.89 -24.72
N LEU A 728 15.20 -41.98 -24.15
CA LEU A 728 16.06 -42.90 -24.88
C LEU A 728 16.03 -44.25 -24.18
N LYS A 729 16.49 -45.28 -24.89
CA LYS A 729 16.56 -46.62 -24.33
C LYS A 729 17.43 -46.65 -23.08
N CYS A 730 16.83 -46.99 -21.95
CA CYS A 730 17.51 -47.05 -20.66
C CYS A 730 18.19 -45.73 -20.33
N ASN A 731 17.50 -44.63 -20.62
CA ASN A 731 18.04 -43.30 -20.37
C ASN A 731 18.92 -42.85 -21.53
N VAL A 732 19.38 -41.60 -21.50
CA VAL A 732 20.24 -41.04 -22.53
C VAL A 732 21.67 -41.03 -21.99
N LYS A 733 22.54 -41.82 -22.60
CA LYS A 733 23.93 -41.95 -22.18
C LYS A 733 24.82 -41.76 -23.40
N ASP A 734 25.49 -40.62 -23.49
CA ASP A 734 26.41 -40.32 -24.58
C ASP A 734 27.70 -39.66 -24.14
N SER A 735 27.87 -39.37 -22.85
CA SER A 735 29.06 -38.70 -22.34
C SER A 735 29.18 -37.27 -22.83
N SER A 736 28.05 -36.65 -23.18
CA SER A 736 28.04 -35.28 -23.68
C SER A 736 28.96 -35.10 -24.89
N MET A 737 30.01 -34.30 -24.72
CA MET A 737 30.95 -34.09 -25.81
C MET A 737 31.74 -35.34 -26.17
N LEU A 738 31.78 -36.33 -25.28
CA LEU A 738 32.46 -37.58 -25.59
C LEU A 738 31.81 -38.30 -26.76
N ILE A 739 30.48 -38.30 -26.81
CA ILE A 739 29.78 -38.95 -27.91
C ILE A 739 30.01 -38.22 -29.22
N SER A 740 30.08 -36.89 -29.18
CA SER A 740 30.33 -36.11 -30.38
C SER A 740 31.68 -36.47 -31.00
N LEU A 741 32.71 -36.56 -30.16
CA LEU A 741 34.01 -37.00 -30.66
C LEU A 741 33.98 -38.47 -31.07
N THR A 742 33.24 -39.30 -30.32
CA THR A 742 33.14 -40.72 -30.65
C THR A 742 32.43 -40.93 -31.98
N TYR A 743 31.38 -40.15 -32.24
CA TYR A 743 30.66 -40.28 -33.51
C TYR A 743 31.55 -39.94 -34.69
N ASP A 744 32.32 -38.86 -34.58
CA ASP A 744 33.25 -38.50 -35.65
C ASP A 744 34.38 -39.51 -35.76
N VAL A 745 34.88 -40.00 -34.61
CA VAL A 745 35.96 -40.97 -34.62
C VAL A 745 35.52 -42.29 -35.25
N VAL A 746 34.29 -42.73 -34.96
CA VAL A 746 33.78 -43.98 -35.52
C VAL A 746 33.71 -43.89 -37.04
N LEU A 747 33.32 -42.72 -37.56
CA LEU A 747 33.28 -42.55 -39.01
C LEU A 747 34.67 -42.64 -39.63
N VAL A 748 35.69 -42.12 -38.92
CA VAL A 748 37.05 -42.17 -39.44
C VAL A 748 37.56 -43.60 -39.49
N ILE A 749 37.19 -44.42 -38.51
CA ILE A 749 37.63 -45.82 -38.50
C ILE A 749 37.06 -46.56 -39.71
N LEU A 750 35.77 -46.36 -39.97
CA LEU A 750 35.17 -46.96 -41.17
C LEU A 750 35.58 -46.23 -42.43
N CYS A 751 35.93 -44.95 -42.32
CA CYS A 751 36.33 -44.18 -43.49
C CYS A 751 37.61 -44.71 -44.12
N THR A 752 38.44 -45.40 -43.34
CA THR A 752 39.66 -46.00 -43.90
C THR A 752 39.32 -47.04 -44.95
N VAL A 753 38.32 -47.89 -44.69
CA VAL A 753 37.90 -48.87 -45.67
C VAL A 753 37.29 -48.20 -46.89
N TYR A 754 36.45 -47.18 -46.66
CA TYR A 754 35.84 -46.47 -47.77
C TYR A 754 36.87 -45.72 -48.59
N ALA A 755 37.85 -45.10 -47.91
CA ALA A 755 38.90 -44.38 -48.63
C ALA A 755 39.75 -45.34 -49.46
N PHE A 756 40.05 -46.53 -48.92
CA PHE A 756 40.84 -47.50 -49.67
C PHE A 756 40.14 -47.95 -50.94
N LYS A 757 38.83 -48.20 -50.86
CA LYS A 757 38.08 -48.59 -52.04
C LYS A 757 37.84 -47.43 -52.99
N THR A 758 37.98 -46.19 -52.51
CA THR A 758 37.76 -45.02 -53.37
C THR A 758 38.83 -44.90 -54.45
N ARG A 759 39.99 -45.51 -54.26
CA ARG A 759 41.07 -45.46 -55.25
C ARG A 759 40.95 -46.57 -56.28
N LYS A 760 39.78 -46.63 -56.93
CA LYS A 760 39.54 -47.67 -57.94
C LYS A 760 38.88 -47.10 -59.19
N CYS A 761 38.81 -45.78 -59.34
CA CYS A 761 38.20 -45.17 -60.51
C CYS A 761 39.15 -45.17 -61.69
N PHE A 765 36.41 -54.19 -62.87
CA PHE A 765 35.94 -55.18 -61.90
C PHE A 765 34.48 -54.94 -61.54
N ASN A 766 33.64 -55.96 -61.75
CA ASN A 766 32.23 -55.83 -61.41
C ASN A 766 32.03 -55.67 -59.91
N GLU A 767 32.81 -56.41 -59.11
CA GLU A 767 32.68 -56.29 -57.65
C GLU A 767 33.07 -54.90 -57.17
N ALA A 768 34.01 -54.23 -57.85
CA ALA A 768 34.35 -52.87 -57.48
C ALA A 768 33.17 -51.93 -57.65
N LYS A 769 32.39 -52.12 -58.72
CA LYS A 769 31.20 -51.31 -58.92
C LYS A 769 30.19 -51.52 -57.80
N PHE A 770 30.00 -52.76 -57.37
CA PHE A 770 29.10 -53.03 -56.25
C PHE A 770 29.62 -52.37 -54.97
N ILE A 771 30.92 -52.46 -54.72
CA ILE A 771 31.50 -51.74 -53.59
C ILE A 771 31.41 -50.24 -53.81
N GLY A 772 31.70 -49.78 -55.02
CA GLY A 772 31.57 -48.35 -55.31
C GLY A 772 30.13 -47.88 -55.25
N PHE A 773 29.20 -48.68 -55.79
CA PHE A 773 27.79 -48.32 -55.72
C PHE A 773 27.32 -48.26 -54.27
N THR A 774 27.72 -49.25 -53.47
CA THR A 774 27.41 -49.20 -52.03
C THR A 774 28.14 -48.05 -51.36
N MET A 775 29.37 -47.75 -51.79
CA MET A 775 30.12 -46.64 -51.22
C MET A 775 29.44 -45.31 -51.49
N TYR A 776 28.83 -45.17 -52.68
CA TYR A 776 28.13 -43.93 -53.00
C TYR A 776 26.96 -43.68 -52.06
N THR A 777 26.21 -44.73 -51.74
CA THR A 777 25.09 -44.59 -50.80
C THR A 777 25.60 -44.25 -49.40
N THR A 778 26.76 -44.80 -49.01
CA THR A 778 27.30 -44.52 -47.70
C THR A 778 27.62 -43.04 -47.52
N CYS A 779 28.18 -42.41 -48.55
CA CYS A 779 28.46 -40.97 -48.48
C CYS A 779 27.17 -40.17 -48.33
N ILE A 780 26.13 -40.56 -49.08
CA ILE A 780 24.84 -39.87 -48.95
C ILE A 780 24.24 -40.10 -47.57
N ILE A 781 24.32 -41.33 -47.06
CA ILE A 781 23.80 -41.64 -45.73
C ILE A 781 24.53 -40.85 -44.67
N TRP A 782 25.85 -40.71 -44.80
CA TRP A 782 26.62 -39.94 -43.84
C TRP A 782 26.18 -38.48 -43.82
N LEU A 783 25.86 -37.92 -44.99
CA LEU A 783 25.39 -36.54 -45.06
C LEU A 783 24.08 -36.36 -44.29
N ALA A 784 23.17 -37.32 -44.44
CA ALA A 784 21.91 -37.26 -43.68
C ALA A 784 22.18 -37.38 -42.19
N PHE A 785 23.10 -38.25 -41.79
CA PHE A 785 23.45 -38.38 -40.38
C PHE A 785 24.16 -37.14 -39.86
N LEU A 786 24.77 -36.35 -40.76
CA LEU A 786 25.44 -35.14 -40.34
C LEU A 786 24.50 -34.15 -39.68
N PRO A 787 23.35 -33.79 -40.27
CA PRO A 787 22.38 -32.98 -39.53
C PRO A 787 21.86 -33.68 -38.28
N ILE A 788 21.71 -35.01 -38.34
CA ILE A 788 21.30 -35.76 -37.16
C ILE A 788 22.38 -35.75 -36.09
N PHE A 789 23.65 -35.82 -36.51
CA PHE A 789 24.74 -35.78 -35.56
C PHE A 789 24.79 -34.46 -34.80
N TYR A 790 24.37 -33.38 -35.44
CA TYR A 790 24.30 -32.07 -34.80
C TYR A 790 22.88 -31.68 -34.42
N VAL A 791 21.92 -32.61 -34.50
CA VAL A 791 20.52 -32.34 -34.21
C VAL A 791 20.11 -33.23 -33.04
N THR A 792 19.58 -32.63 -31.99
CA THR A 792 19.12 -33.34 -30.81
C THR A 792 17.85 -32.70 -30.27
N SER A 793 17.07 -33.48 -29.54
CA SER A 793 15.84 -32.99 -28.93
C SER A 793 14.79 -32.68 -29.98
N THR A 801 12.88 -37.96 -29.73
CA THR A 801 12.65 -36.71 -30.43
C THR A 801 13.70 -36.53 -31.54
N THR A 802 14.28 -35.32 -31.61
CA THR A 802 15.33 -35.08 -32.60
C THR A 802 16.54 -35.97 -32.34
N MET A 803 16.94 -36.11 -31.08
CA MET A 803 17.99 -37.07 -30.73
C MET A 803 17.54 -38.48 -31.03
N CYS A 804 16.28 -38.81 -30.69
CA CYS A 804 15.74 -40.11 -31.05
C CYS A 804 15.68 -40.29 -32.56
N ILE A 805 15.26 -39.23 -33.28
CA ILE A 805 15.31 -39.27 -34.73
C ILE A 805 16.74 -39.41 -35.21
N SER A 806 17.67 -38.66 -34.60
CA SER A 806 19.08 -38.83 -34.89
C SER A 806 19.56 -40.22 -34.52
N VAL A 807 19.03 -40.76 -33.42
CA VAL A 807 19.37 -42.14 -33.04
C VAL A 807 18.90 -43.11 -34.12
N SER A 808 17.69 -42.91 -34.63
CA SER A 808 17.21 -43.72 -35.75
C SER A 808 18.08 -43.50 -37.00
N LEU A 809 18.65 -42.30 -37.14
CA LEU A 809 19.57 -42.05 -38.25
C LEU A 809 20.80 -42.94 -38.15
N SER A 810 21.36 -43.09 -36.95
CA SER A 810 22.47 -44.01 -36.77
C SER A 810 22.05 -45.45 -37.05
N GLY A 811 20.86 -45.84 -36.59
CA GLY A 811 20.34 -47.16 -36.92
C GLY A 811 20.09 -47.32 -38.40
N PHE A 812 19.56 -46.27 -39.05
CA PHE A 812 19.37 -46.31 -40.50
C PHE A 812 20.71 -46.46 -41.22
N VAL A 813 21.76 -45.87 -40.67
CA VAL A 813 23.09 -46.03 -41.26
C VAL A 813 23.52 -47.48 -41.21
N VAL A 814 23.27 -48.17 -40.09
CA VAL A 814 23.56 -49.59 -40.00
C VAL A 814 22.71 -50.37 -41.00
N LEU A 815 21.43 -50.01 -41.12
CA LEU A 815 20.58 -50.65 -42.13
C LEU A 815 21.08 -50.36 -43.53
N GLY A 816 21.50 -49.11 -43.78
CA GLY A 816 22.12 -48.79 -45.06
C GLY A 816 23.39 -49.58 -45.31
N CYS A 817 24.21 -49.74 -44.27
CA CYS A 817 25.38 -50.61 -44.37
C CYS A 817 24.97 -52.05 -44.64
N LEU A 818 23.88 -52.50 -44.01
CA LEU A 818 23.34 -53.83 -44.30
C LEU A 818 22.90 -53.92 -45.76
N PHE A 819 22.46 -52.81 -46.34
CA PHE A 819 22.16 -52.79 -47.77
C PHE A 819 23.41 -53.11 -48.59
N ALA A 820 24.56 -52.57 -48.18
CA ALA A 820 25.82 -52.98 -48.81
C ALA A 820 26.06 -54.47 -48.72
N PRO A 821 25.80 -55.14 -47.60
CA PRO A 821 25.90 -56.61 -47.59
C PRO A 821 24.98 -57.28 -48.58
N LYS A 822 23.80 -56.68 -48.85
CA LYS A 822 22.95 -57.20 -49.91
C LYS A 822 23.63 -57.10 -51.27
N VAL A 823 24.35 -56.00 -51.51
CA VAL A 823 25.14 -55.88 -52.74
C VAL A 823 26.25 -56.92 -52.76
N HIS A 824 26.83 -57.21 -51.60
CA HIS A 824 27.83 -58.26 -51.52
C HIS A 824 27.23 -59.62 -51.88
N ILE A 825 26.01 -59.88 -51.43
CA ILE A 825 25.30 -61.09 -51.83
C ILE A 825 25.06 -61.07 -53.34
N VAL A 826 24.76 -59.90 -53.89
CA VAL A 826 24.64 -59.76 -55.34
C VAL A 826 25.98 -60.06 -56.02
N LEU A 827 27.08 -59.67 -55.38
CA LEU A 827 28.42 -59.96 -55.88
C LEU A 827 28.77 -61.42 -55.58
N PHE A 828 28.02 -62.31 -56.25
CA PHE A 828 28.19 -63.75 -56.09
C PHE A 828 27.69 -64.42 -57.36
N GLN A 829 27.52 -65.74 -57.29
CA GLN A 829 27.06 -66.50 -58.44
C GLN A 829 25.84 -67.34 -58.07
N PRO A 830 24.84 -67.40 -58.94
CA PRO A 830 23.67 -68.24 -58.65
C PRO A 830 23.84 -69.66 -59.15
N GLN A 831 22.82 -70.50 -58.96
CA GLN A 831 22.85 -71.89 -59.40
C GLN A 831 23.91 -72.70 -58.66
N LYS A 832 24.00 -72.50 -57.34
CA LYS A 832 24.97 -73.21 -56.52
C LYS A 832 24.26 -74.19 -55.59
N ARG B 30 -1.34 37.68 43.40
CA ARG B 30 -1.60 38.93 44.12
C ARG B 30 -0.90 40.11 43.46
N ARG B 31 -0.08 39.81 42.44
CA ARG B 31 0.65 40.84 41.71
C ARG B 31 -0.15 41.21 40.47
N GLU B 32 -0.35 42.52 40.28
CA GLU B 32 -1.26 43.00 39.24
C GLU B 32 -0.97 44.47 38.99
N ILE B 33 -1.66 45.01 37.98
CA ILE B 33 -1.67 46.43 37.68
C ILE B 33 -3.10 46.93 37.82
N LYS B 34 -3.29 47.99 38.61
CA LYS B 34 -4.62 48.52 38.87
C LYS B 34 -4.57 50.04 38.80
N ILE B 35 -5.13 50.60 37.74
CA ILE B 35 -5.29 52.04 37.58
C ILE B 35 -6.78 52.31 37.45
N GLU B 36 -7.32 53.06 38.42
CA GLU B 36 -8.76 53.27 38.46
C GLU B 36 -9.20 54.28 37.40
N GLY B 37 -10.50 54.28 37.14
CA GLY B 37 -11.06 55.19 36.15
C GLY B 37 -12.56 55.03 36.12
N ASP B 38 -13.19 55.83 35.23
CA ASP B 38 -14.63 55.79 35.10
C ASP B 38 -15.10 54.43 34.59
N LEU B 39 -14.38 53.86 33.63
CA LEU B 39 -14.63 52.51 33.14
C LEU B 39 -13.33 51.73 33.14
N VAL B 40 -13.39 50.47 33.55
CA VAL B 40 -12.21 49.64 33.75
C VAL B 40 -12.20 48.52 32.72
N LEU B 41 -11.02 48.27 32.15
CA LEU B 41 -10.80 47.18 31.23
C LEU B 41 -9.92 46.12 31.88
N GLY B 42 -10.13 44.88 31.48
CA GLY B 42 -9.38 43.74 32.00
C GLY B 42 -8.51 43.14 30.91
N GLY B 43 -7.32 42.69 31.30
CA GLY B 43 -6.39 42.12 30.36
C GLY B 43 -5.85 40.79 30.86
N LEU B 44 -5.33 40.00 29.91
CA LEU B 44 -4.72 38.70 30.21
C LEU B 44 -3.55 38.51 29.27
N PHE B 45 -2.34 38.47 29.83
CA PHE B 45 -1.12 38.35 29.06
C PHE B 45 -0.24 37.24 29.64
N PRO B 46 0.44 36.47 28.79
CA PRO B 46 1.40 35.46 29.27
C PRO B 46 2.75 36.09 29.59
N ILE B 47 2.79 36.87 30.67
CA ILE B 47 3.99 37.61 31.03
C ILE B 47 5.10 36.67 31.48
N ASN B 48 4.75 35.61 32.20
CA ASN B 48 5.72 34.66 32.75
C ASN B 48 5.58 33.33 32.02
N GLU B 49 6.71 32.80 31.57
CA GLU B 49 6.68 31.52 30.88
C GLU B 49 6.34 30.39 31.84
N LYS B 50 5.81 29.30 31.28
CA LYS B 50 5.32 28.19 32.10
C LYS B 50 6.46 27.57 32.91
N GLY B 51 6.13 27.13 34.11
CA GLY B 51 7.13 26.57 35.01
C GLY B 51 7.66 25.24 34.55
N THR B 52 8.85 24.91 35.04
CA THR B 52 9.51 23.66 34.67
C THR B 52 8.84 22.47 35.33
N GLY B 53 8.80 22.44 36.66
CA GLY B 53 8.21 21.33 37.38
C GLY B 53 7.04 21.73 38.25
N THR B 54 7.20 21.59 39.57
CA THR B 54 6.12 21.92 40.49
C THR B 54 5.91 23.43 40.62
N GLU B 55 6.91 24.24 40.24
CA GLU B 55 6.74 25.68 40.25
C GLU B 55 5.70 26.10 39.22
N GLU B 56 4.95 27.16 39.55
CA GLU B 56 3.82 27.56 38.73
C GLU B 56 4.27 28.05 37.36
N CYS B 57 5.04 29.14 37.33
CA CYS B 57 5.55 29.67 36.07
C CYS B 57 6.99 30.14 36.27
N GLY B 58 7.80 29.97 35.23
CA GLY B 58 9.23 30.18 35.30
C GLY B 58 9.71 31.58 34.97
N ARG B 59 10.56 31.68 33.94
CA ARG B 59 11.23 32.93 33.61
C ARG B 59 10.26 33.89 32.92
N ILE B 60 10.79 35.00 32.42
CA ILE B 60 9.98 36.10 31.89
C ILE B 60 9.89 35.95 30.38
N ASN B 61 8.67 36.00 29.86
CA ASN B 61 8.46 36.06 28.41
C ASN B 61 8.83 37.46 27.92
N GLU B 62 9.83 37.54 27.04
CA GLU B 62 10.42 38.82 26.70
C GLU B 62 9.76 39.50 25.51
N ASP B 63 9.26 38.75 24.53
CA ASP B 63 8.68 39.33 23.33
C ASP B 63 7.15 39.21 23.33
N ARG B 64 6.62 38.01 23.48
CA ARG B 64 5.19 37.80 23.57
C ARG B 64 4.66 38.04 24.98
N GLY B 65 5.49 38.59 25.86
CA GLY B 65 5.15 38.90 27.23
C GLY B 65 5.08 40.39 27.49
N ILE B 66 6.17 40.93 28.01
CA ILE B 66 6.22 42.35 28.44
C ILE B 66 5.83 43.26 27.29
N GLN B 67 6.32 42.98 26.08
CA GLN B 67 6.09 43.87 24.95
C GLN B 67 4.59 44.02 24.66
N ARG B 68 3.86 42.90 24.64
CA ARG B 68 2.43 42.99 24.42
C ARG B 68 1.72 43.67 25.58
N LEU B 69 2.24 43.51 26.80
CA LEU B 69 1.66 44.20 27.94
C LEU B 69 1.80 45.71 27.81
N GLU B 70 2.98 46.17 27.40
CA GLU B 70 3.20 47.61 27.27
C GLU B 70 2.45 48.19 26.08
N ALA B 71 2.07 47.36 25.11
CA ALA B 71 1.26 47.86 23.99
C ALA B 71 -0.11 48.30 24.46
N MET B 72 -0.74 47.50 25.33
CA MET B 72 -2.06 47.88 25.86
C MET B 72 -1.96 49.10 26.76
N LEU B 73 -0.86 49.22 27.52
CA LEU B 73 -0.66 50.41 28.34
C LEU B 73 -0.31 51.62 27.49
N PHE B 74 0.24 51.39 26.29
CA PHE B 74 0.52 52.50 25.38
C PHE B 74 -0.76 53.02 24.74
N ALA B 75 -1.65 52.11 24.35
CA ALA B 75 -2.91 52.51 23.73
C ALA B 75 -3.80 53.27 24.72
N ILE B 76 -3.85 52.80 25.97
CA ILE B 76 -4.71 53.43 26.98
C ILE B 76 -4.26 54.87 27.22
N ASP B 77 -2.96 55.13 27.21
CA ASP B 77 -2.47 56.49 27.36
C ASP B 77 -2.92 57.37 26.20
N GLU B 78 -2.89 56.83 24.97
CA GLU B 78 -3.29 57.61 23.82
C GLU B 78 -4.79 57.91 23.83
N ILE B 79 -5.60 56.94 24.24
CA ILE B 79 -7.05 57.12 24.25
C ILE B 79 -7.44 58.21 25.23
N ASN B 80 -6.84 58.21 26.42
CA ASN B 80 -7.13 59.26 27.39
C ASN B 80 -6.68 60.63 26.89
N LYS B 81 -5.68 60.66 26.00
CA LYS B 81 -5.25 61.91 25.38
C LYS B 81 -6.14 62.33 24.22
N ASP B 82 -6.99 61.44 23.72
CA ASP B 82 -7.83 61.74 22.58
C ASP B 82 -8.94 62.71 22.98
N ASN B 83 -9.53 63.35 21.97
CA ASN B 83 -10.64 64.26 22.16
C ASN B 83 -11.92 63.82 21.44
N TYR B 84 -11.81 63.08 20.34
CA TYR B 84 -12.97 62.56 19.63
C TYR B 84 -13.31 61.13 20.03
N LEU B 85 -12.54 60.52 20.93
CA LEU B 85 -12.76 59.15 21.38
C LEU B 85 -12.87 59.16 22.90
N LEU B 86 -14.11 59.19 23.41
CA LEU B 86 -14.40 59.20 24.83
C LEU B 86 -13.65 60.32 25.54
N PRO B 87 -14.01 61.58 25.31
CA PRO B 87 -13.28 62.68 25.95
C PRO B 87 -13.72 62.97 27.37
N GLY B 88 -14.92 62.58 27.77
CA GLY B 88 -15.42 62.86 29.09
C GLY B 88 -15.06 61.79 30.11
N VAL B 89 -15.20 60.53 29.71
CA VAL B 89 -14.89 59.43 30.60
C VAL B 89 -13.39 59.15 30.58
N LYS B 90 -12.92 58.44 31.60
CA LYS B 90 -11.54 58.00 31.70
C LYS B 90 -11.50 56.48 31.76
N LEU B 91 -10.53 55.89 31.07
CA LEU B 91 -10.42 54.44 30.96
C LEU B 91 -9.44 53.93 32.00
N GLY B 92 -9.85 52.91 32.75
CA GLY B 92 -9.01 52.25 33.71
C GLY B 92 -8.68 50.84 33.26
N VAL B 93 -7.68 50.25 33.92
CA VAL B 93 -7.20 48.93 33.56
C VAL B 93 -7.11 48.04 34.80
N HIS B 94 -7.18 46.74 34.56
CA HIS B 94 -6.96 45.72 35.58
C HIS B 94 -6.33 44.53 34.87
N ILE B 95 -5.00 44.49 34.88
CA ILE B 95 -4.22 43.56 34.06
C ILE B 95 -3.66 42.47 34.99
N LEU B 96 -3.85 41.22 34.59
CA LEU B 96 -3.36 40.07 35.32
C LEU B 96 -2.39 39.28 34.44
N ASP B 97 -1.87 38.18 34.99
CA ASP B 97 -0.92 37.34 34.28
C ASP B 97 -1.42 35.90 34.33
N THR B 98 -1.27 35.20 33.20
CA THR B 98 -1.80 33.84 33.05
C THR B 98 -0.74 32.76 33.22
N CYS B 99 0.55 33.12 33.13
CA CYS B 99 1.66 32.17 33.21
C CYS B 99 1.49 31.02 32.20
N SER B 100 0.84 31.31 31.08
CA SER B 100 0.70 30.37 29.96
C SER B 100 0.03 29.07 30.40
N ARG B 101 -0.94 29.17 31.29
CA ARG B 101 -1.68 28.01 31.77
C ARG B 101 -3.15 28.35 31.92
N ASP B 102 -4.01 27.48 31.39
CA ASP B 102 -5.45 27.70 31.51
C ASP B 102 -5.92 27.62 32.95
N THR B 103 -5.39 26.65 33.72
CA THR B 103 -5.78 26.53 35.12
C THR B 103 -5.37 27.77 35.92
N TYR B 104 -4.17 28.28 35.67
CA TYR B 104 -3.76 29.52 36.33
C TYR B 104 -4.57 30.71 35.83
N ALA B 105 -5.04 30.65 34.57
CA ALA B 105 -5.81 31.76 34.02
C ALA B 105 -7.20 31.83 34.64
N LEU B 106 -7.81 30.67 34.91
CA LEU B 106 -9.14 30.67 35.51
C LEU B 106 -9.11 31.22 36.92
N GLU B 107 -8.06 30.90 37.69
CA GLU B 107 -7.95 31.43 39.04
C GLU B 107 -7.83 32.95 39.05
N GLN B 108 -7.01 33.50 38.16
CA GLN B 108 -6.87 34.95 38.08
C GLN B 108 -8.16 35.60 37.61
N SER B 109 -8.84 34.99 36.64
CA SER B 109 -10.03 35.60 36.05
C SER B 109 -11.21 35.70 37.02
N LEU B 110 -11.07 35.20 38.25
CA LEU B 110 -12.15 35.33 39.22
C LEU B 110 -12.28 36.75 39.75
N GLU B 111 -11.22 37.56 39.63
CA GLU B 111 -11.31 38.95 40.07
C GLU B 111 -12.26 39.76 39.20
N PHE B 112 -12.43 39.37 37.95
CA PHE B 112 -13.32 40.09 37.03
C PHE B 112 -14.79 39.77 37.26
N VAL B 113 -15.11 38.74 38.05
CA VAL B 113 -16.49 38.35 38.30
C VAL B 113 -16.86 38.37 39.77
N ARG B 114 -15.91 38.60 40.67
CA ARG B 114 -16.22 38.57 42.10
C ARG B 114 -17.22 39.66 42.48
N ALA B 115 -17.02 40.87 41.96
CA ALA B 115 -17.92 41.97 42.31
C ALA B 115 -19.34 41.73 41.81
N SER B 116 -19.47 41.22 40.58
CA SER B 116 -20.79 41.03 40.00
C SER B 116 -21.54 39.84 40.59
N LEU B 117 -20.81 38.84 41.10
CA LEU B 117 -21.45 37.62 41.57
C LEU B 117 -22.33 37.89 42.78
N THR B 118 -21.83 38.65 43.75
CA THR B 118 -22.58 39.00 44.96
C THR B 118 -22.91 40.47 44.93
N LYS B 119 -24.21 40.80 44.99
CA LYS B 119 -24.67 42.17 44.90
C LYS B 119 -25.75 42.53 45.91
N VAL B 120 -26.37 41.56 46.58
CA VAL B 120 -27.46 41.82 47.52
C VAL B 120 -26.91 41.80 48.93
N ASP B 121 -27.23 42.83 49.70
CA ASP B 121 -26.77 42.93 51.08
C ASP B 121 -27.89 43.41 52.00
N PRO B 139 -17.63 48.64 44.12
CA PRO B 139 -17.08 47.45 43.49
C PRO B 139 -16.70 47.69 42.02
N LEU B 140 -15.57 47.13 41.60
CA LEU B 140 -15.09 47.31 40.23
C LEU B 140 -15.89 46.41 39.30
N LEU B 141 -16.59 47.01 38.34
CA LEU B 141 -17.31 46.28 37.30
C LEU B 141 -16.52 46.38 36.01
N ILE B 142 -16.05 45.24 35.51
CA ILE B 142 -15.23 45.22 34.31
C ILE B 142 -16.12 45.33 33.09
N ALA B 143 -15.82 46.31 32.22
CA ALA B 143 -16.62 46.50 31.02
C ALA B 143 -16.32 45.42 29.98
N GLY B 144 -15.06 45.06 29.83
CA GLY B 144 -14.68 44.03 28.88
C GLY B 144 -13.29 43.51 29.19
N VAL B 145 -12.94 42.41 28.54
CA VAL B 145 -11.67 41.73 28.77
C VAL B 145 -10.93 41.61 27.45
N ILE B 146 -9.68 42.05 27.43
CA ILE B 146 -8.79 41.79 26.31
C ILE B 146 -8.27 40.36 26.47
N GLY B 147 -8.67 39.48 25.57
CA GLY B 147 -8.49 38.06 25.77
C GLY B 147 -7.04 37.63 25.79
N GLY B 148 -6.84 36.35 26.10
CA GLY B 148 -5.52 35.78 26.21
C GLY B 148 -4.90 35.47 24.87
N SER B 149 -3.64 35.05 24.92
CA SER B 149 -2.90 34.71 23.71
C SER B 149 -3.11 33.26 23.29
N TYR B 150 -2.87 32.32 24.19
CA TYR B 150 -3.02 30.91 23.86
C TYR B 150 -4.49 30.55 23.71
N SER B 151 -4.77 29.65 22.76
CA SER B 151 -6.15 29.30 22.44
C SER B 151 -6.84 28.59 23.61
N SER B 152 -6.12 27.71 24.30
CA SER B 152 -6.73 27.01 25.43
C SER B 152 -7.11 27.98 26.54
N VAL B 153 -6.28 29.01 26.75
CA VAL B 153 -6.61 30.02 27.76
C VAL B 153 -7.85 30.80 27.37
N SER B 154 -7.94 31.20 26.09
CA SER B 154 -9.10 31.97 25.64
C SER B 154 -10.38 31.16 25.75
N ILE B 155 -10.33 29.88 25.40
CA ILE B 155 -11.51 29.03 25.49
C ILE B 155 -11.94 28.87 26.94
N GLN B 156 -10.98 28.66 27.85
CA GLN B 156 -11.31 28.46 29.25
C GLN B 156 -11.99 29.68 29.85
N VAL B 157 -11.46 30.87 29.57
CA VAL B 157 -12.03 32.09 30.13
C VAL B 157 -13.39 32.41 29.49
N ALA B 158 -13.50 32.18 28.18
CA ALA B 158 -14.75 32.49 27.49
C ALA B 158 -15.91 31.65 28.01
N ASN B 159 -15.62 30.47 28.58
CA ASN B 159 -16.67 29.67 29.18
C ASN B 159 -17.21 30.32 30.45
N LEU B 160 -16.35 30.99 31.21
CA LEU B 160 -16.79 31.59 32.48
C LEU B 160 -17.43 32.96 32.27
N LEU B 161 -16.83 33.81 31.44
CA LEU B 161 -17.32 35.16 31.28
C LEU B 161 -18.70 35.19 30.61
N ARG B 162 -19.04 34.17 29.82
CA ARG B 162 -20.33 34.16 29.16
C ARG B 162 -21.50 34.03 30.13
N LEU B 163 -21.24 33.59 31.37
CA LEU B 163 -22.27 33.53 32.40
C LEU B 163 -22.58 34.90 32.99
N PHE B 164 -21.73 35.90 32.76
CA PHE B 164 -21.92 37.24 33.29
C PHE B 164 -22.14 38.28 32.21
N GLN B 165 -22.19 37.88 30.94
CA GLN B 165 -22.38 38.78 29.80
C GLN B 165 -21.31 39.86 29.77
N ILE B 166 -20.06 39.41 29.68
CA ILE B 166 -18.91 40.31 29.60
C ILE B 166 -18.21 40.09 28.26
N PRO B 167 -18.20 41.07 27.36
CA PRO B 167 -17.58 40.86 26.05
C PRO B 167 -16.07 40.67 26.15
N GLN B 168 -15.53 39.89 25.21
CA GLN B 168 -14.11 39.57 25.18
C GLN B 168 -13.61 39.62 23.74
N ILE B 169 -12.52 40.36 23.51
CA ILE B 169 -11.80 40.36 22.24
C ILE B 169 -10.41 39.83 22.51
N SER B 170 -9.98 38.83 21.73
CA SER B 170 -8.71 38.16 21.96
C SER B 170 -7.82 38.33 20.74
N TYR B 171 -6.69 39.00 20.92
CA TYR B 171 -5.62 39.04 19.95
C TYR B 171 -4.91 37.69 19.91
N ALA B 172 -4.35 37.36 18.74
CA ALA B 172 -3.35 36.31 18.61
C ALA B 172 -3.89 34.90 18.85
N SER B 173 -5.18 34.76 19.18
CA SER B 173 -5.77 33.44 19.38
C SER B 173 -6.51 32.99 18.12
N THR B 174 -5.92 32.05 17.37
CA THR B 174 -6.45 31.61 16.09
C THR B 174 -6.80 30.12 16.19
N SER B 175 -8.06 29.84 16.52
CA SER B 175 -8.58 28.47 16.55
C SER B 175 -9.90 28.42 15.81
N ALA B 176 -10.14 27.29 15.13
CA ALA B 176 -11.36 27.15 14.34
C ALA B 176 -12.59 26.92 15.19
N LYS B 177 -12.43 26.29 16.36
CA LYS B 177 -13.58 25.95 17.20
C LYS B 177 -14.10 27.13 18.01
N LEU B 178 -13.41 28.26 17.98
CA LEU B 178 -13.88 29.45 18.68
C LEU B 178 -14.90 30.25 17.88
N SER B 179 -15.18 29.85 16.65
CA SER B 179 -16.16 30.52 15.81
C SER B 179 -17.58 29.98 15.99
N ASP B 180 -17.75 28.92 16.78
CA ASP B 180 -19.08 28.35 17.00
C ASP B 180 -19.87 29.25 17.94
N LYS B 181 -20.59 30.22 17.39
CA LYS B 181 -21.27 31.23 18.20
C LYS B 181 -22.40 30.66 19.05
N SER B 182 -22.83 29.42 18.79
CA SER B 182 -23.86 28.81 19.63
C SER B 182 -23.36 28.59 21.05
N ARG B 183 -22.05 28.45 21.23
CA ARG B 183 -21.42 28.29 22.54
C ARG B 183 -20.73 29.56 23.00
N TYR B 184 -19.80 30.09 22.20
CA TYR B 184 -19.08 31.32 22.54
C TYR B 184 -19.81 32.49 21.90
N ASP B 185 -20.89 32.91 22.58
CA ASP B 185 -21.75 33.98 22.09
C ASP B 185 -21.30 35.36 22.56
N TYR B 186 -20.16 35.46 23.25
CA TYR B 186 -19.64 36.73 23.71
C TYR B 186 -18.16 36.86 23.38
N PHE B 187 -17.72 36.26 22.28
CA PHE B 187 -16.32 36.21 21.89
C PHE B 187 -16.12 36.85 20.54
N ALA B 188 -14.98 37.54 20.40
CA ALA B 188 -14.60 38.16 19.13
C ALA B 188 -13.08 38.22 19.09
N ARG B 189 -12.54 38.38 17.89
CA ARG B 189 -11.09 38.47 17.74
C ARG B 189 -10.74 39.38 16.57
N THR B 190 -9.48 39.82 16.55
CA THR B 190 -8.94 40.61 15.47
C THR B 190 -7.95 39.82 14.62
N VAL B 191 -8.03 38.49 14.67
CA VAL B 191 -7.12 37.63 13.93
C VAL B 191 -7.93 36.58 13.18
N PRO B 192 -7.47 36.12 12.01
CA PRO B 192 -8.24 35.14 11.26
C PRO B 192 -8.20 33.79 11.95
N PRO B 193 -9.20 32.94 11.73
CA PRO B 193 -9.18 31.59 12.31
C PRO B 193 -8.09 30.72 11.70
N ASP B 194 -7.95 29.50 12.21
CA ASP B 194 -6.98 28.55 11.66
C ASP B 194 -7.50 27.79 10.46
N PHE B 195 -8.77 28.01 10.09
CA PHE B 195 -9.31 27.39 8.88
C PHE B 195 -8.58 27.89 7.63
N TYR B 196 -8.04 29.11 7.69
CA TYR B 196 -7.31 29.66 6.56
C TYR B 196 -5.82 29.37 6.61
N GLN B 197 -5.28 29.01 7.78
CA GLN B 197 -3.87 28.66 7.86
C GLN B 197 -3.62 27.27 7.29
N ALA B 198 -4.58 26.36 7.45
CA ALA B 198 -4.43 25.02 6.88
C ALA B 198 -4.41 25.09 5.35
N LYS B 199 -5.24 25.95 4.77
CA LYS B 199 -5.25 26.11 3.32
C LYS B 199 -3.90 26.62 2.82
N ALA B 200 -3.34 27.64 3.49
CA ALA B 200 -2.14 28.29 2.99
C ALA B 200 -0.92 27.38 3.02
N MET B 201 -0.94 26.32 3.82
CA MET B 201 0.17 25.37 3.84
C MET B 201 -0.09 24.13 3.00
N ALA B 202 -1.35 23.75 2.82
CA ALA B 202 -1.68 22.68 1.88
C ALA B 202 -1.52 23.12 0.43
N GLU B 203 -1.31 24.42 0.18
CA GLU B 203 -1.06 24.92 -1.16
C GLU B 203 0.41 25.15 -1.43
N ILE B 204 1.23 25.37 -0.41
CA ILE B 204 2.67 25.36 -0.59
C ILE B 204 3.15 23.93 -0.86
N LEU B 205 2.54 22.95 -0.19
CA LEU B 205 2.85 21.55 -0.43
C LEU B 205 2.30 21.06 -1.76
N ARG B 206 1.47 21.84 -2.43
CA ARG B 206 1.01 21.51 -3.78
C ARG B 206 1.73 22.30 -4.86
N PHE B 207 2.22 23.51 -4.56
CA PHE B 207 3.05 24.23 -5.52
C PHE B 207 4.30 23.43 -5.84
N PHE B 208 5.15 23.20 -4.84
CA PHE B 208 6.14 22.15 -4.94
C PHE B 208 5.46 20.80 -4.82
N ASN B 209 5.93 19.83 -5.59
CA ASN B 209 5.23 18.55 -5.67
C ASN B 209 5.58 17.66 -4.47
N TRP B 210 5.38 18.18 -3.26
CA TRP B 210 5.56 17.42 -2.04
C TRP B 210 4.26 16.69 -1.73
N THR B 211 4.26 15.36 -1.90
CA THR B 211 3.06 14.56 -1.71
C THR B 211 3.17 13.58 -0.56
N TYR B 212 4.38 13.28 -0.09
CA TYR B 212 4.62 12.37 1.03
C TYR B 212 5.22 13.20 2.16
N VAL B 213 4.42 13.51 3.17
CA VAL B 213 4.85 14.38 4.27
C VAL B 213 4.55 13.69 5.59
N SER B 214 5.15 14.23 6.65
CA SER B 214 4.91 13.77 8.01
C SER B 214 4.55 14.96 8.88
N THR B 215 3.56 14.80 9.74
CA THR B 215 3.02 15.89 10.53
C THR B 215 3.31 15.68 12.00
N VAL B 216 3.65 16.78 12.69
CA VAL B 216 3.83 16.80 14.13
C VAL B 216 2.95 17.91 14.68
N ALA B 217 2.13 17.60 15.69
CA ALA B 217 1.19 18.54 16.26
C ALA B 217 1.33 18.58 17.77
N SER B 218 1.00 19.73 18.35
CA SER B 218 1.02 19.90 19.79
C SER B 218 -0.27 19.37 20.40
N GLU B 219 -0.46 19.63 21.69
CA GLU B 219 -1.68 19.24 22.39
C GLU B 219 -2.31 20.47 23.04
N GLY B 220 -3.64 20.49 23.06
CA GLY B 220 -4.38 21.66 23.50
C GLY B 220 -5.58 21.87 22.61
N ASP B 221 -5.77 23.10 22.12
CA ASP B 221 -6.77 23.35 21.11
C ASP B 221 -6.20 23.94 19.82
N TYR B 222 -5.12 24.70 19.92
CA TYR B 222 -4.42 25.15 18.72
C TYR B 222 -3.80 23.98 17.97
N GLY B 223 -3.45 22.91 18.69
CA GLY B 223 -2.76 21.78 18.10
C GLY B 223 -3.63 20.81 17.31
N GLU B 224 -4.47 20.04 18.00
CA GLU B 224 -5.22 19.00 17.31
C GLU B 224 -6.17 19.60 16.28
N THR B 225 -6.89 20.67 16.66
CA THR B 225 -7.84 21.28 15.74
C THR B 225 -7.14 21.90 14.54
N GLY B 226 -5.91 22.38 14.72
CA GLY B 226 -5.15 22.89 13.58
C GLY B 226 -4.75 21.78 12.61
N ILE B 227 -4.37 20.62 13.13
CA ILE B 227 -3.96 19.52 12.27
C ILE B 227 -5.13 18.72 11.73
N GLU B 228 -6.28 18.76 12.41
CA GLU B 228 -7.46 18.10 11.88
C GLU B 228 -7.99 18.79 10.64
N ALA B 229 -7.86 20.13 10.57
CA ALA B 229 -8.28 20.85 9.37
C ALA B 229 -7.29 20.66 8.23
N PHE B 230 -6.00 20.50 8.54
CA PHE B 230 -4.99 20.36 7.50
C PHE B 230 -5.18 19.05 6.71
N GLU B 231 -5.45 17.95 7.41
CA GLU B 231 -5.59 16.67 6.72
C GLU B 231 -6.78 16.62 5.79
N GLN B 232 -7.82 17.42 6.05
CA GLN B 232 -8.93 17.52 5.12
C GLN B 232 -8.54 18.31 3.86
N GLU B 233 -7.71 19.34 4.01
CA GLU B 233 -7.24 20.09 2.86
C GLU B 233 -6.14 19.34 2.10
N ALA B 234 -5.52 18.34 2.73
CA ALA B 234 -4.55 17.51 2.04
C ALA B 234 -5.21 16.46 1.16
N ARG B 235 -6.36 15.94 1.59
CA ARG B 235 -7.06 14.93 0.80
C ARG B 235 -7.56 15.51 -0.53
N LEU B 236 -8.03 16.75 -0.52
CA LEU B 236 -8.56 17.36 -1.73
C LEU B 236 -7.48 17.58 -2.78
N ARG B 237 -6.20 17.49 -2.40
CA ARG B 237 -5.09 17.65 -3.33
C ARG B 237 -4.23 16.40 -3.41
N ASN B 238 -4.78 15.25 -3.05
CA ASN B 238 -4.15 13.94 -3.22
C ASN B 238 -2.82 13.84 -2.47
N ILE B 239 -2.70 14.54 -1.35
CA ILE B 239 -1.49 14.52 -0.55
C ILE B 239 -1.62 13.45 0.52
N CYS B 240 -0.56 12.67 0.72
CA CYS B 240 -0.55 11.57 1.66
C CYS B 240 0.28 11.93 2.89
N ILE B 241 -0.06 11.32 4.02
CA ILE B 241 0.59 11.57 5.31
C ILE B 241 1.37 10.32 5.69
N ALA B 242 2.69 10.46 5.83
CA ALA B 242 3.53 9.34 6.23
C ALA B 242 3.24 8.93 7.67
N THR B 243 3.44 9.85 8.61
CA THR B 243 3.17 9.60 10.01
C THR B 243 2.67 10.89 10.66
N ALA B 244 1.92 10.72 11.75
CA ALA B 244 1.35 11.84 12.49
C ALA B 244 1.61 11.60 13.98
N GLU B 245 2.42 12.46 14.58
CA GLU B 245 2.78 12.35 15.99
C GLU B 245 2.16 13.49 16.79
N LYS B 246 2.33 13.41 18.11
CA LYS B 246 1.88 14.45 19.02
C LYS B 246 2.94 14.67 20.08
N VAL B 247 2.93 15.87 20.64
CA VAL B 247 3.82 16.24 21.75
C VAL B 247 2.96 16.84 22.86
N GLY B 248 3.61 17.14 23.99
CA GLY B 248 2.88 17.71 25.11
C GLY B 248 3.67 17.58 26.39
N ARG B 249 2.94 17.47 27.50
CA ARG B 249 3.57 17.41 28.81
C ARG B 249 2.99 16.33 29.72
N SER B 250 2.03 15.53 29.26
CA SER B 250 1.37 14.57 30.14
C SER B 250 0.76 13.45 29.34
N ASN B 251 1.14 12.21 29.65
CA ASN B 251 0.48 11.00 29.14
C ASN B 251 0.58 10.87 27.61
N ILE B 252 1.62 11.42 27.01
CA ILE B 252 1.84 11.25 25.58
C ILE B 252 3.11 10.44 25.28
N ARG B 253 4.11 10.46 26.17
CA ARG B 253 5.27 9.57 26.11
C ARG B 253 6.07 9.73 24.81
N LYS B 254 6.67 10.91 24.65
CA LYS B 254 7.69 11.14 23.63
C LYS B 254 9.07 11.40 24.22
N SER B 255 9.17 12.35 25.15
CA SER B 255 10.44 12.95 25.58
C SER B 255 11.16 13.65 24.43
N TYR B 256 10.43 13.97 23.37
CA TYR B 256 10.91 14.67 22.18
C TYR B 256 12.00 13.90 21.42
N ASP B 257 12.27 12.65 21.81
CA ASP B 257 13.23 11.82 21.11
C ASP B 257 12.60 10.64 20.41
N SER B 258 11.47 10.13 20.92
CA SER B 258 10.73 9.09 20.20
C SER B 258 10.16 9.64 18.90
N VAL B 259 9.67 10.88 18.92
CA VAL B 259 9.12 11.49 17.71
C VAL B 259 10.22 11.67 16.67
N ILE B 260 11.41 12.12 17.10
CA ILE B 260 12.51 12.33 16.17
C ILE B 260 12.89 11.01 15.49
N ARG B 261 12.98 9.94 16.26
CA ARG B 261 13.27 8.63 15.67
C ARG B 261 12.12 8.18 14.77
N GLU B 262 10.88 8.41 15.19
CA GLU B 262 9.73 8.03 14.37
C GLU B 262 9.70 8.82 13.07
N LEU B 263 10.22 10.06 13.07
CA LEU B 263 10.31 10.82 11.83
C LEU B 263 11.42 10.29 10.94
N LEU B 264 12.44 9.64 11.53
CA LEU B 264 13.54 9.09 10.77
C LEU B 264 13.26 7.69 10.23
N GLN B 265 12.16 7.07 10.63
CA GLN B 265 11.82 5.74 10.14
C GLN B 265 11.19 5.76 8.75
N LYS B 266 10.90 6.95 8.21
CA LYS B 266 10.32 7.10 6.88
C LYS B 266 11.18 8.11 6.12
N PRO B 267 12.35 7.69 5.65
CA PRO B 267 13.25 8.63 4.96
C PRO B 267 12.69 9.18 3.65
N ASN B 268 11.66 8.56 3.09
CA ASN B 268 11.04 9.08 1.87
C ASN B 268 10.27 10.37 2.10
N ALA B 269 10.04 10.75 3.36
CA ALA B 269 9.34 11.98 3.69
C ALA B 269 10.36 12.95 4.28
N ARG B 270 10.87 13.85 3.43
CA ARG B 270 11.91 14.79 3.83
C ARG B 270 11.35 16.13 4.30
N VAL B 271 10.03 16.29 4.36
CA VAL B 271 9.40 17.53 4.77
C VAL B 271 8.46 17.25 5.93
N VAL B 272 8.52 18.08 6.97
CA VAL B 272 7.73 17.93 8.17
C VAL B 272 6.86 19.15 8.34
N VAL B 273 5.56 18.93 8.61
CA VAL B 273 4.60 20.00 8.80
C VAL B 273 4.33 20.13 10.30
N LEU B 274 4.49 21.34 10.83
CA LEU B 274 4.44 21.58 12.27
C LEU B 274 3.23 22.44 12.63
N PHE B 275 2.42 21.94 13.56
CA PHE B 275 1.38 22.70 14.24
C PHE B 275 1.65 22.62 15.74
N MET B 276 2.53 23.50 16.23
CA MET B 276 2.99 23.44 17.60
C MET B 276 3.14 24.84 18.18
N ARG B 277 3.11 24.91 19.51
CA ARG B 277 3.29 26.16 20.23
C ARG B 277 4.74 26.59 20.22
N SER B 278 5.02 27.72 20.87
CA SER B 278 6.39 28.23 20.92
C SER B 278 7.25 27.42 21.88
N ASP B 279 6.66 26.81 22.90
CA ASP B 279 7.43 26.02 23.85
C ASP B 279 7.93 24.73 23.21
N ASP B 280 7.05 24.02 22.50
CA ASP B 280 7.44 22.75 21.89
C ASP B 280 8.32 22.93 20.66
N SER B 281 8.30 24.10 20.03
CA SER B 281 9.12 24.32 18.84
C SER B 281 10.59 24.43 19.21
N ARG B 282 10.88 24.99 20.38
CA ARG B 282 12.28 25.08 20.83
C ARG B 282 12.82 23.71 21.22
N GLU B 283 11.99 22.88 21.86
CA GLU B 283 12.46 21.57 22.32
C GLU B 283 12.74 20.63 21.15
N LEU B 284 11.81 20.55 20.20
CA LEU B 284 11.97 19.61 19.10
C LEU B 284 13.17 19.96 18.24
N ILE B 285 13.44 21.25 18.06
CA ILE B 285 14.64 21.65 17.33
C ILE B 285 15.90 21.27 18.10
N ALA B 286 15.87 21.44 19.42
CA ALA B 286 17.00 21.02 20.24
C ALA B 286 17.17 19.51 20.22
N ALA B 287 16.04 18.77 20.19
CA ALA B 287 16.11 17.32 20.14
C ALA B 287 16.74 16.84 18.83
N ALA B 288 16.40 17.50 17.72
CA ALA B 288 16.99 17.12 16.44
C ALA B 288 18.46 17.50 16.35
N ASN B 289 18.88 18.52 17.11
CA ASN B 289 20.28 18.93 17.09
C ASN B 289 21.18 17.87 17.71
N ARG B 290 20.72 17.22 18.78
CA ARG B 290 21.53 16.21 19.44
C ARG B 290 21.77 15.01 18.54
N VAL B 291 20.70 14.48 17.93
CA VAL B 291 20.84 13.36 17.01
C VAL B 291 21.43 13.79 15.67
N ASN B 292 21.61 15.09 15.47
CA ASN B 292 22.20 15.63 14.24
C ASN B 292 21.39 15.25 13.00
N ALA B 293 20.06 15.27 13.14
CA ALA B 293 19.18 15.04 12.00
C ALA B 293 19.00 16.33 11.22
N SER B 294 18.28 16.24 10.09
CA SER B 294 18.03 17.41 9.26
C SER B 294 16.85 17.14 8.35
N PHE B 295 15.84 18.00 8.42
CA PHE B 295 14.71 17.98 7.48
C PHE B 295 14.52 19.38 6.92
N THR B 296 13.44 19.59 6.18
CA THR B 296 12.96 20.93 5.88
C THR B 296 11.67 21.16 6.65
N TRP B 297 11.59 22.28 7.35
CA TRP B 297 10.51 22.54 8.29
C TRP B 297 9.48 23.47 7.67
N VAL B 298 8.21 23.07 7.74
CA VAL B 298 7.08 23.89 7.32
C VAL B 298 6.24 24.10 8.56
N ALA B 299 6.31 25.30 9.14
CA ALA B 299 5.73 25.58 10.44
C ALA B 299 4.65 26.65 10.33
N SER B 300 3.66 26.55 11.21
CA SER B 300 2.59 27.52 11.28
C SER B 300 3.04 28.75 12.08
N ASP B 301 2.10 29.61 12.46
CA ASP B 301 2.43 30.85 13.14
C ASP B 301 2.87 30.66 14.58
N GLY B 302 2.71 29.45 15.14
CA GLY B 302 3.24 29.19 16.46
C GLY B 302 4.74 29.35 16.50
N TRP B 303 5.43 28.77 15.52
CA TRP B 303 6.84 29.08 15.32
C TRP B 303 7.01 30.55 14.92
N GLY B 304 6.24 30.99 13.93
CA GLY B 304 6.26 32.38 13.53
C GLY B 304 7.59 32.76 12.88
N ALA B 305 8.11 33.90 13.29
CA ALA B 305 9.37 34.43 12.79
C ALA B 305 10.26 34.89 13.93
N GLN B 306 10.29 34.11 15.01
CA GLN B 306 11.09 34.45 16.17
C GLN B 306 12.53 34.00 15.98
N GLU B 307 13.46 34.83 16.46
CA GLU B 307 14.88 34.51 16.43
C GLU B 307 15.34 33.85 17.72
N SER B 308 14.43 33.53 18.62
CA SER B 308 14.77 32.91 19.90
C SER B 308 14.51 31.40 19.91
N ILE B 309 13.64 30.90 19.03
CA ILE B 309 13.36 29.47 19.00
C ILE B 309 14.59 28.71 18.51
N VAL B 310 15.34 29.28 17.59
CA VAL B 310 16.46 28.59 16.95
C VAL B 310 17.79 29.01 17.56
N LYS B 311 17.79 29.55 18.77
CA LYS B 311 19.03 29.97 19.40
C LYS B 311 19.87 28.76 19.82
N GLY B 312 21.12 28.74 19.37
CA GLY B 312 22.03 27.67 19.72
C GLY B 312 21.91 26.41 18.89
N SER B 313 20.91 26.32 18.02
CA SER B 313 20.70 25.14 17.16
C SER B 313 20.29 25.61 15.77
N GLU B 314 21.02 26.59 15.24
CA GLU B 314 20.63 27.22 13.98
C GLU B 314 20.73 26.25 12.80
N HIS B 315 21.82 25.49 12.72
CA HIS B 315 22.09 24.69 11.54
C HIS B 315 21.09 23.56 11.34
N VAL B 316 20.28 23.23 12.34
CA VAL B 316 19.22 22.25 12.16
C VAL B 316 17.94 22.90 11.64
N ALA B 317 17.81 24.22 11.73
CA ALA B 317 16.64 24.94 11.28
C ALA B 317 16.93 25.83 10.07
N TYR B 318 18.13 25.72 9.50
CA TYR B 318 18.45 26.51 8.31
C TYR B 318 17.55 26.09 7.14
N GLY B 319 17.11 27.09 6.38
CA GLY B 319 16.26 26.83 5.25
C GLY B 319 14.83 26.49 5.58
N ALA B 320 14.35 26.88 6.76
CA ALA B 320 12.97 26.57 7.15
C ALA B 320 12.00 27.49 6.42
N ILE B 321 10.74 27.07 6.41
CA ILE B 321 9.65 27.84 5.81
C ILE B 321 8.55 27.96 6.85
N THR B 322 8.21 29.19 7.22
CA THR B 322 7.25 29.44 8.28
C THR B 322 6.23 30.48 7.83
N LEU B 323 5.03 30.40 8.41
CA LEU B 323 3.97 31.36 8.17
C LEU B 323 3.86 32.35 9.33
N GLU B 324 3.32 33.52 9.03
CA GLU B 324 3.10 34.55 10.04
C GLU B 324 2.00 35.48 9.55
N LEU B 325 1.16 35.94 10.48
CA LEU B 325 0.06 36.81 10.11
C LEU B 325 0.59 38.13 9.55
N ALA B 326 -0.15 38.68 8.59
CA ALA B 326 0.26 39.93 7.96
C ALA B 326 0.10 41.08 8.94
N SER B 327 1.14 41.91 9.05
CA SER B 327 1.12 43.01 10.00
C SER B 327 2.10 44.07 9.53
N HIS B 328 1.96 45.26 10.10
CA HIS B 328 2.85 46.39 9.83
C HIS B 328 3.28 46.99 11.15
N PRO B 329 4.57 47.23 11.35
CA PRO B 329 5.04 47.74 12.64
C PRO B 329 4.42 49.10 12.97
N VAL B 330 4.12 49.30 14.24
CA VAL B 330 3.58 50.55 14.74
C VAL B 330 4.75 51.44 15.11
N ARG B 331 4.98 52.51 14.33
CA ARG B 331 6.16 53.33 14.51
C ARG B 331 6.13 54.09 15.83
N GLN B 332 4.94 54.53 16.27
CA GLN B 332 4.84 55.28 17.51
C GLN B 332 5.23 54.44 18.72
N PHE B 333 4.98 53.14 18.66
CA PHE B 333 5.30 52.27 19.80
C PHE B 333 6.80 52.17 20.05
N ASP B 334 7.62 52.18 18.99
CA ASP B 334 9.05 52.00 19.16
C ASP B 334 9.67 53.13 19.99
N ARG B 335 9.24 54.37 19.76
CA ARG B 335 9.74 55.48 20.56
C ARG B 335 9.30 55.37 22.01
N TYR B 336 8.11 54.80 22.26
CA TYR B 336 7.63 54.64 23.63
C TYR B 336 8.45 53.59 24.37
N PHE B 337 8.70 52.43 23.75
CA PHE B 337 9.41 51.36 24.44
C PHE B 337 10.86 51.75 24.73
N GLN B 338 11.53 52.39 23.78
CA GLN B 338 12.95 52.70 23.93
C GLN B 338 13.22 53.76 24.99
N SER B 339 12.20 54.46 25.48
CA SER B 339 12.37 55.46 26.52
C SER B 339 12.16 54.89 27.92
N LEU B 340 11.90 53.60 28.05
CA LEU B 340 11.61 52.99 29.34
C LEU B 340 12.89 52.55 30.05
N ASN B 341 12.86 52.62 31.38
CA ASN B 341 13.96 52.18 32.22
C ASN B 341 13.39 51.87 33.60
N PRO B 342 14.09 51.06 34.40
CA PRO B 342 13.52 50.64 35.69
C PRO B 342 13.31 51.76 36.69
N TYR B 343 13.61 53.01 36.35
CA TYR B 343 13.41 54.13 37.26
C TYR B 343 12.06 54.82 37.04
N ASN B 344 11.79 55.26 35.81
CA ASN B 344 10.55 55.97 35.53
C ASN B 344 9.36 55.05 35.30
N ASN B 345 9.59 53.75 35.11
CA ASN B 345 8.50 52.80 34.86
C ASN B 345 8.06 52.16 36.18
N HIS B 346 7.61 53.01 37.10
CA HIS B 346 7.19 52.53 38.42
C HIS B 346 5.92 51.69 38.33
N ARG B 347 4.99 52.06 37.46
CA ARG B 347 3.67 51.42 37.43
C ARG B 347 3.72 49.98 36.94
N ASN B 348 4.83 49.51 36.40
CA ASN B 348 4.93 48.14 35.91
C ASN B 348 5.63 47.28 36.95
N PRO B 349 4.94 46.33 37.59
CA PRO B 349 5.61 45.51 38.61
C PRO B 349 6.60 44.52 38.02
N TRP B 350 6.25 43.85 36.92
CA TRP B 350 7.13 42.83 36.35
C TRP B 350 8.32 43.42 35.60
N PHE B 351 8.44 44.75 35.53
CA PHE B 351 9.50 45.35 34.71
C PHE B 351 10.89 45.03 35.25
N ARG B 352 11.06 45.06 36.57
CA ARG B 352 12.38 44.83 37.15
C ARG B 352 12.92 43.44 36.81
N ASP B 353 12.07 42.42 36.88
CA ASP B 353 12.49 41.08 36.48
C ASP B 353 12.86 41.03 35.00
N PHE B 354 12.11 41.76 34.16
CA PHE B 354 12.42 41.81 32.74
C PHE B 354 13.76 42.47 32.48
N TRP B 355 14.07 43.55 33.20
CA TRP B 355 15.29 44.31 32.95
C TRP B 355 16.53 43.49 33.24
N GLU B 356 16.58 42.82 34.39
CA GLU B 356 17.75 42.03 34.74
C GLU B 356 17.95 40.86 33.78
N GLN B 357 16.86 40.17 33.42
CA GLN B 357 16.97 39.01 32.56
C GLN B 357 17.46 39.39 31.16
N LYS B 358 17.13 40.59 30.69
CA LYS B 358 17.54 41.01 29.35
C LYS B 358 19.01 41.43 29.30
N PHE B 359 19.57 41.89 30.42
CA PHE B 359 20.92 42.44 30.44
C PHE B 359 21.87 41.64 31.33
N GLN B 360 21.41 40.58 31.97
CA GLN B 360 22.23 39.76 32.87
C GLN B 360 22.88 40.61 33.95
N CYS B 361 22.13 41.59 34.46
CA CYS B 361 22.57 42.46 35.53
C CYS B 361 21.71 42.20 36.77
N SER B 362 21.94 42.98 37.82
CA SER B 362 21.17 42.86 39.04
C SER B 362 21.08 44.22 39.72
N LEU B 363 20.01 44.42 40.48
CA LEU B 363 19.77 45.67 41.17
C LEU B 363 19.65 45.44 42.67
N ASN B 368 26.70 38.05 37.14
CA ASN B 368 26.01 38.53 38.34
C ASN B 368 26.51 39.92 38.73
N HIS B 369 26.94 40.69 37.74
CA HIS B 369 27.43 42.03 38.00
C HIS B 369 26.27 42.95 38.36
N ARG B 370 26.45 43.73 39.42
CA ARG B 370 25.42 44.65 39.88
C ARG B 370 25.40 45.93 39.04
N CYS B 373 25.80 49.27 35.27
CA CYS B 373 24.38 48.98 35.11
C CYS B 373 23.54 50.25 35.25
N ASP B 374 24.11 51.26 35.91
CA ASP B 374 23.40 52.53 36.08
C ASP B 374 23.41 53.34 34.78
N LYS B 375 24.60 53.65 34.27
CA LYS B 375 24.73 54.34 32.99
C LYS B 375 24.50 53.42 31.79
N HIS B 376 24.03 52.19 32.05
CA HIS B 376 23.73 51.26 30.96
C HIS B 376 22.67 51.86 30.04
N LEU B 377 22.90 51.77 28.74
CA LEU B 377 21.95 52.28 27.77
C LEU B 377 20.62 51.56 27.88
N ALA B 378 19.54 52.30 27.68
CA ALA B 378 18.18 51.74 27.73
C ALA B 378 17.94 50.94 26.45
N ILE B 379 16.71 50.45 26.30
CA ILE B 379 16.35 49.69 25.11
C ILE B 379 16.54 50.55 23.88
N ASP B 380 17.21 49.99 22.87
CA ASP B 380 17.47 50.71 21.63
C ASP B 380 17.51 49.71 20.48
N SER B 381 17.79 50.23 19.27
CA SER B 381 17.72 49.40 18.07
C SER B 381 18.81 48.33 18.03
N SER B 382 19.85 48.45 18.84
CA SER B 382 20.94 47.47 18.81
C SER B 382 20.52 46.13 19.40
N ASN B 383 19.49 46.09 20.25
CA ASN B 383 19.10 44.84 20.88
C ASN B 383 17.58 44.67 20.94
N TYR B 384 16.81 45.41 20.15
CA TYR B 384 15.37 45.37 20.23
C TYR B 384 14.77 45.31 18.83
N GLU B 385 13.69 44.54 18.70
CA GLU B 385 12.93 44.44 17.46
C GLU B 385 11.47 44.22 17.81
N GLN B 386 10.59 45.00 17.20
CA GLN B 386 9.18 44.95 17.54
C GLN B 386 8.57 43.59 17.17
N GLU B 387 7.73 43.08 18.05
CA GLU B 387 7.04 41.82 17.79
C GLU B 387 6.02 41.99 16.67
N SER B 388 5.63 40.86 16.07
CA SER B 388 4.73 40.90 14.93
C SER B 388 3.32 41.34 15.34
N LYS B 389 2.78 40.73 16.39
CA LYS B 389 1.39 40.97 16.78
C LYS B 389 1.26 42.08 17.81
N ILE B 390 1.80 43.25 17.50
CA ILE B 390 1.60 44.43 18.33
C ILE B 390 0.46 45.24 17.75
N MET B 391 0.34 45.21 16.42
CA MET B 391 -0.76 45.91 15.75
C MET B 391 -2.11 45.31 16.14
N PHE B 392 -2.18 43.99 16.30
CA PHE B 392 -3.42 43.35 16.67
C PHE B 392 -3.82 43.67 18.11
N VAL B 393 -2.82 43.89 18.97
CA VAL B 393 -3.12 44.23 20.37
C VAL B 393 -3.71 45.62 20.46
N VAL B 394 -3.11 46.58 19.76
CA VAL B 394 -3.59 47.95 19.78
C VAL B 394 -4.99 48.03 19.18
N ASN B 395 -5.23 47.28 18.10
CA ASN B 395 -6.54 47.29 17.46
C ASN B 395 -7.64 46.79 18.40
N ALA B 396 -7.33 45.76 19.20
CA ALA B 396 -8.33 45.20 20.09
C ALA B 396 -8.77 46.21 21.15
N VAL B 397 -7.83 46.96 21.70
CA VAL B 397 -8.17 47.94 22.73
C VAL B 397 -9.06 49.04 22.14
N TYR B 398 -8.73 49.51 20.94
CA TYR B 398 -9.55 50.52 20.29
C TYR B 398 -10.94 49.99 19.96
N ALA B 399 -11.07 48.67 19.78
CA ALA B 399 -12.39 48.09 19.51
C ALA B 399 -13.34 48.32 20.68
N MET B 400 -12.86 48.15 21.91
CA MET B 400 -13.66 48.55 23.07
C MET B 400 -13.90 50.05 23.10
N ALA B 401 -12.92 50.85 22.68
CA ALA B 401 -13.04 52.29 22.80
C ALA B 401 -14.11 52.84 21.87
N HIS B 402 -14.18 52.34 20.64
CA HIS B 402 -15.17 52.83 19.71
C HIS B 402 -16.56 52.27 20.01
N ALA B 403 -16.61 51.00 20.44
CA ALA B 403 -17.90 50.40 20.80
C ALA B 403 -18.52 51.12 22.00
N LEU B 404 -17.72 51.42 23.02
CA LEU B 404 -18.24 52.15 24.17
C LEU B 404 -18.60 53.58 23.80
N HIS B 405 -17.83 54.20 22.89
CA HIS B 405 -18.10 55.57 22.51
C HIS B 405 -19.47 55.70 21.83
N LYS B 406 -19.81 54.75 20.96
CA LYS B 406 -21.11 54.78 20.31
C LYS B 406 -22.24 54.57 21.32
N MET B 407 -22.00 53.78 22.37
CA MET B 407 -22.97 53.65 23.45
C MET B 407 -23.23 54.99 24.13
N GLN B 408 -22.17 55.75 24.39
CA GLN B 408 -22.32 57.02 25.10
C GLN B 408 -23.01 58.06 24.24
N ARG B 409 -22.75 58.04 22.93
CA ARG B 409 -23.39 59.00 22.03
C ARG B 409 -24.90 58.76 21.98
N THR B 410 -25.32 57.50 21.95
CA THR B 410 -26.75 57.19 21.82
C THR B 410 -27.46 57.34 23.16
N LEU B 411 -26.93 56.71 24.22
CA LEU B 411 -27.65 56.67 25.49
C LEU B 411 -27.62 58.01 26.22
N CYS B 412 -26.55 58.80 26.05
CA CYS B 412 -26.40 60.10 26.72
C CYS B 412 -26.03 61.14 25.69
N PRO B 413 -26.95 61.50 24.80
CA PRO B 413 -26.62 62.51 23.77
C PRO B 413 -26.39 63.90 24.32
N ASN B 414 -26.94 64.22 25.48
CA ASN B 414 -26.84 65.59 26.00
C ASN B 414 -25.46 65.88 26.58
N THR B 415 -24.83 64.91 27.23
CA THR B 415 -23.61 65.12 27.96
C THR B 415 -22.51 64.16 27.50
N THR B 416 -21.27 64.60 27.64
CA THR B 416 -20.11 63.79 27.34
C THR B 416 -19.67 62.92 28.51
N LYS B 417 -20.24 63.13 29.69
CA LYS B 417 -19.89 62.33 30.86
C LYS B 417 -20.77 61.08 30.90
N LEU B 418 -20.66 60.32 31.99
CA LEU B 418 -21.44 59.09 32.16
C LEU B 418 -22.81 59.44 32.72
N CYS B 419 -23.84 59.36 31.88
CA CYS B 419 -25.20 59.60 32.33
C CYS B 419 -25.70 58.40 33.12
N ASP B 420 -26.84 58.59 33.81
CA ASP B 420 -27.36 57.57 34.71
C ASP B 420 -27.77 56.30 33.97
N ALA B 421 -27.97 56.37 32.66
CA ALA B 421 -28.27 55.16 31.89
C ALA B 421 -27.07 54.22 31.82
N MET B 422 -25.87 54.73 32.09
CA MET B 422 -24.66 53.91 32.11
C MET B 422 -24.33 53.34 33.47
N LYS B 423 -25.16 53.57 34.48
CA LYS B 423 -24.88 53.03 35.80
C LYS B 423 -24.94 51.51 35.81
N ILE B 424 -25.69 50.92 34.89
CA ILE B 424 -25.78 49.47 34.72
C ILE B 424 -25.49 49.16 33.26
N LEU B 425 -24.29 48.67 32.97
CA LEU B 425 -23.94 48.30 31.60
C LEU B 425 -24.71 47.06 31.17
N ASP B 426 -25.18 47.07 29.92
CA ASP B 426 -25.88 45.93 29.33
C ASP B 426 -24.89 45.18 28.45
N GLY B 427 -24.44 44.03 28.95
CA GLY B 427 -23.44 43.25 28.22
C GLY B 427 -23.94 42.78 26.87
N LYS B 428 -25.19 42.29 26.83
CA LYS B 428 -25.74 41.79 25.56
C LYS B 428 -25.89 42.90 24.54
N LYS B 429 -26.36 44.08 24.98
CA LYS B 429 -26.52 45.19 24.06
C LYS B 429 -25.17 45.70 23.54
N LEU B 430 -24.17 45.76 24.43
CA LEU B 430 -22.87 46.28 24.02
C LEU B 430 -22.19 45.36 23.01
N TYR B 431 -22.42 44.05 23.13
CA TYR B 431 -21.79 43.09 22.23
C TYR B 431 -22.58 42.96 20.92
N LYS B 432 -23.84 42.56 21.00
CA LYS B 432 -24.58 42.18 19.81
C LYS B 432 -24.90 43.38 18.93
N GLU B 433 -25.14 44.54 19.54
CA GLU B 433 -25.59 45.70 18.76
C GLU B 433 -24.44 46.62 18.36
N TYR B 434 -23.51 46.89 19.28
CA TYR B 434 -22.49 47.92 19.06
C TYR B 434 -21.13 47.34 18.67
N LEU B 435 -20.61 46.40 19.47
CA LEU B 435 -19.25 45.91 19.24
C LEU B 435 -19.13 45.16 17.93
N LEU B 436 -20.11 44.30 17.62
CA LEU B 436 -19.99 43.41 16.47
C LEU B 436 -20.17 44.12 15.14
N LYS B 437 -20.51 45.41 15.12
CA LYS B 437 -20.79 46.12 13.88
C LYS B 437 -19.96 47.40 13.76
N ILE B 438 -18.80 47.44 14.41
CA ILE B 438 -17.96 48.63 14.35
C ILE B 438 -17.23 48.68 13.01
N ASN B 439 -16.76 49.88 12.66
CA ASN B 439 -16.01 50.08 11.42
C ASN B 439 -15.23 51.38 11.53
N PHE B 440 -13.90 51.28 11.50
CA PHE B 440 -13.06 52.46 11.62
C PHE B 440 -11.70 52.15 11.02
N THR B 441 -10.93 53.21 10.79
CA THR B 441 -9.57 53.09 10.25
C THR B 441 -8.58 52.81 11.38
N ALA B 442 -7.59 51.98 11.08
CA ALA B 442 -6.63 51.56 12.10
C ALA B 442 -5.75 52.74 12.51
N PRO B 443 -5.69 53.09 13.79
CA PRO B 443 -4.84 54.20 14.21
C PRO B 443 -3.37 53.82 14.17
N PHE B 444 -2.53 54.85 13.99
CA PHE B 444 -1.07 54.78 13.91
C PHE B 444 -0.58 54.03 12.69
N ASN B 445 -1.48 53.53 11.84
CA ASN B 445 -1.10 52.83 10.62
C ASN B 445 -1.51 53.66 9.41
N PRO B 446 -0.57 54.25 8.68
CA PRO B 446 -0.94 54.98 7.46
C PRO B 446 -1.61 54.06 6.46
N ASN B 447 -2.53 54.63 5.68
CA ASN B 447 -3.36 53.86 4.77
C ASN B 447 -2.52 52.96 3.88
N LYS B 448 -2.71 51.64 4.05
CA LYS B 448 -1.94 50.64 3.31
C LYS B 448 -2.84 49.69 2.51
N GLY B 449 -4.11 50.07 2.29
CA GLY B 449 -5.02 49.30 1.49
C GLY B 449 -6.22 48.83 2.30
N ALA B 450 -6.71 47.63 1.96
CA ALA B 450 -7.90 47.09 2.61
C ALA B 450 -7.65 46.58 4.01
N ASP B 451 -6.39 46.52 4.46
CA ASP B 451 -6.07 46.06 5.81
C ASP B 451 -6.03 47.20 6.81
N SER B 452 -6.38 48.42 6.40
CA SER B 452 -6.37 49.57 7.29
C SER B 452 -7.70 49.80 7.99
N ILE B 453 -8.68 48.92 7.77
CA ILE B 453 -9.98 49.02 8.41
C ILE B 453 -10.10 47.88 9.42
N VAL B 454 -10.48 48.23 10.65
CA VAL B 454 -10.72 47.25 11.70
C VAL B 454 -12.21 46.94 11.69
N LYS B 455 -12.55 45.68 11.41
CA LYS B 455 -13.95 45.28 11.31
C LYS B 455 -14.05 43.78 11.55
N PHE B 456 -15.13 43.37 12.21
CA PHE B 456 -15.45 41.97 12.40
C PHE B 456 -16.41 41.52 11.30
N ASP B 457 -16.68 40.22 11.28
CA ASP B 457 -17.65 39.66 10.34
C ASP B 457 -18.69 38.88 11.10
N THR B 458 -19.52 38.12 10.39
CA THR B 458 -20.67 37.45 11.01
C THR B 458 -20.26 36.62 12.22
N PHE B 459 -19.09 36.00 12.17
CA PHE B 459 -18.61 35.18 13.28
C PHE B 459 -17.78 35.96 14.29
N GLY B 460 -17.48 37.23 14.02
CA GLY B 460 -16.62 37.99 14.89
C GLY B 460 -15.17 37.59 14.75
N ASP B 461 -14.68 37.54 13.51
CA ASP B 461 -13.32 37.11 13.23
C ASP B 461 -12.59 38.14 12.39
N GLY B 462 -11.40 37.80 11.90
CA GLY B 462 -10.63 38.72 11.09
C GLY B 462 -10.44 38.26 9.66
N MET B 463 -9.52 38.91 8.94
CA MET B 463 -9.27 38.61 7.54
C MET B 463 -8.09 37.66 7.40
N GLY B 464 -8.24 36.66 6.54
CA GLY B 464 -7.25 35.62 6.36
C GLY B 464 -6.10 35.96 5.42
N ARG B 465 -5.18 36.80 5.87
CA ARG B 465 -3.97 37.13 5.12
C ARG B 465 -2.75 36.67 5.89
N TYR B 466 -1.79 36.08 5.18
CA TYR B 466 -0.59 35.51 5.78
C TYR B 466 0.64 35.96 5.01
N ASN B 467 1.81 35.69 5.60
CA ASN B 467 3.10 35.87 4.95
C ASN B 467 3.84 34.55 4.96
N VAL B 468 4.92 34.49 4.17
CA VAL B 468 5.78 33.32 4.08
C VAL B 468 7.21 33.78 4.32
N PHE B 469 7.87 33.17 5.30
CA PHE B 469 9.22 33.52 5.69
C PHE B 469 10.17 32.36 5.41
N ASN B 470 11.46 32.67 5.46
CA ASN B 470 12.50 31.67 5.20
C ASN B 470 13.74 32.06 5.96
N LEU B 471 14.38 31.07 6.58
CA LEU B 471 15.54 31.32 7.44
C LEU B 471 16.82 31.16 6.62
N GLN B 472 17.66 32.21 6.63
CA GLN B 472 18.85 32.23 5.80
C GLN B 472 20.08 32.60 6.60
N GLN B 473 21.19 32.81 5.91
CA GLN B 473 22.45 33.17 6.56
C GLN B 473 23.22 34.11 5.65
N THR B 474 23.90 35.08 6.25
CA THR B 474 24.70 36.04 5.51
C THR B 474 26.16 35.98 5.93
N GLY B 476 27.94 34.60 8.96
CA GLY B 476 27.51 33.59 9.91
C GLY B 476 26.23 33.96 10.64
N LYS B 477 25.84 35.22 10.53
CA LYS B 477 24.61 35.69 11.17
C LYS B 477 23.39 35.07 10.49
N TYR B 478 22.34 34.88 11.27
CA TYR B 478 21.10 34.29 10.80
C TYR B 478 19.97 35.31 10.88
N SER B 479 19.04 35.22 9.93
CA SER B 479 17.90 36.14 9.89
C SER B 479 16.82 35.54 8.99
N TYR B 480 15.61 36.07 9.13
CA TYR B 480 14.49 35.66 8.30
C TYR B 480 14.35 36.59 7.11
N LEU B 481 13.53 36.18 6.15
CA LEU B 481 13.29 36.98 4.95
C LEU B 481 11.96 36.57 4.35
N LYS B 482 11.09 37.56 4.12
CA LYS B 482 9.75 37.31 3.58
C LYS B 482 9.86 37.01 2.09
N VAL B 483 9.39 35.82 1.69
CA VAL B 483 9.53 35.37 0.30
C VAL B 483 8.18 34.95 -0.27
N GLY B 484 7.09 35.39 0.33
CA GLY B 484 5.79 34.96 -0.16
C GLY B 484 4.66 35.77 0.43
N HIS B 485 3.45 35.27 0.16
CA HIS B 485 2.20 35.90 0.57
C HIS B 485 1.07 34.91 0.34
N TRP B 486 -0.06 35.15 0.98
CA TRP B 486 -1.28 34.36 0.78
C TRP B 486 -2.49 35.21 1.12
N ALA B 487 -3.18 35.72 0.10
CA ALA B 487 -4.47 36.38 0.26
C ALA B 487 -5.43 35.68 -0.72
N GLU B 488 -5.99 34.56 -0.26
CA GLU B 488 -6.95 33.74 -1.02
C GLU B 488 -6.25 33.03 -2.17
N THR B 489 -4.99 33.35 -2.43
CA THR B 489 -4.21 32.77 -3.51
C THR B 489 -2.74 32.79 -3.12
N LEU B 490 -2.08 31.65 -3.24
CA LEU B 490 -0.66 31.57 -2.91
C LEU B 490 0.17 32.23 -4.02
N SER B 491 0.95 33.25 -3.64
CA SER B 491 1.84 33.97 -4.56
C SER B 491 3.19 34.14 -3.88
N LEU B 492 4.09 33.19 -4.10
CA LEU B 492 5.43 33.23 -3.53
C LEU B 492 6.47 33.41 -4.62
N ASP B 493 7.73 33.56 -4.20
CA ASP B 493 8.85 33.82 -5.10
C ASP B 493 9.91 32.73 -4.85
N VAL B 494 10.02 31.80 -5.80
CA VAL B 494 10.89 30.64 -5.61
C VAL B 494 12.36 31.03 -5.65
N ASP B 495 12.71 32.06 -6.43
CA ASP B 495 14.12 32.30 -6.77
C ASP B 495 14.95 32.61 -5.53
N SER B 496 14.43 33.39 -4.60
CA SER B 496 15.21 33.88 -3.47
C SER B 496 15.34 32.89 -2.32
N ILE B 497 14.64 31.75 -2.38
CA ILE B 497 14.66 30.80 -1.27
C ILE B 497 16.04 30.19 -1.12
N HIS B 498 16.51 30.07 0.12
CA HIS B 498 17.74 29.37 0.45
C HIS B 498 17.36 27.99 1.00
N TRP B 499 17.54 26.95 0.18
CA TRP B 499 17.08 25.64 0.54
C TRP B 499 18.05 24.98 1.53
N SER B 500 17.57 23.90 2.17
CA SER B 500 18.35 23.24 3.21
C SER B 500 19.62 22.61 2.64
N ARG B 501 19.50 21.86 1.55
CA ARG B 501 20.63 21.16 0.95
C ARG B 501 20.88 21.65 -0.47
N ASN B 502 20.77 22.96 -0.67
CA ASN B 502 21.11 23.64 -1.92
C ASN B 502 20.30 23.16 -3.11
N SER B 503 19.22 22.41 -2.89
CA SER B 503 18.36 21.95 -3.97
C SER B 503 16.94 21.81 -3.45
N VAL B 504 15.99 21.88 -4.36
CA VAL B 504 14.57 21.76 -4.01
C VAL B 504 14.32 20.35 -3.50
N PRO B 505 13.87 20.20 -2.25
CA PRO B 505 13.64 18.85 -1.71
C PRO B 505 12.47 18.16 -2.41
N THR B 506 12.55 16.84 -2.49
CA THR B 506 11.49 16.01 -3.02
C THR B 506 11.07 15.00 -1.98
N SER B 507 9.76 14.73 -1.90
CA SER B 507 9.24 13.76 -0.95
C SER B 507 7.97 13.16 -1.55
N GLN B 508 8.11 11.99 -2.15
CA GLN B 508 6.99 11.22 -2.67
C GLN B 508 7.17 9.76 -2.28
N CYS B 509 6.06 9.04 -2.17
CA CYS B 509 6.10 7.69 -1.62
C CYS B 509 6.92 6.75 -2.49
N SER B 510 6.73 6.81 -3.80
CA SER B 510 7.37 5.87 -4.71
C SER B 510 7.93 6.62 -5.90
N ASP B 511 9.05 6.09 -6.43
CA ASP B 511 9.70 6.69 -7.58
C ASP B 511 8.89 6.46 -8.84
N PRO B 512 9.06 7.32 -9.86
CA PRO B 512 8.36 7.11 -11.13
C PRO B 512 8.97 5.99 -11.97
N ASN B 516 8.07 2.53 -20.34
CA ASN B 516 8.17 1.18 -20.86
C ASN B 516 7.88 0.14 -19.79
N GLU B 517 7.42 0.60 -18.63
CA GLU B 517 7.08 -0.27 -17.52
C GLU B 517 5.71 0.11 -16.97
N MET B 518 4.89 -0.90 -16.67
CA MET B 518 3.61 -0.66 -16.03
C MET B 518 3.81 -0.25 -14.58
N LYS B 519 2.85 0.51 -14.05
CA LYS B 519 2.89 0.97 -12.67
C LYS B 519 1.45 0.97 -12.15
N ASN B 520 1.14 -0.01 -11.30
CA ASN B 520 -0.19 -0.18 -10.75
C ASN B 520 -0.20 0.22 -9.27
N MET B 521 -1.37 0.07 -8.65
CA MET B 521 -1.55 0.40 -7.24
C MET B 521 -1.71 -0.86 -6.41
N ASP B 525 -5.00 4.57 -1.61
CA ASP B 525 -3.62 5.01 -1.80
C ASP B 525 -3.43 5.62 -3.18
N VAL B 526 -2.95 6.86 -3.21
CA VAL B 526 -2.74 7.57 -4.46
C VAL B 526 -1.32 8.11 -4.53
N CYS B 527 -0.41 7.49 -3.77
CA CYS B 527 0.94 8.02 -3.68
C CYS B 527 1.99 6.93 -3.94
N CYS B 528 1.67 5.67 -3.66
CA CYS B 528 2.63 4.57 -3.71
C CYS B 528 2.23 3.62 -4.82
N TRP B 529 3.13 3.41 -5.77
CA TRP B 529 2.94 2.47 -6.88
C TRP B 529 4.12 1.52 -6.95
N ILE B 530 4.03 0.57 -7.87
CA ILE B 530 5.10 -0.41 -8.11
C ILE B 530 5.44 -0.38 -9.59
N CYS B 531 6.70 -0.11 -9.90
CA CYS B 531 7.15 -0.05 -11.29
C CYS B 531 7.46 -1.47 -11.77
N ILE B 532 6.59 -2.01 -12.61
CA ILE B 532 6.71 -3.36 -13.13
C ILE B 532 6.96 -3.28 -14.63
N PRO B 533 8.09 -3.79 -15.13
CA PRO B 533 8.32 -3.82 -16.56
C PRO B 533 7.64 -5.01 -17.21
N CYS B 534 7.28 -4.85 -18.47
CA CYS B 534 6.66 -5.92 -19.25
C CYS B 534 7.46 -6.17 -20.52
N GLU B 535 7.28 -7.37 -21.06
CA GLU B 535 8.11 -7.89 -22.14
C GLU B 535 7.87 -7.10 -23.43
N PRO B 536 8.84 -7.13 -24.35
CA PRO B 536 8.71 -6.32 -25.57
C PRO B 536 7.60 -6.75 -26.52
N TYR B 537 6.80 -7.77 -26.20
CA TYR B 537 5.64 -8.11 -27.01
C TYR B 537 4.35 -7.60 -26.41
N GLU B 538 4.43 -6.73 -25.41
CA GLU B 538 3.27 -6.10 -24.80
C GLU B 538 3.47 -4.59 -24.77
N TYR B 539 2.44 -3.84 -25.13
CA TYR B 539 2.50 -2.39 -25.13
C TYR B 539 1.60 -1.81 -24.06
N LEU B 540 2.02 -0.66 -23.53
CA LEU B 540 1.28 0.05 -22.47
C LEU B 540 0.00 0.62 -23.09
N VAL B 541 -1.13 -0.06 -22.86
CA VAL B 541 -2.41 0.48 -23.32
C VAL B 541 -2.69 1.81 -22.64
N ASP B 542 -2.44 1.88 -21.34
CA ASP B 542 -2.42 3.12 -20.59
C ASP B 542 -1.18 3.10 -19.69
N GLU B 543 -1.00 4.16 -18.89
CA GLU B 543 0.14 4.21 -17.99
C GLU B 543 0.05 3.16 -16.90
N PHE B 544 -1.13 2.61 -16.64
CA PHE B 544 -1.34 1.66 -15.56
C PHE B 544 -1.57 0.24 -16.05
N THR B 545 -1.31 -0.06 -17.32
CA THR B 545 -1.51 -1.41 -17.84
C THR B 545 -0.76 -1.56 -19.16
N CYS B 546 -0.07 -2.71 -19.30
CA CYS B 546 0.43 -3.18 -20.58
C CYS B 546 0.00 -4.63 -20.74
N MET B 547 -0.66 -4.95 -21.85
CA MET B 547 -1.38 -6.22 -21.94
C MET B 547 -1.03 -7.07 -23.15
N ASP B 548 -0.76 -6.48 -24.31
CA ASP B 548 -0.22 -7.20 -25.46
C ASP B 548 0.34 -6.20 -26.46
N CYS B 549 0.65 -6.67 -27.66
CA CYS B 549 1.05 -5.83 -28.79
C CYS B 549 0.70 -6.57 -30.07
N GLY B 550 1.20 -6.09 -31.20
CA GLY B 550 0.93 -6.70 -32.48
C GLY B 550 1.89 -7.82 -32.82
N PRO B 551 1.45 -8.73 -33.69
CA PRO B 551 2.29 -9.91 -34.00
C PRO B 551 3.58 -9.55 -34.73
N GLY B 552 3.46 -8.78 -35.82
CA GLY B 552 4.63 -8.41 -36.59
C GLY B 552 5.22 -7.08 -36.17
N GLN B 553 4.37 -6.16 -35.74
CA GLN B 553 4.82 -4.83 -35.32
C GLN B 553 5.69 -4.94 -34.09
N TRP B 554 6.82 -4.22 -34.10
CA TRP B 554 7.74 -4.20 -32.97
C TRP B 554 7.70 -2.83 -32.31
N PRO B 555 7.06 -2.69 -31.15
CA PRO B 555 6.92 -1.36 -30.56
C PRO B 555 8.26 -0.73 -30.20
N THR B 556 8.33 0.59 -30.31
CA THR B 556 9.55 1.34 -30.11
C THR B 556 9.35 2.45 -29.09
N ALA B 557 10.44 2.80 -28.40
CA ALA B 557 10.48 3.88 -27.41
C ALA B 557 9.39 3.61 -26.36
N ASP B 558 8.54 4.58 -26.04
CA ASP B 558 7.42 4.33 -25.13
C ASP B 558 6.40 3.45 -25.84
N LEU B 559 5.94 2.42 -25.15
CA LEU B 559 5.03 1.44 -25.77
C LEU B 559 3.57 1.82 -25.55
N SER B 560 3.22 3.06 -25.87
CA SER B 560 1.82 3.49 -25.76
C SER B 560 0.97 2.82 -26.83
N GLY B 561 1.58 2.45 -27.96
CA GLY B 561 0.91 1.68 -28.99
C GLY B 561 1.84 0.61 -29.52
N CYS B 562 1.50 0.02 -30.67
CA CYS B 562 2.35 -0.98 -31.30
C CYS B 562 2.83 -0.42 -32.63
N TYR B 563 4.14 -0.17 -32.73
CA TYR B 563 4.71 0.57 -33.84
C TYR B 563 5.63 -0.34 -34.66
N ASN B 564 6.29 0.27 -35.65
CA ASN B 564 7.30 -0.40 -36.48
C ASN B 564 6.75 -1.69 -37.09
N LEU B 565 5.78 -1.49 -37.99
CA LEU B 565 5.13 -2.57 -38.72
C LEU B 565 6.16 -3.56 -39.24
N PRO B 566 6.22 -4.76 -38.68
CA PRO B 566 7.28 -5.71 -39.07
C PRO B 566 6.90 -6.44 -40.35
N GLU B 567 7.68 -6.20 -41.42
CA GLU B 567 7.47 -6.93 -42.66
C GLU B 567 7.71 -8.41 -42.46
N ASP B 568 8.53 -8.77 -41.46
CA ASP B 568 8.79 -10.17 -41.14
C ASP B 568 8.04 -10.52 -39.85
N TYR B 569 7.03 -11.36 -39.97
CA TYR B 569 6.26 -11.83 -38.82
C TYR B 569 5.95 -13.32 -38.93
N ILE B 570 6.86 -14.09 -39.53
CA ILE B 570 6.60 -15.49 -39.82
C ILE B 570 5.63 -15.56 -41.00
N LYS B 571 4.40 -15.10 -40.78
CA LYS B 571 3.44 -14.95 -41.87
C LYS B 571 3.86 -13.91 -42.89
N TRP B 572 4.80 -13.03 -42.54
CA TRP B 572 5.34 -12.03 -43.44
C TRP B 572 6.83 -12.27 -43.60
N GLU B 573 7.36 -11.99 -44.79
CA GLU B 573 8.77 -12.24 -45.09
C GLU B 573 9.53 -10.92 -44.96
N ASP B 574 10.36 -10.81 -43.91
CA ASP B 574 11.20 -9.62 -43.75
C ASP B 574 12.26 -9.55 -44.84
N ALA B 575 12.91 -10.66 -45.12
CA ALA B 575 13.90 -10.76 -46.19
C ALA B 575 15.03 -9.76 -45.99
N TRP B 576 15.62 -9.28 -47.09
CA TRP B 576 16.74 -8.35 -47.12
C TRP B 576 18.10 -8.99 -46.86
N ALA B 577 18.13 -10.28 -46.50
CA ALA B 577 19.40 -10.96 -46.24
C ALA B 577 19.50 -12.22 -47.08
N ILE B 578 18.35 -12.77 -47.50
CA ILE B 578 18.36 -13.94 -48.37
C ILE B 578 18.97 -13.60 -49.72
N GLY B 579 18.84 -12.35 -50.17
CA GLY B 579 19.45 -11.89 -51.38
C GLY B 579 20.96 -12.02 -51.32
N PRO B 580 21.56 -11.59 -50.22
CA PRO B 580 22.98 -11.88 -50.00
C PRO B 580 23.30 -13.36 -49.97
N VAL B 581 22.40 -14.16 -49.38
CA VAL B 581 22.56 -15.61 -49.43
C VAL B 581 22.32 -16.13 -50.84
N THR B 582 21.36 -15.53 -51.56
CA THR B 582 21.12 -15.93 -52.95
C THR B 582 22.32 -15.63 -53.83
N ILE B 583 22.98 -14.50 -53.58
CA ILE B 583 24.19 -14.18 -54.35
C ILE B 583 25.27 -15.23 -54.13
N ALA B 584 25.47 -15.64 -52.87
CA ALA B 584 26.42 -16.70 -52.59
C ALA B 584 25.97 -18.02 -53.19
N CYS B 585 24.67 -18.32 -53.10
CA CYS B 585 24.14 -19.55 -53.70
C CYS B 585 24.09 -19.45 -55.22
N LEU B 586 24.01 -18.24 -55.77
CA LEU B 586 23.97 -18.08 -57.22
C LEU B 586 25.27 -18.51 -57.87
N GLY B 587 26.39 -18.44 -57.13
CA GLY B 587 27.65 -18.88 -57.70
C GLY B 587 27.67 -20.35 -58.06
N PHE B 588 27.14 -21.19 -57.16
CA PHE B 588 27.05 -22.62 -57.46
C PHE B 588 26.09 -22.87 -58.62
N LEU B 589 24.97 -22.16 -58.67
CA LEU B 589 24.02 -22.32 -59.77
C LEU B 589 24.65 -21.92 -61.10
N CYS B 590 25.42 -20.83 -61.10
CA CYS B 590 26.11 -20.42 -62.32
C CYS B 590 27.14 -21.46 -62.74
N THR B 591 27.75 -22.15 -61.78
CA THR B 591 28.68 -23.22 -62.13
C THR B 591 27.99 -24.34 -62.88
N CYS B 592 26.78 -24.71 -62.46
CA CYS B 592 25.99 -25.70 -63.19
C CYS B 592 25.67 -25.20 -64.59
N ILE B 593 25.28 -23.94 -64.72
CA ILE B 593 25.07 -23.36 -66.04
C ILE B 593 26.37 -23.31 -66.83
N VAL B 594 27.46 -22.92 -66.16
CA VAL B 594 28.77 -22.91 -66.81
C VAL B 594 29.19 -24.34 -67.19
N ILE B 595 28.96 -25.29 -66.28
CA ILE B 595 29.28 -26.69 -66.58
C ILE B 595 28.40 -27.19 -67.72
N THR B 596 27.11 -26.85 -67.71
CA THR B 596 26.22 -27.25 -68.79
C THR B 596 26.63 -26.61 -70.11
N VAL B 597 27.10 -25.35 -70.07
CA VAL B 597 27.53 -24.68 -71.28
C VAL B 597 28.72 -25.39 -71.90
N PHE B 598 29.68 -25.81 -71.07
CA PHE B 598 30.83 -26.54 -71.58
C PHE B 598 30.43 -27.87 -72.20
N ILE B 599 29.45 -28.54 -71.60
CA ILE B 599 28.97 -29.81 -72.14
C ILE B 599 28.37 -29.62 -73.52
N LYS B 600 27.59 -28.56 -73.69
CA LYS B 600 26.98 -28.29 -75.00
C LYS B 600 28.03 -28.01 -76.06
N HIS B 601 29.08 -27.28 -75.70
CA HIS B 601 30.15 -26.98 -76.66
C HIS B 601 30.93 -28.21 -77.06
N ASN B 602 30.92 -29.26 -76.25
CA ASN B 602 31.63 -30.49 -76.57
C ASN B 602 30.98 -31.29 -77.69
N ASN B 603 29.76 -30.93 -78.10
CA ASN B 603 29.07 -31.66 -79.15
C ASN B 603 29.75 -31.53 -80.50
N THR B 604 30.60 -30.52 -80.69
CA THR B 604 31.30 -30.32 -81.95
C THR B 604 32.48 -31.29 -82.08
N ALA B 609 17.93 -35.02 -81.69
CA ALA B 609 19.00 -35.57 -80.86
C ALA B 609 19.77 -34.46 -80.17
N SER B 610 20.49 -33.65 -80.96
CA SER B 610 21.26 -32.55 -80.39
C SER B 610 20.34 -31.51 -79.74
N GLY B 611 19.22 -31.21 -80.39
CA GLY B 611 18.28 -30.25 -79.82
C GLY B 611 17.65 -30.76 -78.54
N ARG B 612 17.36 -32.07 -78.47
CA ARG B 612 16.76 -32.63 -77.27
C ARG B 612 17.69 -32.51 -76.06
N GLU B 613 18.98 -32.73 -76.26
CA GLU B 613 19.94 -32.59 -75.17
C GLU B 613 20.01 -31.14 -74.70
N LEU B 614 19.97 -30.18 -75.62
CA LEU B 614 20.00 -28.78 -75.24
C LEU B 614 18.77 -28.40 -74.42
N CYS B 615 17.60 -28.94 -74.79
CA CYS B 615 16.38 -28.63 -74.05
C CYS B 615 16.48 -29.12 -72.60
N TYR B 616 17.04 -30.30 -72.40
CA TYR B 616 17.24 -30.80 -71.04
C TYR B 616 18.20 -29.90 -70.26
N ILE B 617 19.26 -29.43 -70.92
CA ILE B 617 20.18 -28.50 -70.28
C ILE B 617 19.48 -27.21 -69.90
N LEU B 618 18.54 -26.76 -70.75
CA LEU B 618 17.77 -25.57 -70.44
C LEU B 618 16.92 -25.78 -69.19
N LEU B 619 16.32 -26.96 -69.04
CA LEU B 619 15.59 -27.29 -67.82
C LEU B 619 16.53 -27.31 -66.62
N PHE B 620 17.72 -27.89 -66.79
CA PHE B 620 18.72 -27.85 -65.73
C PHE B 620 19.20 -26.42 -65.50
N GLY B 621 19.43 -25.67 -66.57
CA GLY B 621 19.79 -24.27 -66.42
C GLY B 621 18.69 -23.43 -65.81
N VAL B 622 17.43 -23.76 -66.12
CA VAL B 622 16.30 -23.03 -65.55
C VAL B 622 16.20 -23.25 -64.04
N SER B 623 16.82 -24.30 -63.52
CA SER B 623 16.81 -24.52 -62.07
C SER B 623 17.49 -23.38 -61.33
N LEU B 624 18.62 -22.88 -61.86
CA LEU B 624 19.27 -21.73 -61.26
C LEU B 624 18.35 -20.50 -61.30
N SER B 625 17.70 -20.26 -62.43
CA SER B 625 16.73 -19.18 -62.52
C SER B 625 15.53 -19.46 -61.61
N TYR B 626 15.04 -20.70 -61.60
CA TYR B 626 13.95 -21.05 -60.70
C TYR B 626 14.38 -20.94 -59.24
N CYS B 627 15.61 -21.38 -58.93
CA CYS B 627 16.11 -21.25 -57.56
C CYS B 627 16.24 -19.79 -57.16
N MET B 628 16.74 -18.94 -58.07
CA MET B 628 16.80 -17.52 -57.79
C MET B 628 15.40 -16.92 -57.62
N THR B 629 14.45 -17.38 -58.45
CA THR B 629 13.08 -16.91 -58.35
C THR B 629 12.26 -17.65 -57.30
N PHE B 630 12.81 -18.70 -56.71
CA PHE B 630 12.10 -19.46 -55.68
C PHE B 630 12.22 -18.78 -54.32
N ILE B 633 10.38 -14.41 -58.11
CA ILE B 633 10.51 -14.44 -59.56
C ILE B 633 9.89 -13.21 -60.19
N ALA B 634 8.62 -13.32 -60.61
CA ALA B 634 7.92 -12.18 -61.19
C ALA B 634 7.76 -11.07 -60.16
N LYS B 635 7.46 -11.42 -58.92
CA LYS B 635 7.32 -10.45 -57.84
C LYS B 635 8.31 -10.79 -56.73
N PRO B 636 8.39 -9.98 -55.68
CA PRO B 636 9.31 -10.32 -54.58
C PRO B 636 9.02 -11.65 -53.92
N SER B 637 7.76 -12.07 -53.88
CA SER B 637 7.37 -13.34 -53.27
C SER B 637 6.52 -14.11 -54.28
N PRO B 638 7.15 -14.75 -55.27
CA PRO B 638 6.38 -15.47 -56.28
C PRO B 638 5.64 -16.69 -55.75
N VAL B 639 6.01 -17.20 -54.57
CA VAL B 639 5.36 -18.39 -54.04
C VAL B 639 3.91 -18.12 -53.64
N ILE B 640 3.58 -16.85 -53.36
CA ILE B 640 2.22 -16.51 -52.96
C ILE B 640 1.26 -16.76 -54.10
N CYS B 641 0.05 -17.19 -53.77
CA CYS B 641 -0.95 -17.49 -54.79
C CYS B 641 -0.80 -18.92 -55.29
N ALA B 642 -1.92 -19.57 -55.60
CA ALA B 642 -1.87 -20.94 -56.10
C ALA B 642 -1.13 -21.03 -57.42
N LEU B 643 -1.19 -19.97 -58.24
CA LEU B 643 -0.49 -19.97 -59.51
C LEU B 643 1.02 -20.02 -59.31
N ARG B 644 1.52 -19.33 -58.30
CA ARG B 644 2.96 -19.34 -58.04
C ARG B 644 3.45 -20.75 -57.71
N ARG B 645 2.69 -21.48 -56.89
CA ARG B 645 3.02 -22.87 -56.60
C ARG B 645 2.95 -23.72 -57.87
N LEU B 646 1.92 -23.49 -58.68
CA LEU B 646 1.83 -24.18 -59.96
C LEU B 646 2.96 -23.76 -60.90
N GLY B 647 3.30 -22.47 -60.90
CA GLY B 647 4.39 -22.00 -61.74
C GLY B 647 5.72 -22.59 -61.32
N LEU B 648 5.97 -22.68 -60.02
CA LEU B 648 7.22 -23.28 -59.54
C LEU B 648 7.25 -24.78 -59.81
N GLY B 649 6.11 -25.45 -59.66
CA GLY B 649 6.07 -26.88 -59.90
C GLY B 649 6.33 -27.23 -61.35
N THR B 650 5.87 -26.38 -62.28
CA THR B 650 6.11 -26.63 -63.70
C THR B 650 7.60 -26.59 -64.03
N SER B 651 8.34 -25.67 -63.40
CA SER B 651 9.78 -25.57 -63.65
C SER B 651 10.49 -26.86 -63.25
N PHE B 652 10.14 -27.42 -62.09
CA PHE B 652 10.72 -28.69 -61.68
C PHE B 652 10.34 -29.81 -62.66
N ALA B 653 9.07 -29.86 -63.06
CA ALA B 653 8.64 -30.86 -64.03
C ALA B 653 9.19 -30.57 -65.41
N ILE B 654 9.52 -29.31 -65.71
CA ILE B 654 10.08 -28.96 -67.01
C ILE B 654 11.41 -29.66 -67.23
N CYS B 655 12.28 -29.64 -66.22
CA CYS B 655 13.56 -30.34 -66.33
C CYS B 655 13.35 -31.85 -66.45
N TYR B 656 12.42 -32.40 -65.65
CA TYR B 656 12.15 -33.82 -65.71
C TYR B 656 11.54 -34.20 -67.07
N SER B 657 10.64 -33.37 -67.60
CA SER B 657 10.03 -33.66 -68.89
C SER B 657 11.08 -33.67 -70.00
N ALA B 658 12.01 -32.72 -69.98
CA ALA B 658 13.09 -32.71 -70.96
C ALA B 658 13.96 -33.95 -70.85
N LEU B 659 14.28 -34.35 -69.62
CA LEU B 659 15.05 -35.58 -69.42
C LEU B 659 14.22 -36.81 -69.78
N LEU B 660 12.95 -36.82 -69.38
CA LEU B 660 12.08 -37.96 -69.70
C LEU B 660 11.88 -38.09 -71.20
N THR B 661 11.70 -36.97 -71.90
CA THR B 661 11.55 -37.02 -73.35
C THR B 661 12.81 -37.56 -74.02
N LYS B 662 13.98 -37.13 -73.54
CA LYS B 662 15.24 -37.60 -74.12
C LYS B 662 15.57 -39.02 -73.72
N THR B 663 14.83 -39.62 -72.79
CA THR B 663 15.14 -40.98 -72.34
C THR B 663 14.70 -42.00 -73.38
N ASN B 664 13.41 -42.04 -73.71
CA ASN B 664 12.88 -43.01 -74.66
C ASN B 664 12.11 -42.39 -75.82
N CYS B 665 11.95 -41.07 -75.85
CA CYS B 665 11.23 -40.45 -76.96
C CYS B 665 11.97 -40.64 -78.28
N ILE B 666 13.29 -40.49 -78.27
CA ILE B 666 14.11 -40.67 -79.46
C ILE B 666 14.94 -41.95 -79.40
N ALA B 667 14.70 -42.80 -78.39
CA ALA B 667 15.46 -44.04 -78.23
C ALA B 667 14.78 -45.18 -78.99
N ARG B 668 14.61 -44.99 -80.29
CA ARG B 668 14.01 -45.97 -81.20
C ARG B 668 12.59 -46.24 -80.72
N ILE B 669 12.15 -47.49 -80.63
CA ILE B 669 10.80 -47.82 -80.17
C ILE B 669 10.87 -48.73 -78.95
N PHE B 670 11.52 -49.88 -79.11
CA PHE B 670 11.65 -50.83 -78.02
C PHE B 670 12.73 -51.87 -78.32
N LYS B 674 17.68 -54.94 -71.82
CA LYS B 674 17.31 -56.36 -71.77
C LYS B 674 15.80 -56.52 -71.92
N ASN B 675 15.22 -57.40 -71.10
CA ASN B 675 13.78 -57.64 -71.15
C ASN B 675 13.00 -56.38 -70.74
N GLY B 676 13.47 -55.70 -69.70
CA GLY B 676 12.81 -54.49 -69.23
C GLY B 676 11.94 -54.73 -67.99
N SER B 686 4.71 -46.34 -78.71
CA SER B 686 5.32 -45.42 -77.75
C SER B 686 4.79 -44.01 -77.93
N SER B 687 4.07 -43.78 -79.03
CA SER B 687 3.50 -42.47 -79.29
C SER B 687 2.46 -42.10 -78.25
N GLN B 688 1.61 -43.07 -77.86
CA GLN B 688 0.59 -42.80 -76.85
C GLN B 688 1.23 -42.48 -75.50
N VAL B 689 2.28 -43.21 -75.13
CA VAL B 689 2.96 -42.97 -73.87
C VAL B 689 3.59 -41.58 -73.86
N PHE B 690 4.23 -41.19 -74.97
CA PHE B 690 4.85 -39.88 -75.05
C PHE B 690 3.79 -38.77 -74.96
N ILE B 691 2.66 -38.95 -75.62
CA ILE B 691 1.58 -37.96 -75.56
C ILE B 691 1.05 -37.85 -74.14
N CYS B 692 0.84 -39.00 -73.46
CA CYS B 692 0.35 -38.97 -72.10
C CYS B 692 1.37 -38.33 -71.16
N LEU B 693 2.65 -38.63 -71.35
CA LEU B 693 3.69 -38.04 -70.50
C LEU B 693 3.76 -36.53 -70.67
N GLY B 694 3.69 -36.06 -71.92
CA GLY B 694 3.71 -34.63 -72.16
C GLY B 694 2.43 -33.93 -71.76
N LEU B 695 1.32 -34.68 -71.72
CA LEU B 695 0.04 -34.09 -71.33
C LEU B 695 0.06 -33.66 -69.87
N ILE B 696 0.69 -34.44 -69.00
CA ILE B 696 0.74 -34.11 -67.59
C ILE B 696 1.51 -32.81 -67.37
N LEU B 697 2.64 -32.64 -68.06
CA LEU B 697 3.39 -31.39 -67.95
C LEU B 697 2.58 -30.22 -68.49
N VAL B 698 1.88 -30.42 -69.61
CA VAL B 698 1.04 -29.36 -70.17
C VAL B 698 -0.08 -29.01 -69.21
N GLN B 699 -0.71 -30.01 -68.60
CA GLN B 699 -1.76 -29.76 -67.63
C GLN B 699 -1.23 -29.00 -66.42
N ILE B 700 -0.05 -29.39 -65.92
CA ILE B 700 0.58 -28.65 -64.84
C ILE B 700 0.95 -27.24 -65.31
N VAL B 701 1.49 -27.14 -66.52
CA VAL B 701 1.81 -25.82 -67.08
C VAL B 701 0.53 -25.02 -67.32
N MET B 702 -0.51 -25.69 -67.82
CA MET B 702 -1.78 -25.00 -68.05
C MET B 702 -2.39 -24.48 -66.76
N VAL B 703 -2.31 -25.28 -65.69
CA VAL B 703 -2.78 -24.82 -64.39
C VAL B 703 -1.97 -23.63 -63.90
N SER B 704 -0.64 -23.71 -64.06
CA SER B 704 0.22 -22.58 -63.69
C SER B 704 -0.05 -21.37 -64.58
N VAL B 705 -0.31 -21.60 -65.86
CA VAL B 705 -0.60 -20.50 -66.78
C VAL B 705 -1.90 -19.79 -66.38
N TRP B 706 -2.91 -20.55 -65.97
CA TRP B 706 -4.16 -19.95 -65.52
C TRP B 706 -4.00 -19.17 -64.23
N LEU B 707 -2.90 -19.37 -63.51
CA LEU B 707 -2.61 -18.66 -62.27
C LEU B 707 -1.59 -17.53 -62.49
N ILE B 708 -1.66 -16.87 -63.66
CA ILE B 708 -0.73 -15.77 -63.94
C ILE B 708 -0.93 -14.64 -62.94
N LEU B 709 -2.18 -14.30 -62.67
CA LEU B 709 -2.48 -13.28 -61.68
C LEU B 709 -2.40 -13.87 -60.27
N GLU B 710 -2.11 -13.00 -59.30
CA GLU B 710 -1.99 -13.42 -57.91
C GLU B 710 -0.66 -14.15 -57.68
N THR B 711 0.29 -13.97 -58.59
CA THR B 711 1.60 -14.58 -58.47
C THR B 711 2.34 -14.07 -57.24
N PRO B 712 2.03 -12.86 -56.78
CA PRO B 712 2.69 -12.34 -55.58
C PRO B 712 2.05 -12.85 -54.30
N GLY B 713 2.78 -12.70 -53.20
CA GLY B 713 2.27 -13.11 -51.90
C GLY B 713 3.40 -13.27 -50.92
N THR B 714 3.06 -13.83 -49.75
CA THR B 714 4.01 -14.04 -48.68
C THR B 714 3.83 -15.43 -48.09
N ARG B 715 4.90 -15.96 -47.52
CA ARG B 715 4.88 -17.27 -46.89
C ARG B 715 4.45 -17.15 -45.43
N ARG B 716 3.60 -18.07 -44.98
CA ARG B 716 3.11 -18.08 -43.61
C ARG B 716 3.94 -19.07 -42.80
N TYR B 717 4.79 -18.56 -41.91
CA TYR B 717 5.63 -19.37 -41.05
C TYR B 717 5.64 -18.79 -39.63
N THR B 718 4.50 -18.29 -39.18
CA THR B 718 4.41 -17.64 -37.88
C THR B 718 4.66 -18.65 -36.76
N LEU B 719 5.51 -18.28 -35.82
CA LEU B 719 5.87 -19.11 -34.67
C LEU B 719 5.69 -18.31 -33.39
N PRO B 720 5.60 -18.98 -32.23
CA PRO B 720 5.35 -18.24 -30.98
C PRO B 720 6.37 -17.16 -30.68
N GLU B 721 7.62 -17.33 -31.11
CA GLU B 721 8.62 -16.28 -30.93
C GLU B 721 8.19 -15.03 -31.68
N LYS B 722 8.25 -13.87 -31.00
CA LYS B 722 7.73 -12.64 -31.58
C LYS B 722 8.62 -12.16 -32.74
N ARG B 723 9.93 -12.26 -32.59
CA ARG B 723 10.86 -11.85 -33.64
C ARG B 723 11.00 -13.01 -34.63
N GLU B 724 10.23 -12.97 -35.70
CA GLU B 724 10.14 -14.04 -36.68
C GLU B 724 10.25 -13.48 -38.09
N THR B 725 11.24 -12.61 -38.30
CA THR B 725 11.47 -12.04 -39.63
C THR B 725 12.00 -13.12 -40.57
N VAL B 726 11.23 -13.45 -41.60
CA VAL B 726 11.60 -14.50 -42.55
C VAL B 726 12.64 -13.90 -43.49
N ILE B 727 13.90 -14.29 -43.30
CA ILE B 727 15.00 -13.79 -44.12
C ILE B 727 15.05 -14.60 -45.40
N LEU B 728 14.79 -13.95 -46.54
CA LEU B 728 14.79 -14.63 -47.83
C LEU B 728 14.99 -13.59 -48.92
N LYS B 729 15.33 -14.07 -50.12
CA LYS B 729 15.52 -13.19 -51.27
C LYS B 729 14.24 -12.42 -51.56
N CYS B 730 14.32 -11.09 -51.46
CA CYS B 730 13.19 -10.20 -51.70
C CYS B 730 12.00 -10.57 -50.82
N ASN B 731 12.28 -10.90 -49.56
CA ASN B 731 11.24 -11.30 -48.63
C ASN B 731 10.91 -12.77 -48.77
N VAL B 732 10.06 -13.29 -47.90
CA VAL B 732 9.64 -14.69 -47.92
C VAL B 732 8.25 -14.74 -48.52
N LYS B 733 8.12 -15.37 -49.69
CA LYS B 733 6.86 -15.48 -50.41
C LYS B 733 6.66 -16.93 -50.80
N ASP B 734 5.72 -17.60 -50.12
CA ASP B 734 5.40 -19.00 -50.41
C ASP B 734 3.91 -19.29 -50.39
N SER B 735 3.06 -18.31 -50.08
CA SER B 735 1.62 -18.51 -50.00
C SER B 735 1.21 -19.42 -48.85
N SER B 736 2.06 -19.50 -47.82
CA SER B 736 1.79 -20.36 -46.66
C SER B 736 1.56 -21.81 -47.07
N MET B 737 0.34 -22.30 -46.85
CA MET B 737 0.00 -23.67 -47.22
C MET B 737 0.02 -23.88 -48.72
N LEU B 738 -0.05 -22.82 -49.52
CA LEU B 738 0.00 -22.96 -50.97
C LEU B 738 1.33 -23.53 -51.42
N ILE B 739 2.43 -23.08 -50.80
CA ILE B 739 3.75 -23.58 -51.16
C ILE B 739 3.90 -25.05 -50.77
N SER B 740 3.33 -25.44 -49.62
CA SER B 740 3.42 -26.82 -49.19
C SER B 740 2.75 -27.76 -50.19
N LEU B 741 1.57 -27.39 -50.68
CA LEU B 741 0.92 -28.17 -51.74
C LEU B 741 1.69 -28.06 -53.04
N THR B 742 2.23 -26.88 -53.34
CA THR B 742 3.00 -26.69 -54.58
C THR B 742 4.27 -27.53 -54.57
N TYR B 743 4.95 -27.61 -53.42
CA TYR B 743 6.17 -28.41 -53.32
C TYR B 743 5.87 -29.88 -53.58
N ASP B 744 4.80 -30.41 -52.98
CA ASP B 744 4.43 -31.79 -53.22
C ASP B 744 3.95 -31.99 -54.65
N VAL B 745 3.20 -31.03 -55.20
CA VAL B 745 2.70 -31.14 -56.56
C VAL B 745 3.85 -31.12 -57.56
N VAL B 746 4.85 -30.28 -57.33
CA VAL B 746 5.98 -30.20 -58.25
C VAL B 746 6.73 -31.53 -58.31
N LEU B 747 6.85 -32.20 -57.17
CA LEU B 747 7.50 -33.52 -57.14
C LEU B 747 6.70 -34.54 -57.94
N VAL B 748 5.37 -34.45 -57.88
CA VAL B 748 4.53 -35.40 -58.62
C VAL B 748 4.69 -35.20 -60.12
N ILE B 749 4.82 -33.95 -60.57
CA ILE B 749 4.98 -33.67 -62.00
C ILE B 749 6.29 -34.29 -62.51
N LEU B 750 7.37 -34.11 -61.75
CA LEU B 750 8.64 -34.74 -62.13
C LEU B 750 8.63 -36.23 -61.82
N CYS B 751 7.82 -36.66 -60.85
CA CYS B 751 7.76 -38.07 -60.48
C CYS B 751 7.23 -38.93 -61.63
N THR B 752 6.46 -38.34 -62.54
CA THR B 752 5.97 -39.10 -63.68
C THR B 752 7.12 -39.58 -64.56
N VAL B 753 8.10 -38.72 -64.80
CA VAL B 753 9.28 -39.13 -65.58
C VAL B 753 10.08 -40.17 -64.82
N TYR B 754 10.27 -39.96 -63.51
CA TYR B 754 11.02 -40.93 -62.71
C TYR B 754 10.28 -42.27 -62.63
N ALA B 755 8.96 -42.23 -62.49
CA ALA B 755 8.19 -43.47 -62.43
C ALA B 755 8.25 -44.22 -63.75
N PHE B 756 8.21 -43.49 -64.87
CA PHE B 756 8.27 -44.13 -66.18
C PHE B 756 9.61 -44.85 -66.37
N LYS B 757 10.71 -44.22 -65.98
CA LYS B 757 12.02 -44.85 -66.09
C LYS B 757 12.22 -45.95 -65.05
N THR B 758 11.42 -45.97 -63.98
CA THR B 758 11.56 -47.00 -62.96
C THR B 758 11.16 -48.38 -63.47
N ARG B 759 10.37 -48.46 -64.53
CA ARG B 759 9.95 -49.74 -65.10
C ARG B 759 10.95 -50.26 -66.12
N LYS B 760 12.21 -50.38 -65.71
CA LYS B 760 13.27 -50.86 -66.59
C LYS B 760 14.18 -51.88 -65.92
N CYS B 761 13.80 -52.39 -64.75
CA CYS B 761 14.61 -53.38 -64.06
C CYS B 761 14.41 -54.78 -64.64
N PHE B 765 20.52 -52.02 -71.37
CA PHE B 765 20.81 -50.70 -71.90
C PHE B 765 21.72 -49.91 -70.97
N ASN B 766 22.86 -49.47 -71.49
CA ASN B 766 23.80 -48.68 -70.69
C ASN B 766 23.18 -47.35 -70.30
N GLU B 767 22.46 -46.70 -71.21
CA GLU B 767 21.83 -45.42 -70.90
C GLU B 767 20.79 -45.56 -69.81
N ALA B 768 20.11 -46.71 -69.74
CA ALA B 768 19.14 -46.94 -68.67
C ALA B 768 19.82 -46.94 -67.30
N LYS B 769 21.01 -47.52 -67.22
CA LYS B 769 21.76 -47.52 -65.97
C LYS B 769 22.12 -46.09 -65.56
N PHE B 770 22.54 -45.26 -66.52
CA PHE B 770 22.82 -43.86 -66.21
C PHE B 770 21.57 -43.13 -65.73
N ILE B 771 20.44 -43.37 -66.40
CA ILE B 771 19.17 -42.81 -65.93
C ILE B 771 18.79 -43.43 -64.59
N GLY B 772 18.96 -44.75 -64.45
CA GLY B 772 18.67 -45.39 -63.18
C GLY B 772 19.62 -44.95 -62.08
N PHE B 773 20.91 -44.83 -62.39
CA PHE B 773 21.87 -44.36 -61.41
C PHE B 773 21.55 -42.93 -60.98
N THR B 774 21.22 -42.07 -61.95
CA THR B 774 20.78 -40.72 -61.61
C THR B 774 19.45 -40.74 -60.86
N MET B 775 18.56 -41.67 -61.23
CA MET B 775 17.28 -41.79 -60.55
C MET B 775 17.46 -42.17 -59.09
N TYR B 776 18.44 -43.04 -58.81
CA TYR B 776 18.70 -43.44 -57.43
C TYR B 776 19.10 -42.26 -56.57
N THR B 777 19.95 -41.37 -57.10
CA THR B 777 20.33 -40.18 -56.35
C THR B 777 19.15 -39.25 -56.13
N THR B 778 18.25 -39.17 -57.12
CA THR B 778 17.08 -38.30 -56.99
C THR B 778 16.20 -38.72 -55.83
N CYS B 779 16.01 -40.03 -55.64
CA CYS B 779 15.21 -40.50 -54.51
C CYS B 779 15.88 -40.14 -53.18
N ILE B 780 17.20 -40.30 -53.11
CA ILE B 780 17.91 -39.92 -51.89
C ILE B 780 17.84 -38.41 -51.67
N ILE B 781 17.98 -37.63 -52.73
CA ILE B 781 17.91 -36.17 -52.61
C ILE B 781 16.51 -35.75 -52.14
N TRP B 782 15.47 -36.39 -52.66
CA TRP B 782 14.11 -36.08 -52.23
C TRP B 782 13.91 -36.34 -50.75
N LEU B 783 14.52 -37.42 -50.23
CA LEU B 783 14.40 -37.73 -48.82
C LEU B 783 15.03 -36.63 -47.96
N ALA B 784 16.19 -36.12 -48.39
CA ALA B 784 16.82 -35.01 -47.67
C ALA B 784 15.95 -33.77 -47.73
N PHE B 785 15.34 -33.49 -48.89
CA PHE B 785 14.45 -32.34 -49.01
C PHE B 785 13.17 -32.54 -48.21
N LEU B 786 12.82 -33.79 -47.90
CA LEU B 786 11.62 -34.04 -47.11
C LEU B 786 11.71 -33.41 -45.72
N PRO B 787 12.77 -33.63 -44.94
CA PRO B 787 12.91 -32.86 -43.69
C PRO B 787 12.99 -31.36 -43.92
N ILE B 788 13.63 -30.95 -45.02
CA ILE B 788 13.69 -29.53 -45.35
C ILE B 788 12.32 -29.00 -45.75
N PHE B 789 11.53 -29.81 -46.45
CA PHE B 789 10.18 -29.39 -46.84
C PHE B 789 9.31 -29.15 -45.61
N TYR B 790 9.53 -29.89 -44.53
CA TYR B 790 8.80 -29.69 -43.29
C TYR B 790 9.62 -28.96 -42.23
N VAL B 791 10.77 -28.40 -42.61
CA VAL B 791 11.66 -27.70 -41.68
C VAL B 791 11.76 -26.25 -42.15
N THR B 792 11.47 -25.32 -41.24
CA THR B 792 11.55 -23.89 -41.54
C THR B 792 12.08 -23.16 -40.32
N SER B 793 12.65 -21.98 -40.55
CA SER B 793 13.16 -21.15 -39.49
C SER B 793 14.39 -21.77 -38.82
N THR B 801 17.77 -19.21 -42.53
CA THR B 801 17.81 -20.14 -41.41
C THR B 801 17.43 -21.54 -41.85
N THR B 802 16.55 -22.19 -41.09
CA THR B 802 16.08 -23.52 -41.47
C THR B 802 15.32 -23.47 -42.79
N MET B 803 14.46 -22.47 -42.96
CA MET B 803 13.81 -22.27 -44.25
C MET B 803 14.85 -21.92 -45.32
N CYS B 804 15.81 -21.07 -44.97
CA CYS B 804 16.90 -20.77 -45.90
C CYS B 804 17.72 -22.02 -46.19
N ILE B 805 18.00 -22.81 -45.15
CA ILE B 805 18.66 -24.10 -45.36
C ILE B 805 17.78 -25.01 -46.20
N SER B 806 16.48 -25.04 -45.91
CA SER B 806 15.55 -25.78 -46.76
C SER B 806 15.51 -25.19 -48.16
N VAL B 807 15.61 -23.88 -48.28
CA VAL B 807 15.68 -23.25 -49.59
C VAL B 807 16.93 -23.72 -50.34
N SER B 808 18.06 -23.78 -49.65
CA SER B 808 19.27 -24.34 -50.26
C SER B 808 19.08 -25.82 -50.61
N LEU B 809 18.24 -26.52 -49.85
CA LEU B 809 17.93 -27.91 -50.18
C LEU B 809 17.24 -28.01 -51.53
N SER B 810 16.28 -27.12 -51.79
CA SER B 810 15.64 -27.09 -53.10
C SER B 810 16.64 -26.74 -54.19
N GLY B 811 17.53 -25.77 -53.92
CA GLY B 811 18.59 -25.47 -54.87
C GLY B 811 19.55 -26.63 -55.05
N PHE B 812 19.88 -27.32 -53.96
CA PHE B 812 20.73 -28.50 -54.06
C PHE B 812 20.05 -29.59 -54.88
N VAL B 813 18.73 -29.68 -54.81
CA VAL B 813 18.00 -30.64 -55.63
C VAL B 813 18.18 -30.31 -57.12
N VAL B 814 18.11 -29.03 -57.46
CA VAL B 814 18.37 -28.61 -58.84
C VAL B 814 19.80 -28.95 -59.23
N LEU B 815 20.75 -28.68 -58.33
CA LEU B 815 22.14 -29.05 -58.59
C LEU B 815 22.28 -30.56 -58.72
N GLY B 816 21.60 -31.31 -57.86
CA GLY B 816 21.59 -32.76 -58.01
C GLY B 816 20.98 -33.21 -59.32
N CYS B 817 19.90 -32.55 -59.74
CA CYS B 817 19.34 -32.81 -61.06
C CYS B 817 20.33 -32.46 -62.16
N LEU B 818 21.07 -31.36 -61.98
CA LEU B 818 22.14 -31.01 -62.91
C LEU B 818 23.21 -32.09 -62.95
N PHE B 819 23.41 -32.79 -61.83
CA PHE B 819 24.32 -33.93 -61.83
C PHE B 819 23.83 -35.02 -62.77
N ALA B 820 22.52 -35.25 -62.80
CA ALA B 820 21.94 -36.14 -63.81
C ALA B 820 22.27 -35.68 -65.23
N PRO B 821 22.21 -34.40 -65.58
CA PRO B 821 22.66 -33.98 -66.90
C PRO B 821 24.13 -34.30 -67.16
N LYS B 822 24.96 -34.30 -66.12
CA LYS B 822 26.34 -34.75 -66.28
C LYS B 822 26.40 -36.22 -66.66
N VAL B 823 25.51 -37.04 -66.07
CA VAL B 823 25.42 -38.44 -66.46
C VAL B 823 24.92 -38.55 -67.90
N HIS B 824 24.02 -37.66 -68.30
CA HIS B 824 23.57 -37.64 -69.69
C HIS B 824 24.73 -37.32 -70.63
N ILE B 825 25.60 -36.38 -70.23
CA ILE B 825 26.80 -36.11 -71.01
C ILE B 825 27.70 -37.35 -71.04
N VAL B 826 27.76 -38.08 -69.93
CA VAL B 826 28.48 -39.35 -69.91
C VAL B 826 27.84 -40.34 -70.86
N LEU B 827 26.50 -40.31 -70.97
CA LEU B 827 25.78 -41.16 -71.92
C LEU B 827 25.91 -40.58 -73.32
N PHE B 828 27.15 -40.61 -73.82
CA PHE B 828 27.47 -40.09 -75.14
C PHE B 828 28.73 -40.82 -75.64
N GLN B 829 29.32 -40.29 -76.71
CA GLN B 829 30.51 -40.90 -77.28
C GLN B 829 31.62 -39.86 -77.40
N PRO B 830 32.86 -40.24 -77.07
CA PRO B 830 33.97 -39.28 -77.23
C PRO B 830 34.59 -39.35 -78.61
N GLN B 831 35.64 -38.54 -78.84
CA GLN B 831 36.34 -38.52 -80.12
C GLN B 831 35.45 -38.01 -81.25
N LYS B 832 34.68 -36.96 -80.98
CA LYS B 832 33.80 -36.38 -81.98
C LYS B 832 34.29 -35.00 -82.41
N1 JIX C . -18.35 6.22 29.70
C4 JIX C . -21.79 7.79 30.78
C5 JIX C . -21.68 7.32 29.36
C6 JIX C . -22.75 6.97 31.66
C7 JIX C . -18.64 8.67 29.94
C1 JIX C . -19.72 7.42 28.05
C2 JIX C . -19.30 7.33 29.52
C3 JIX C . -20.51 7.09 30.35
O1 JIX C . -21.15 7.75 28.06
O2 JIX C . -23.55 7.56 32.42
O3 JIX C . -22.72 5.71 31.60
O4 JIX C . -19.31 9.73 29.90
O5 JIX C . -17.44 8.68 30.33
CA CA D . -23.59 15.03 33.39
CA CA E . -18.00 13.21 26.71
N1 JIX F . -1.56 30.92 17.24
C4 JIX F . 0.10 32.65 20.35
C5 JIX F . 0.86 31.51 19.73
C6 JIX F . 0.76 34.03 20.17
C7 JIX F . -2.35 30.49 19.55
C1 JIX F . -0.14 29.61 18.76
C2 JIX F . -1.13 30.78 18.64
C3 JIX F . -0.46 32.02 19.09
O1 JIX F . 0.88 30.05 19.72
O2 JIX F . 0.82 34.82 21.15
O3 JIX F . 1.24 34.36 19.05
O4 JIX F . -2.20 30.37 20.79
O5 JIX F . -3.50 30.36 19.04
CA CA G . -3.04 26.02 22.90
CA CA H . -2.37 33.40 27.82
#